data_3B29
# 
_entry.id   3B29 
# 
_audit_conform.dict_name       mmcif_pdbx.dic 
_audit_conform.dict_version    5.388 
_audit_conform.dict_location   http://mmcif.pdb.org/dictionaries/ascii/mmcif_pdbx.dic 
# 
loop_
_database_2.database_id 
_database_2.database_code 
_database_2.pdbx_database_accession 
_database_2.pdbx_DOI 
PDB   3B29         pdb_00003b29 10.2210/pdb3b29/pdb 
RCSB  RCSB029987   ?            ?                   
WWPDB D_1000029987 ?            ?                   
# 
loop_
_pdbx_audit_revision_history.ordinal 
_pdbx_audit_revision_history.data_content_type 
_pdbx_audit_revision_history.major_revision 
_pdbx_audit_revision_history.minor_revision 
_pdbx_audit_revision_history.revision_date 
1 'Structure model' 1 0 2011-12-14 
2 'Structure model' 1 1 2012-05-02 
3 'Structure model' 1 2 2024-03-13 
# 
_pdbx_audit_revision_details.ordinal             1 
_pdbx_audit_revision_details.revision_ordinal    1 
_pdbx_audit_revision_details.data_content_type   'Structure model' 
_pdbx_audit_revision_details.provider            repository 
_pdbx_audit_revision_details.type                'Initial release' 
_pdbx_audit_revision_details.description         ? 
_pdbx_audit_revision_details.details             ? 
# 
loop_
_pdbx_audit_revision_group.ordinal 
_pdbx_audit_revision_group.revision_ordinal 
_pdbx_audit_revision_group.data_content_type 
_pdbx_audit_revision_group.group 
1 2 'Structure model' 'Database references'  
2 3 'Structure model' 'Data collection'      
3 3 'Structure model' 'Database references'  
4 3 'Structure model' 'Derived calculations' 
# 
loop_
_pdbx_audit_revision_category.ordinal 
_pdbx_audit_revision_category.revision_ordinal 
_pdbx_audit_revision_category.data_content_type 
_pdbx_audit_revision_category.category 
1 3 'Structure model' chem_comp_atom               
2 3 'Structure model' chem_comp_bond               
3 3 'Structure model' database_2                   
4 3 'Structure model' pdbx_struct_special_symmetry 
5 3 'Structure model' struct_ref_seq_dif           
6 3 'Structure model' struct_site                  
# 
loop_
_pdbx_audit_revision_item.ordinal 
_pdbx_audit_revision_item.revision_ordinal 
_pdbx_audit_revision_item.data_content_type 
_pdbx_audit_revision_item.item 
1 3 'Structure model' '_database_2.pdbx_DOI'                
2 3 'Structure model' '_database_2.pdbx_database_accession' 
3 3 'Structure model' '_struct_ref_seq_dif.details'         
4 3 'Structure model' '_struct_site.pdbx_auth_asym_id'      
5 3 'Structure model' '_struct_site.pdbx_auth_comp_id'      
6 3 'Structure model' '_struct_site.pdbx_auth_seq_id'       
# 
_pdbx_database_status.status_code                     REL 
_pdbx_database_status.entry_id                        3B29 
_pdbx_database_status.recvd_initial_deposition_date   2011-07-22 
_pdbx_database_status.deposit_site                    PDBJ 
_pdbx_database_status.process_site                    PDBJ 
_pdbx_database_status.status_code_sf                  REL 
_pdbx_database_status.status_code_mr                  ? 
_pdbx_database_status.SG_entry                        ? 
_pdbx_database_status.status_code_cs                  ? 
_pdbx_database_status.pdb_format_compatible           Y 
_pdbx_database_status.status_code_nmr_data            ? 
_pdbx_database_status.methods_development_category    ? 
# 
loop_
_pdbx_database_related.db_name 
_pdbx_database_related.db_id 
_pdbx_database_related.details 
_pdbx_database_related.content_type 
PDB 2PNO . unspecified 
PDB 3PCV . unspecified 
# 
loop_
_audit_author.name 
_audit_author.pdbx_ordinal 
'Saino, H.'  1 
'Ago, H.'    2 
'Miyano, M.' 3 
# 
_citation.id                        primary 
_citation.title                     
'Seleno-detergent MAD phasing of leukotriene C4 synthase in complex with dodecyl-beta-D-selenomaltoside' 
_citation.journal_abbrev            'Acta Crystallogr.,Sect.F' 
_citation.journal_volume            67 
_citation.page_first                1666 
_citation.page_last                 1673 
_citation.year                      2011 
_citation.journal_id_ASTM           ? 
_citation.country                   DK 
_citation.journal_id_ISSN           1744-3091 
_citation.journal_id_CSD            ? 
_citation.book_publisher            ? 
_citation.pdbx_database_id_PubMed   22139193 
_citation.pdbx_database_id_DOI      10.1107/S1744309111042345 
# 
loop_
_citation_author.citation_id 
_citation_author.name 
_citation_author.ordinal 
_citation_author.identifier_ORCID 
primary 'Saino, H.'  1 ? 
primary 'Ago, H.'    2 ? 
primary 'Ukita, Y.'  3 ? 
primary 'Miyano, M.' 4 ? 
# 
loop_
_entity.id 
_entity.type 
_entity.src_method 
_entity.pdbx_description 
_entity.formula_weight 
_entity.pdbx_number_of_molecules 
_entity.pdbx_ec 
_entity.pdbx_mutation 
_entity.pdbx_fragment 
_entity.details 
1 polymer     man 'Leukotriene C4 synthase'                                            17411.539 1 4.4.1.20 ? ? ? 
2 non-polymer syn GLUTATHIONE                                                          307.323   1 ?        ? ? ? 
3 non-polymer syn 'SULFATE ION'                                                        96.063    1 ?        ? ? ? 
4 non-polymer man 'dodecyl 4-O-alpha-D-glucopyranosyl-1-seleno-beta-D-glucopyranoside' 573.576   5 ?        ? ? ? 
5 water       nat water                                                                18.015    3 ?        ? ? ? 
# 
_entity_name_com.entity_id   1 
_entity_name_com.name        'LTC4 synthase, Leukotriene-C(4) synthase' 
# 
_entity_poly.entity_id                      1 
_entity_poly.type                           'polypeptide(L)' 
_entity_poly.nstd_linkage                   no 
_entity_poly.nstd_monomer                   no 
_entity_poly.pdbx_seq_one_letter_code       
;MKDEVALLAAVTLLGVLLQAYFSLQVISARRAFRVSPPLTTGPPEFERVYRAQVNCSEYFPLFLATLWVAGIFFHEGAAA
LCGLVYLFARLRYFQGYARSAQLRLAPLYASARALWLLVALAALGLLAHFLPAALRAALLGRLRTLLPWAHHHHHH
;
_entity_poly.pdbx_seq_one_letter_code_can   
;MKDEVALLAAVTLLGVLLQAYFSLQVISARRAFRVSPPLTTGPPEFERVYRAQVNCSEYFPLFLATLWVAGIFFHEGAAA
LCGLVYLFARLRYFQGYARSAQLRLAPLYASARALWLLVALAALGLLAHFLPAALRAALLGRLRTLLPWAHHHHHH
;
_entity_poly.pdbx_strand_id                 A 
_entity_poly.pdbx_target_identifier         ? 
# 
loop_
_pdbx_entity_nonpoly.entity_id 
_pdbx_entity_nonpoly.name 
_pdbx_entity_nonpoly.comp_id 
2 GLUTATHIONE                                                          GSH 
3 'SULFATE ION'                                                        SO4 
4 'dodecyl 4-O-alpha-D-glucopyranosyl-1-seleno-beta-D-glucopyranoside' LSM 
5 water                                                                HOH 
# 
loop_
_entity_poly_seq.entity_id 
_entity_poly_seq.num 
_entity_poly_seq.mon_id 
_entity_poly_seq.hetero 
1 1   MET n 
1 2   LYS n 
1 3   ASP n 
1 4   GLU n 
1 5   VAL n 
1 6   ALA n 
1 7   LEU n 
1 8   LEU n 
1 9   ALA n 
1 10  ALA n 
1 11  VAL n 
1 12  THR n 
1 13  LEU n 
1 14  LEU n 
1 15  GLY n 
1 16  VAL n 
1 17  LEU n 
1 18  LEU n 
1 19  GLN n 
1 20  ALA n 
1 21  TYR n 
1 22  PHE n 
1 23  SER n 
1 24  LEU n 
1 25  GLN n 
1 26  VAL n 
1 27  ILE n 
1 28  SER n 
1 29  ALA n 
1 30  ARG n 
1 31  ARG n 
1 32  ALA n 
1 33  PHE n 
1 34  ARG n 
1 35  VAL n 
1 36  SER n 
1 37  PRO n 
1 38  PRO n 
1 39  LEU n 
1 40  THR n 
1 41  THR n 
1 42  GLY n 
1 43  PRO n 
1 44  PRO n 
1 45  GLU n 
1 46  PHE n 
1 47  GLU n 
1 48  ARG n 
1 49  VAL n 
1 50  TYR n 
1 51  ARG n 
1 52  ALA n 
1 53  GLN n 
1 54  VAL n 
1 55  ASN n 
1 56  CYS n 
1 57  SER n 
1 58  GLU n 
1 59  TYR n 
1 60  PHE n 
1 61  PRO n 
1 62  LEU n 
1 63  PHE n 
1 64  LEU n 
1 65  ALA n 
1 66  THR n 
1 67  LEU n 
1 68  TRP n 
1 69  VAL n 
1 70  ALA n 
1 71  GLY n 
1 72  ILE n 
1 73  PHE n 
1 74  PHE n 
1 75  HIS n 
1 76  GLU n 
1 77  GLY n 
1 78  ALA n 
1 79  ALA n 
1 80  ALA n 
1 81  LEU n 
1 82  CYS n 
1 83  GLY n 
1 84  LEU n 
1 85  VAL n 
1 86  TYR n 
1 87  LEU n 
1 88  PHE n 
1 89  ALA n 
1 90  ARG n 
1 91  LEU n 
1 92  ARG n 
1 93  TYR n 
1 94  PHE n 
1 95  GLN n 
1 96  GLY n 
1 97  TYR n 
1 98  ALA n 
1 99  ARG n 
1 100 SER n 
1 101 ALA n 
1 102 GLN n 
1 103 LEU n 
1 104 ARG n 
1 105 LEU n 
1 106 ALA n 
1 107 PRO n 
1 108 LEU n 
1 109 TYR n 
1 110 ALA n 
1 111 SER n 
1 112 ALA n 
1 113 ARG n 
1 114 ALA n 
1 115 LEU n 
1 116 TRP n 
1 117 LEU n 
1 118 LEU n 
1 119 VAL n 
1 120 ALA n 
1 121 LEU n 
1 122 ALA n 
1 123 ALA n 
1 124 LEU n 
1 125 GLY n 
1 126 LEU n 
1 127 LEU n 
1 128 ALA n 
1 129 HIS n 
1 130 PHE n 
1 131 LEU n 
1 132 PRO n 
1 133 ALA n 
1 134 ALA n 
1 135 LEU n 
1 136 ARG n 
1 137 ALA n 
1 138 ALA n 
1 139 LEU n 
1 140 LEU n 
1 141 GLY n 
1 142 ARG n 
1 143 LEU n 
1 144 ARG n 
1 145 THR n 
1 146 LEU n 
1 147 LEU n 
1 148 PRO n 
1 149 TRP n 
1 150 ALA n 
1 151 HIS n 
1 152 HIS n 
1 153 HIS n 
1 154 HIS n 
1 155 HIS n 
1 156 HIS n 
# 
_entity_src_gen.entity_id                          1 
_entity_src_gen.pdbx_src_id                        1 
_entity_src_gen.pdbx_alt_source_flag               sample 
_entity_src_gen.pdbx_seq_type                      ? 
_entity_src_gen.pdbx_beg_seq_num                   ? 
_entity_src_gen.pdbx_end_seq_num                   ? 
_entity_src_gen.gene_src_common_name               human 
_entity_src_gen.gene_src_genus                     ? 
_entity_src_gen.pdbx_gene_src_gene                 LTC4S 
_entity_src_gen.gene_src_species                   ? 
_entity_src_gen.gene_src_strain                    ? 
_entity_src_gen.gene_src_tissue                    ? 
_entity_src_gen.gene_src_tissue_fraction           ? 
_entity_src_gen.gene_src_details                   ? 
_entity_src_gen.pdbx_gene_src_fragment             ? 
_entity_src_gen.pdbx_gene_src_scientific_name      'Homo sapiens' 
_entity_src_gen.pdbx_gene_src_ncbi_taxonomy_id     9606 
_entity_src_gen.pdbx_gene_src_variant              ? 
_entity_src_gen.pdbx_gene_src_cell_line            ? 
_entity_src_gen.pdbx_gene_src_atcc                 ? 
_entity_src_gen.pdbx_gene_src_organ                ? 
_entity_src_gen.pdbx_gene_src_organelle            ? 
_entity_src_gen.pdbx_gene_src_cell                 ? 
_entity_src_gen.pdbx_gene_src_cellular_location    ? 
_entity_src_gen.host_org_common_name               'fission yeast' 
_entity_src_gen.pdbx_host_org_scientific_name      'Schizosaccharomyces pombe' 
_entity_src_gen.pdbx_host_org_ncbi_taxonomy_id     4896 
_entity_src_gen.host_org_genus                     ? 
_entity_src_gen.pdbx_host_org_gene                 ? 
_entity_src_gen.pdbx_host_org_organ                ? 
_entity_src_gen.host_org_species                   ? 
_entity_src_gen.pdbx_host_org_tissue               ? 
_entity_src_gen.pdbx_host_org_tissue_fraction      ? 
_entity_src_gen.pdbx_host_org_strain               ? 
_entity_src_gen.pdbx_host_org_variant              ? 
_entity_src_gen.pdbx_host_org_cell_line            ? 
_entity_src_gen.pdbx_host_org_atcc                 ? 
_entity_src_gen.pdbx_host_org_culture_collection   ? 
_entity_src_gen.pdbx_host_org_cell                 ? 
_entity_src_gen.pdbx_host_org_organelle            ? 
_entity_src_gen.pdbx_host_org_cellular_location    ? 
_entity_src_gen.pdbx_host_org_vector_type          ? 
_entity_src_gen.pdbx_host_org_vector               ? 
_entity_src_gen.host_org_details                   ? 
_entity_src_gen.expression_system_id               ? 
_entity_src_gen.plasmid_name                       ? 
_entity_src_gen.plasmid_details                    ? 
_entity_src_gen.pdbx_description                   ? 
# 
loop_
_chem_comp.id 
_chem_comp.type 
_chem_comp.mon_nstd_flag 
_chem_comp.name 
_chem_comp.pdbx_synonyms 
_chem_comp.formula 
_chem_comp.formula_weight 
ALA 'L-peptide linking' y ALANINE                                                              ?                              
'C3 H7 N O2'      89.093  
ARG 'L-peptide linking' y ARGININE                                                             ?                              
'C6 H15 N4 O2 1'  175.209 
ASN 'L-peptide linking' y ASPARAGINE                                                           ?                              
'C4 H8 N2 O3'     132.118 
ASP 'L-peptide linking' y 'ASPARTIC ACID'                                                      ?                              
'C4 H7 N O4'      133.103 
CYS 'L-peptide linking' y CYSTEINE                                                             ?                              
'C3 H7 N O2 S'    121.158 
GLN 'L-peptide linking' y GLUTAMINE                                                            ?                              
'C5 H10 N2 O3'    146.144 
GLU 'L-peptide linking' y 'GLUTAMIC ACID'                                                      ?                              
'C5 H9 N O4'      147.129 
GLY 'peptide linking'   y GLYCINE                                                              ?                              
'C2 H5 N O2'      75.067  
GSH non-polymer         . GLUTATHIONE                                                          ?                              
'C10 H17 N3 O6 S' 307.323 
HIS 'L-peptide linking' y HISTIDINE                                                            ?                              
'C6 H10 N3 O2 1'  156.162 
HOH non-polymer         . WATER                                                                ?                              
'H2 O'            18.015  
ILE 'L-peptide linking' y ISOLEUCINE                                                           ?                              
'C6 H13 N O2'     131.173 
LEU 'L-peptide linking' y LEUCINE                                                              ?                              
'C6 H13 N O2'     131.173 
LSM D-saccharide        . 'dodecyl 4-O-alpha-D-glucopyranosyl-1-seleno-beta-D-glucopyranoside' DODECYL-BETA-D-SELENOMALTOSIDE 
'C24 H46 O10 Se'  573.576 
LYS 'L-peptide linking' y LYSINE                                                               ?                              
'C6 H15 N2 O2 1'  147.195 
MET 'L-peptide linking' y METHIONINE                                                           ?                              
'C5 H11 N O2 S'   149.211 
PHE 'L-peptide linking' y PHENYLALANINE                                                        ?                              
'C9 H11 N O2'     165.189 
PRO 'L-peptide linking' y PROLINE                                                              ?                              
'C5 H9 N O2'      115.130 
SER 'L-peptide linking' y SERINE                                                               ?                              
'C3 H7 N O3'      105.093 
SO4 non-polymer         . 'SULFATE ION'                                                        ?                              
'O4 S -2'         96.063  
THR 'L-peptide linking' y THREONINE                                                            ?                              
'C4 H9 N O3'      119.119 
TRP 'L-peptide linking' y TRYPTOPHAN                                                           ?                              
'C11 H12 N2 O2'   204.225 
TYR 'L-peptide linking' y TYROSINE                                                             ?                              
'C9 H11 N O3'     181.189 
VAL 'L-peptide linking' y VALINE                                                               ?                              
'C5 H11 N O2'     117.146 
# 
loop_
_pdbx_poly_seq_scheme.asym_id 
_pdbx_poly_seq_scheme.entity_id 
_pdbx_poly_seq_scheme.seq_id 
_pdbx_poly_seq_scheme.mon_id 
_pdbx_poly_seq_scheme.ndb_seq_num 
_pdbx_poly_seq_scheme.pdb_seq_num 
_pdbx_poly_seq_scheme.auth_seq_num 
_pdbx_poly_seq_scheme.pdb_mon_id 
_pdbx_poly_seq_scheme.auth_mon_id 
_pdbx_poly_seq_scheme.pdb_strand_id 
_pdbx_poly_seq_scheme.pdb_ins_code 
_pdbx_poly_seq_scheme.hetero 
A 1 1   MET 1   1   ?   ?   ?   A . n 
A 1 2   LYS 2   2   2   LYS LYS A . n 
A 1 3   ASP 3   3   3   ASP ASP A . n 
A 1 4   GLU 4   4   4   GLU GLU A . n 
A 1 5   VAL 5   5   5   VAL VAL A . n 
A 1 6   ALA 6   6   6   ALA ALA A . n 
A 1 7   LEU 7   7   7   LEU LEU A . n 
A 1 8   LEU 8   8   8   LEU LEU A . n 
A 1 9   ALA 9   9   9   ALA ALA A . n 
A 1 10  ALA 10  10  10  ALA ALA A . n 
A 1 11  VAL 11  11  11  VAL VAL A . n 
A 1 12  THR 12  12  12  THR THR A . n 
A 1 13  LEU 13  13  13  LEU LEU A . n 
A 1 14  LEU 14  14  14  LEU LEU A . n 
A 1 15  GLY 15  15  15  GLY GLY A . n 
A 1 16  VAL 16  16  16  VAL VAL A . n 
A 1 17  LEU 17  17  17  LEU LEU A . n 
A 1 18  LEU 18  18  18  LEU LEU A . n 
A 1 19  GLN 19  19  19  GLN GLN A . n 
A 1 20  ALA 20  20  20  ALA ALA A . n 
A 1 21  TYR 21  21  21  TYR TYR A . n 
A 1 22  PHE 22  22  22  PHE PHE A . n 
A 1 23  SER 23  23  23  SER SER A . n 
A 1 24  LEU 24  24  24  LEU LEU A . n 
A 1 25  GLN 25  25  25  GLN GLN A . n 
A 1 26  VAL 26  26  26  VAL VAL A . n 
A 1 27  ILE 27  27  27  ILE ILE A . n 
A 1 28  SER 28  28  28  SER SER A . n 
A 1 29  ALA 29  29  29  ALA ALA A . n 
A 1 30  ARG 30  30  30  ARG ARG A . n 
A 1 31  ARG 31  31  31  ARG ARG A . n 
A 1 32  ALA 32  32  32  ALA ALA A . n 
A 1 33  PHE 33  33  33  PHE PHE A . n 
A 1 34  ARG 34  34  34  ARG ARG A . n 
A 1 35  VAL 35  35  35  VAL VAL A . n 
A 1 36  SER 36  36  36  SER SER A . n 
A 1 37  PRO 37  37  37  PRO PRO A . n 
A 1 38  PRO 38  38  38  PRO PRO A . n 
A 1 39  LEU 39  39  39  LEU LEU A . n 
A 1 40  THR 40  40  40  THR THR A . n 
A 1 41  THR 41  41  41  THR THR A . n 
A 1 42  GLY 42  42  42  GLY GLY A . n 
A 1 43  PRO 43  43  43  PRO PRO A . n 
A 1 44  PRO 44  44  44  PRO PRO A . n 
A 1 45  GLU 45  45  45  GLU GLU A . n 
A 1 46  PHE 46  46  46  PHE PHE A . n 
A 1 47  GLU 47  47  47  GLU GLU A . n 
A 1 48  ARG 48  48  48  ARG ARG A . n 
A 1 49  VAL 49  49  49  VAL VAL A . n 
A 1 50  TYR 50  50  50  TYR TYR A . n 
A 1 51  ARG 51  51  51  ARG ARG A . n 
A 1 52  ALA 52  52  52  ALA ALA A . n 
A 1 53  GLN 53  53  53  GLN GLN A . n 
A 1 54  VAL 54  54  54  VAL VAL A . n 
A 1 55  ASN 55  55  55  ASN ASN A . n 
A 1 56  CYS 56  56  56  CYS CYS A . n 
A 1 57  SER 57  57  57  SER SER A . n 
A 1 58  GLU 58  58  58  GLU GLU A . n 
A 1 59  TYR 59  59  59  TYR TYR A . n 
A 1 60  PHE 60  60  60  PHE PHE A . n 
A 1 61  PRO 61  61  61  PRO PRO A . n 
A 1 62  LEU 62  62  62  LEU LEU A . n 
A 1 63  PHE 63  63  63  PHE PHE A . n 
A 1 64  LEU 64  64  64  LEU LEU A . n 
A 1 65  ALA 65  65  65  ALA ALA A . n 
A 1 66  THR 66  66  66  THR THR A . n 
A 1 67  LEU 67  67  67  LEU LEU A . n 
A 1 68  TRP 68  68  68  TRP TRP A . n 
A 1 69  VAL 69  69  69  VAL VAL A . n 
A 1 70  ALA 70  70  70  ALA ALA A . n 
A 1 71  GLY 71  71  71  GLY GLY A . n 
A 1 72  ILE 72  72  72  ILE ILE A . n 
A 1 73  PHE 73  73  73  PHE PHE A . n 
A 1 74  PHE 74  74  74  PHE PHE A . n 
A 1 75  HIS 75  75  75  HIS HIS A . n 
A 1 76  GLU 76  76  76  GLU GLU A . n 
A 1 77  GLY 77  77  77  GLY GLY A . n 
A 1 78  ALA 78  78  78  ALA ALA A . n 
A 1 79  ALA 79  79  79  ALA ALA A . n 
A 1 80  ALA 80  80  80  ALA ALA A . n 
A 1 81  LEU 81  81  81  LEU LEU A . n 
A 1 82  CYS 82  82  82  CYS CYS A . n 
A 1 83  GLY 83  83  83  GLY GLY A . n 
A 1 84  LEU 84  84  84  LEU LEU A . n 
A 1 85  VAL 85  85  85  VAL VAL A . n 
A 1 86  TYR 86  86  86  TYR TYR A . n 
A 1 87  LEU 87  87  87  LEU LEU A . n 
A 1 88  PHE 88  88  88  PHE PHE A . n 
A 1 89  ALA 89  89  89  ALA ALA A . n 
A 1 90  ARG 90  90  90  ARG ARG A . n 
A 1 91  LEU 91  91  91  LEU LEU A . n 
A 1 92  ARG 92  92  92  ARG ARG A . n 
A 1 93  TYR 93  93  93  TYR TYR A . n 
A 1 94  PHE 94  94  94  PHE PHE A . n 
A 1 95  GLN 95  95  95  GLN GLN A . n 
A 1 96  GLY 96  96  96  GLY GLY A . n 
A 1 97  TYR 97  97  97  TYR TYR A . n 
A 1 98  ALA 98  98  98  ALA ALA A . n 
A 1 99  ARG 99  99  99  ARG ARG A . n 
A 1 100 SER 100 100 100 SER SER A . n 
A 1 101 ALA 101 101 101 ALA ALA A . n 
A 1 102 GLN 102 102 102 GLN GLN A . n 
A 1 103 LEU 103 103 103 LEU LEU A . n 
A 1 104 ARG 104 104 104 ARG ARG A . n 
A 1 105 LEU 105 105 105 LEU LEU A . n 
A 1 106 ALA 106 106 106 ALA ALA A . n 
A 1 107 PRO 107 107 107 PRO PRO A . n 
A 1 108 LEU 108 108 108 LEU LEU A . n 
A 1 109 TYR 109 109 109 TYR TYR A . n 
A 1 110 ALA 110 110 110 ALA ALA A . n 
A 1 111 SER 111 111 111 SER SER A . n 
A 1 112 ALA 112 112 112 ALA ALA A . n 
A 1 113 ARG 113 113 113 ARG ARG A . n 
A 1 114 ALA 114 114 114 ALA ALA A . n 
A 1 115 LEU 115 115 115 LEU LEU A . n 
A 1 116 TRP 116 116 116 TRP TRP A . n 
A 1 117 LEU 117 117 117 LEU LEU A . n 
A 1 118 LEU 118 118 118 LEU LEU A . n 
A 1 119 VAL 119 119 119 VAL VAL A . n 
A 1 120 ALA 120 120 120 ALA ALA A . n 
A 1 121 LEU 121 121 121 LEU LEU A . n 
A 1 122 ALA 122 122 122 ALA ALA A . n 
A 1 123 ALA 123 123 123 ALA ALA A . n 
A 1 124 LEU 124 124 124 LEU LEU A . n 
A 1 125 GLY 125 125 125 GLY GLY A . n 
A 1 126 LEU 126 126 126 LEU LEU A . n 
A 1 127 LEU 127 127 127 LEU LEU A . n 
A 1 128 ALA 128 128 128 ALA ALA A . n 
A 1 129 HIS 129 129 129 HIS HIS A . n 
A 1 130 PHE 130 130 130 PHE PHE A . n 
A 1 131 LEU 131 131 131 LEU LEU A . n 
A 1 132 PRO 132 132 132 PRO PRO A . n 
A 1 133 ALA 133 133 133 ALA ALA A . n 
A 1 134 ALA 134 134 134 ALA ALA A . n 
A 1 135 LEU 135 135 135 LEU LEU A . n 
A 1 136 ARG 136 136 136 ARG ARG A . n 
A 1 137 ALA 137 137 137 ALA ALA A . n 
A 1 138 ALA 138 138 138 ALA ALA A . n 
A 1 139 LEU 139 139 139 LEU LEU A . n 
A 1 140 LEU 140 140 140 LEU LEU A . n 
A 1 141 GLY 141 141 141 GLY GLY A . n 
A 1 142 ARG 142 142 142 ARG ARG A . n 
A 1 143 LEU 143 143 143 LEU LEU A . n 
A 1 144 ARG 144 144 ?   ?   ?   A . n 
A 1 145 THR 145 145 ?   ?   ?   A . n 
A 1 146 LEU 146 146 ?   ?   ?   A . n 
A 1 147 LEU 147 147 ?   ?   ?   A . n 
A 1 148 PRO 148 148 ?   ?   ?   A . n 
A 1 149 TRP 149 149 ?   ?   ?   A . n 
A 1 150 ALA 150 150 ?   ?   ?   A . n 
A 1 151 HIS 151 151 ?   ?   ?   A . n 
A 1 152 HIS 152 152 ?   ?   ?   A . n 
A 1 153 HIS 153 153 ?   ?   ?   A . n 
A 1 154 HIS 154 154 ?   ?   ?   A . n 
A 1 155 HIS 155 155 ?   ?   ?   A . n 
A 1 156 HIS 156 156 ?   ?   ?   A . n 
# 
loop_
_pdbx_nonpoly_scheme.asym_id 
_pdbx_nonpoly_scheme.entity_id 
_pdbx_nonpoly_scheme.mon_id 
_pdbx_nonpoly_scheme.ndb_seq_num 
_pdbx_nonpoly_scheme.pdb_seq_num 
_pdbx_nonpoly_scheme.auth_seq_num 
_pdbx_nonpoly_scheme.pdb_mon_id 
_pdbx_nonpoly_scheme.auth_mon_id 
_pdbx_nonpoly_scheme.pdb_strand_id 
_pdbx_nonpoly_scheme.pdb_ins_code 
B 2 GSH 1 201 201 GSH GTT A . 
C 3 SO4 1 202 202 SO4 SO4 A . 
D 4 LSM 1 203 203 LSM LSM A . 
E 4 LSM 1 207 207 LSM LSM A . 
F 4 LSM 1 208 208 LSM LSM A . 
G 4 LSM 1 209 209 LSM LSM A . 
H 4 LSM 1 210 210 LSM LSM A . 
I 5 HOH 1 204 204 HOH HOH A . 
I 5 HOH 2 205 205 HOH HOH A . 
I 5 HOH 3 206 206 HOH HOH A . 
# 
loop_
_pdbx_unobs_or_zero_occ_atoms.id 
_pdbx_unobs_or_zero_occ_atoms.PDB_model_num 
_pdbx_unobs_or_zero_occ_atoms.polymer_flag 
_pdbx_unobs_or_zero_occ_atoms.occupancy_flag 
_pdbx_unobs_or_zero_occ_atoms.auth_asym_id 
_pdbx_unobs_or_zero_occ_atoms.auth_comp_id 
_pdbx_unobs_or_zero_occ_atoms.auth_seq_id 
_pdbx_unobs_or_zero_occ_atoms.PDB_ins_code 
_pdbx_unobs_or_zero_occ_atoms.auth_atom_id 
_pdbx_unobs_or_zero_occ_atoms.label_alt_id 
_pdbx_unobs_or_zero_occ_atoms.label_asym_id 
_pdbx_unobs_or_zero_occ_atoms.label_comp_id 
_pdbx_unobs_or_zero_occ_atoms.label_seq_id 
_pdbx_unobs_or_zero_occ_atoms.label_atom_id 
1   1 Y 1 A LYS 2   ? CE    ? A LYS 2   CE    
2   1 Y 1 A LYS 2   ? NZ    ? A LYS 2   NZ    
3   1 Y 1 A GLU 4   ? CG    ? A GLU 4   CG    
4   1 Y 1 A GLU 4   ? CD    ? A GLU 4   CD    
5   1 Y 1 A GLU 4   ? OE1   ? A GLU 4   OE1   
6   1 Y 1 A GLU 4   ? OE2   ? A GLU 4   OE2   
7   1 Y 1 A ARG 31  ? CD    ? A ARG 31  CD    
8   1 Y 1 A ARG 31  ? NE    ? A ARG 31  NE    
9   1 Y 1 A ARG 31  ? CZ    ? A ARG 31  CZ    
10  1 Y 1 A ARG 31  ? NH1   ? A ARG 31  NH1   
11  1 Y 1 A ARG 31  ? NH2   ? A ARG 31  NH2   
12  1 Y 1 A ARG 34  ? CZ    ? A ARG 34  CZ    
13  1 Y 1 A ARG 34  ? NH1   ? A ARG 34  NH1   
14  1 Y 1 A ARG 34  ? NH2   ? A ARG 34  NH2   
15  1 Y 1 A GLU 45  ? OE1   ? A GLU 45  OE1   
16  1 Y 1 A GLU 45  ? OE2   ? A GLU 45  OE2   
17  1 Y 1 A SER 57  ? OG    ? A SER 57  OG    
18  1 Y 1 A LEU 64  ? CD1   ? A LEU 64  CD1   
19  1 Y 1 A LEU 64  ? CD2   ? A LEU 64  CD2   
20  1 Y 1 A ARG 92  ? CD    ? A ARG 92  CD    
21  1 Y 1 A ARG 92  ? NE    ? A ARG 92  NE    
22  1 Y 1 A ARG 92  ? CZ    ? A ARG 92  CZ    
23  1 Y 1 A ARG 92  ? NH1   ? A ARG 92  NH1   
24  1 Y 1 A ARG 92  ? NH2   ? A ARG 92  NH2   
25  1 Y 1 A GLN 95  ? OE1   ? A GLN 95  OE1   
26  1 Y 1 A GLN 95  ? NE2   ? A GLN 95  NE2   
27  1 Y 1 A ARG 99  ? CZ    ? A ARG 99  CZ    
28  1 Y 1 A ARG 99  ? NH1   ? A ARG 99  NH1   
29  1 Y 1 A ARG 99  ? NH2   ? A ARG 99  NH2   
30  1 Y 1 A ARG 113 ? NE    ? A ARG 113 NE    
31  1 Y 1 A ARG 113 ? CZ    ? A ARG 113 CZ    
32  1 Y 1 A ARG 113 ? NH1   ? A ARG 113 NH1   
33  1 Y 1 A ARG 113 ? NH2   ? A ARG 113 NH2   
34  1 Y 1 A ARG 142 ? CD    ? A ARG 142 CD    
35  1 Y 1 A ARG 142 ? NE    ? A ARG 142 NE    
36  1 Y 1 A ARG 142 ? CZ    ? A ARG 142 CZ    
37  1 Y 1 A ARG 142 ? NH1   ? A ARG 142 NH1   
38  1 Y 1 A ARG 142 ? NH2   ? A ARG 142 NH2   
39  1 Y 1 A LEU 143 ? CG    ? A LEU 143 CG    
40  1 Y 1 A LEU 143 ? CD1   ? A LEU 143 CD1   
41  1 Y 1 A LEU 143 ? CD2   ? A LEU 143 CD2   
42  1 N 1 A LSM 203 ? SE    ? D LSM 1   SE    
43  1 N 1 A LSM 203 ? C1    ? D LSM 1   C1    
44  1 N 1 A LSM 203 ? C2    ? D LSM 1   C2    
45  1 N 1 A LSM 203 ? C3    ? D LSM 1   C3    
46  1 N 1 A LSM 203 ? C4    ? D LSM 1   C4    
47  1 N 1 A LSM 203 ? C5    ? D LSM 1   C5    
48  1 N 1 A LSM 203 ? "C1'" ? D LSM 1   "C1'" 
49  1 N 1 A LSM 203 ? C1B   ? D LSM 1   C1B   
50  1 N 1 A LSM 203 ? O1B   ? D LSM 1   O1B   
51  1 N 1 A LSM 203 ? "C2'" ? D LSM 1   "C2'" 
52  1 N 1 A LSM 203 ? "O2'" ? D LSM 1   "O2'" 
53  1 N 1 A LSM 203 ? C2B   ? D LSM 1   C2B   
54  1 N 1 A LSM 203 ? O2B   ? D LSM 1   O2B   
55  1 N 1 A LSM 203 ? "C3'" ? D LSM 1   "C3'" 
56  1 N 1 A LSM 203 ? "O3'" ? D LSM 1   "O3'" 
57  1 N 1 A LSM 203 ? C3B   ? D LSM 1   C3B   
58  1 N 1 A LSM 203 ? O3B   ? D LSM 1   O3B   
59  1 N 1 A LSM 203 ? "C4'" ? D LSM 1   "C4'" 
60  1 N 1 A LSM 203 ? O4B   ? D LSM 1   O4B   
61  1 N 1 A LSM 203 ? C4B   ? D LSM 1   C4B   
62  1 N 1 A LSM 203 ? "C5'" ? D LSM 1   "C5'" 
63  1 N 1 A LSM 203 ? "O5'" ? D LSM 1   "O5'" 
64  1 N 1 A LSM 203 ? C5B   ? D LSM 1   C5B   
65  1 N 1 A LSM 203 ? O5B   ? D LSM 1   O5B   
66  1 N 1 A LSM 203 ? "C6'" ? D LSM 1   "C6'" 
67  1 N 1 A LSM 203 ? "O6'" ? D LSM 1   "O6'" 
68  1 N 1 A LSM 203 ? C6B   ? D LSM 1   C6B   
69  1 N 1 A LSM 203 ? O6B   ? D LSM 1   O6B   
70  1 N 1 A LSM 207 ? C1B   ? E LSM 1   C1B   
71  1 N 1 A LSM 207 ? O1B   ? E LSM 1   O1B   
72  1 N 1 A LSM 207 ? "C2'" ? E LSM 1   "C2'" 
73  1 N 1 A LSM 207 ? "O2'" ? E LSM 1   "O2'" 
74  1 N 1 A LSM 207 ? C2B   ? E LSM 1   C2B   
75  1 N 1 A LSM 207 ? O2B   ? E LSM 1   O2B   
76  1 N 1 A LSM 207 ? "C3'" ? E LSM 1   "C3'" 
77  1 N 1 A LSM 207 ? "O3'" ? E LSM 1   "O3'" 
78  1 N 1 A LSM 207 ? C3B   ? E LSM 1   C3B   
79  1 N 1 A LSM 207 ? O3B   ? E LSM 1   O3B   
80  1 N 1 A LSM 207 ? "C4'" ? E LSM 1   "C4'" 
81  1 N 1 A LSM 207 ? O4B   ? E LSM 1   O4B   
82  1 N 1 A LSM 207 ? C4B   ? E LSM 1   C4B   
83  1 N 1 A LSM 207 ? "C5'" ? E LSM 1   "C5'" 
84  1 N 1 A LSM 207 ? "O5'" ? E LSM 1   "O5'" 
85  1 N 1 A LSM 207 ? C5B   ? E LSM 1   C5B   
86  1 N 1 A LSM 207 ? O5B   ? E LSM 1   O5B   
87  1 N 1 A LSM 207 ? "C6'" ? E LSM 1   "C6'" 
88  1 N 1 A LSM 207 ? "O6'" ? E LSM 1   "O6'" 
89  1 N 1 A LSM 207 ? C6B   ? E LSM 1   C6B   
90  1 N 1 A LSM 207 ? O6B   ? E LSM 1   O6B   
91  1 N 1 A LSM 207 ? C11   ? E LSM 1   C11   
92  1 N 1 A LSM 207 ? C12   ? E LSM 1   C12   
93  1 N 1 A LSM 208 ? SE    ? F LSM 1   SE    
94  1 N 1 A LSM 208 ? "C1'" ? F LSM 1   "C1'" 
95  1 N 1 A LSM 208 ? C1B   ? F LSM 1   C1B   
96  1 N 1 A LSM 208 ? O1B   ? F LSM 1   O1B   
97  1 N 1 A LSM 208 ? "C2'" ? F LSM 1   "C2'" 
98  1 N 1 A LSM 208 ? "O2'" ? F LSM 1   "O2'" 
99  1 N 1 A LSM 208 ? C2B   ? F LSM 1   C2B   
100 1 N 1 A LSM 208 ? O2B   ? F LSM 1   O2B   
101 1 N 1 A LSM 208 ? "C3'" ? F LSM 1   "C3'" 
102 1 N 1 A LSM 208 ? "O3'" ? F LSM 1   "O3'" 
103 1 N 1 A LSM 208 ? C3B   ? F LSM 1   C3B   
104 1 N 1 A LSM 208 ? O3B   ? F LSM 1   O3B   
105 1 N 1 A LSM 208 ? "C4'" ? F LSM 1   "C4'" 
106 1 N 1 A LSM 208 ? O4B   ? F LSM 1   O4B   
107 1 N 1 A LSM 208 ? C4B   ? F LSM 1   C4B   
108 1 N 1 A LSM 208 ? "C5'" ? F LSM 1   "C5'" 
109 1 N 1 A LSM 208 ? "O5'" ? F LSM 1   "O5'" 
110 1 N 1 A LSM 208 ? C5B   ? F LSM 1   C5B   
111 1 N 1 A LSM 208 ? O5B   ? F LSM 1   O5B   
112 1 N 1 A LSM 208 ? "C6'" ? F LSM 1   "C6'" 
113 1 N 1 A LSM 208 ? "O6'" ? F LSM 1   "O6'" 
114 1 N 1 A LSM 208 ? C6B   ? F LSM 1   C6B   
115 1 N 1 A LSM 208 ? O6B   ? F LSM 1   O6B   
116 1 N 1 A LSM 209 ? C10   ? G LSM 1   C10   
117 1 N 1 A LSM 209 ? C11   ? G LSM 1   C11   
118 1 N 1 A LSM 209 ? C12   ? G LSM 1   C12   
119 1 N 1 A LSM 210 ? C1B   ? H LSM 1   C1B   
120 1 N 1 A LSM 210 ? C2B   ? H LSM 1   C2B   
121 1 N 1 A LSM 210 ? O2B   ? H LSM 1   O2B   
122 1 N 1 A LSM 210 ? C3B   ? H LSM 1   C3B   
123 1 N 1 A LSM 210 ? O3B   ? H LSM 1   O3B   
124 1 N 1 A LSM 210 ? O4B   ? H LSM 1   O4B   
125 1 N 1 A LSM 210 ? C4B   ? H LSM 1   C4B   
126 1 N 1 A LSM 210 ? C5B   ? H LSM 1   C5B   
127 1 N 1 A LSM 210 ? O5B   ? H LSM 1   O5B   
128 1 N 1 A LSM 210 ? C6B   ? H LSM 1   C6B   
129 1 N 1 A LSM 210 ? O6B   ? H LSM 1   O6B   
# 
loop_
_software.name 
_software.classification 
_software.version 
_software.citation_id 
_software.pdbx_ordinal 
BSS    'data collection' .        ? 1 
SOLVE  phasing           .        ? 2 
REFMAC refinement        5.5.0109 ? 3 
MOSFLM 'data reduction'  .        ? 4 
SCALA  'data scaling'    .        ? 5 
# 
_cell.entry_id           3B29 
_cell.length_a           168.594 
_cell.length_b           168.594 
_cell.length_c           168.594 
_cell.angle_alpha        90.00 
_cell.angle_beta         90.00 
_cell.angle_gamma        90.00 
_cell.Z_PDB              48 
_cell.pdbx_unique_axis   ? 
_cell.length_a_esd       ? 
_cell.length_b_esd       ? 
_cell.length_c_esd       ? 
_cell.angle_alpha_esd    ? 
_cell.angle_beta_esd     ? 
_cell.angle_gamma_esd    ? 
# 
_symmetry.entry_id                         3B29 
_symmetry.space_group_name_H-M             'F 2 3' 
_symmetry.pdbx_full_space_group_name_H-M   ? 
_symmetry.cell_setting                     ? 
_symmetry.Int_Tables_number                196 
_symmetry.space_group_name_Hall            ? 
# 
_exptl.entry_id          3B29 
_exptl.method            'X-RAY DIFFRACTION' 
_exptl.crystals_number   1 
# 
_exptl_crystal.id                    1 
_exptl_crystal.density_meas          ? 
_exptl_crystal.density_Matthews      5.73 
_exptl_crystal.density_percent_sol   78.55 
_exptl_crystal.description           ? 
_exptl_crystal.F_000                 ? 
_exptl_crystal.preparation           ? 
# 
_exptl_crystal_grow.crystal_id      1 
_exptl_crystal_grow.method          'VAPOR DIFFUSION, SITTING DROP' 
_exptl_crystal_grow.temp            293.0 
_exptl_crystal_grow.temp_details    ? 
_exptl_crystal_grow.pH              6.5 
_exptl_crystal_grow.pdbx_details    
'0.1M MES-NaOH, 1.6M ammonium sulfate, 0.4M magnesium chloride, pH 6.5, VAPOR DIFFUSION, SITTING DROP, temperature 293.0K' 
_exptl_crystal_grow.pdbx_pH_range   . 
# 
_diffrn.id                     1 
_diffrn.ambient_temp           100 
_diffrn.ambient_temp_details   ? 
_diffrn.crystal_id             1 
# 
_diffrn_detector.diffrn_id              1 
_diffrn_detector.detector               CCD 
_diffrn_detector.type                   'MARMOSAIC 225 mm CCD' 
_diffrn_detector.pdbx_collection_date   2011-02-07 
_diffrn_detector.details                ? 
# 
_diffrn_radiation.diffrn_id                        1 
_diffrn_radiation.wavelength_id                    1 
_diffrn_radiation.pdbx_monochromatic_or_laue_m_l   M 
_diffrn_radiation.monochromator                    'Si(111) double crystal monochromator' 
_diffrn_radiation.pdbx_diffrn_protocol             MAD 
_diffrn_radiation.pdbx_scattering_type             x-ray 
# 
loop_
_diffrn_radiation_wavelength.id 
_diffrn_radiation_wavelength.wavelength 
_diffrn_radiation_wavelength.wt 
1 0.97909 1.0 
2 0.97938 1.0 
3 0.97600 1.0 
4 0.98300 1.0 
# 
_diffrn_source.diffrn_id                   1 
_diffrn_source.source                      SYNCHROTRON 
_diffrn_source.type                        'SPRING-8 BEAMLINE BL26B2' 
_diffrn_source.pdbx_synchrotron_site       SPring-8 
_diffrn_source.pdbx_synchrotron_beamline   BL26B2 
_diffrn_source.pdbx_wavelength             ? 
_diffrn_source.pdbx_wavelength_list        '0.97909, 0.97938, 0.97600, 0.98300' 
# 
_reflns.entry_id                     3B29 
_reflns.observed_criterion_sigma_I   0.0 
_reflns.observed_criterion_sigma_F   0.0 
_reflns.d_resolution_low             26.6 
_reflns.d_resolution_high            3.2 
_reflns.number_obs                   6018 
_reflns.number_all                   ? 
_reflns.percent_possible_obs         89.9 
_reflns.pdbx_Rmerge_I_obs            0.125 
_reflns.pdbx_Rsym_value              ? 
_reflns.pdbx_netI_over_sigmaI        ? 
_reflns.B_iso_Wilson_estimate        ? 
_reflns.pdbx_redundancy              22 
_reflns.R_free_details               ? 
_reflns.limit_h_max                  ? 
_reflns.limit_h_min                  ? 
_reflns.limit_k_max                  ? 
_reflns.limit_k_min                  ? 
_reflns.limit_l_max                  ? 
_reflns.limit_l_min                  ? 
_reflns.observed_criterion_F_max     ? 
_reflns.observed_criterion_F_min     ? 
_reflns.pdbx_chi_squared             ? 
_reflns.pdbx_scaling_rejects         ? 
_reflns.pdbx_ordinal                 1 
_reflns.pdbx_diffrn_id               1 
# 
_reflns_shell.d_res_high                  3.2 
_reflns_shell.d_res_low                   ? 
_reflns_shell.percent_possible_all        89.9 
_reflns_shell.Rmerge_I_obs                0.13 
_reflns_shell.pdbx_Rsym_value             ? 
_reflns_shell.meanI_over_sigI_obs         ? 
_reflns_shell.pdbx_redundancy             22 
_reflns_shell.percent_possible_obs        ? 
_reflns_shell.number_unique_all           6018 
_reflns_shell.number_measured_all         ? 
_reflns_shell.number_measured_obs         ? 
_reflns_shell.number_unique_obs           ? 
_reflns_shell.pdbx_chi_squared            ? 
_reflns_shell.pdbx_rejects                ? 
_reflns_shell.pdbx_netI_over_sigmaI_obs   ? 
_reflns_shell.number_possible             ? 
_reflns_shell.Rmerge_F_all                ? 
_reflns_shell.Rmerge_F_obs                ? 
_reflns_shell.Rmerge_I_all                ? 
_reflns_shell.meanI_over_sigI_all         ? 
_reflns_shell.pdbx_Rrim_I_all             ? 
_reflns_shell.pdbx_Rpim_I_all             ? 
_reflns_shell.pdbx_ordinal                1 
_reflns_shell.pdbx_diffrn_id              1 
# 
_refine.entry_id                                 3B29 
_refine.ls_number_reflns_obs                     5738 
_refine.ls_number_reflns_all                     ? 
_refine.pdbx_ls_sigma_I                          ? 
_refine.pdbx_ls_sigma_F                          ? 
_refine.pdbx_data_cutoff_high_absF               ? 
_refine.pdbx_data_cutoff_low_absF                ? 
_refine.pdbx_data_cutoff_high_rms_absF           ? 
_refine.ls_d_res_low                             25.42 
_refine.ls_d_res_high                            3.20 
_refine.ls_percent_reflns_obs                    90.15 
_refine.ls_R_factor_obs                          0.20325 
_refine.ls_R_factor_all                          0.20325 
_refine.ls_R_factor_R_work                       0.20295 
_refine.ls_R_factor_R_free                       0.20948 
_refine.ls_R_factor_R_free_error                 ? 
_refine.ls_R_factor_R_free_error_details         ? 
_refine.ls_percent_reflns_R_free                 4.6 
_refine.ls_number_reflns_R_free                  277 
_refine.ls_number_parameters                     ? 
_refine.ls_number_restraints                     ? 
_refine.occupancy_min                            ? 
_refine.occupancy_max                            ? 
_refine.correlation_coeff_Fo_to_Fc               0.904 
_refine.correlation_coeff_Fo_to_Fc_free          0.874 
_refine.B_iso_mean                               29.642 
_refine.aniso_B[1][1]                            ? 
_refine.aniso_B[2][2]                            ? 
_refine.aniso_B[3][3]                            ? 
_refine.aniso_B[1][2]                            ? 
_refine.aniso_B[1][3]                            ? 
_refine.aniso_B[2][3]                            ? 
_refine.solvent_model_details                    'BABINET MODEL WITH MASK' 
_refine.solvent_model_param_ksol                 ? 
_refine.solvent_model_param_bsol                 ? 
_refine.pdbx_solvent_vdw_probe_radii             1.40 
_refine.pdbx_solvent_ion_probe_radii             0.80 
_refine.pdbx_solvent_shrinkage_radii             0.80 
_refine.pdbx_ls_cross_valid_method               THROUGHOUT 
_refine.details                                  'HYDROGENS HAVE BEEN ADDED IN THE RIDING POSITIONS' 
_refine.pdbx_starting_model                      ? 
_refine.pdbx_method_to_determine_struct          MAD 
_refine.pdbx_isotropic_thermal_model             ? 
_refine.pdbx_stereochemistry_target_values       'MAXIMUM LIKELIHOOD' 
_refine.pdbx_stereochem_target_val_spec_case     ? 
_refine.pdbx_R_Free_selection_details            RANDOM 
_refine.pdbx_overall_ESU_R_Free                  0.321 
_refine.overall_SU_ML                            0.193 
_refine.pdbx_overall_phase_error                 ? 
_refine.overall_SU_B                             10.637 
_refine.overall_SU_R_Cruickshank_DPI             ? 
_refine.ls_redundancy_reflns_obs                 ? 
_refine.B_iso_min                                ? 
_refine.B_iso_max                                ? 
_refine.overall_SU_R_free                        ? 
_refine.ls_wR_factor_R_free                      ? 
_refine.ls_wR_factor_R_work                      ? 
_refine.overall_FOM_free_R_set                   ? 
_refine.overall_FOM_work_R_set                   ? 
_refine.pdbx_diffrn_id                           1 
_refine.pdbx_refine_id                           'X-RAY DIFFRACTION' 
_refine.pdbx_overall_ESU_R                       ? 
_refine.pdbx_TLS_residual_ADP_flag               ? 
_refine.pdbx_overall_SU_R_free_Cruickshank_DPI   ? 
_refine.pdbx_overall_SU_R_Blow_DPI               ? 
_refine.pdbx_overall_SU_R_free_Blow_DPI          ? 
# 
_refine_hist.pdbx_refine_id                   'X-RAY DIFFRACTION' 
_refine_hist.cycle_id                         LAST 
_refine_hist.pdbx_number_atoms_protein        1066 
_refine_hist.pdbx_number_atoms_nucleic_acid   0 
_refine_hist.pdbx_number_atoms_ligand         112 
_refine_hist.number_atoms_solvent             3 
_refine_hist.number_atoms_total               1181 
_refine_hist.d_res_high                       3.20 
_refine_hist.d_res_low                        25.42 
# 
loop_
_refine_ls_restr.type 
_refine_ls_restr.dev_ideal 
_refine_ls_restr.dev_ideal_target 
_refine_ls_restr.weight 
_refine_ls_restr.number 
_refine_ls_restr.pdbx_restraint_function 
_refine_ls_restr.pdbx_refine_id 
r_bond_refined_d             0.002  0.022  ? 1210 ? 'X-RAY DIFFRACTION' 
r_bond_other_d               ?      ?      ? ?    ? 'X-RAY DIFFRACTION' 
r_angle_refined_deg          0.511  2.064  ? 1636 ? 'X-RAY DIFFRACTION' 
r_angle_other_deg            ?      ?      ? ?    ? 'X-RAY DIFFRACTION' 
r_dihedral_angle_1_deg       2.662  5.000  ? 143  ? 'X-RAY DIFFRACTION' 
r_dihedral_angle_2_deg       28.970 21.081 ? 37   ? 'X-RAY DIFFRACTION' 
r_dihedral_angle_3_deg       13.982 15.000 ? 156  ? 'X-RAY DIFFRACTION' 
r_dihedral_angle_4_deg       18.148 15.000 ? 6    ? 'X-RAY DIFFRACTION' 
r_chiral_restr               0.032  0.200  ? 196  ? 'X-RAY DIFFRACTION' 
r_gen_planes_refined         0.002  0.021  ? 842  ? 'X-RAY DIFFRACTION' 
r_gen_planes_other           ?      ?      ? ?    ? 'X-RAY DIFFRACTION' 
r_nbd_refined                ?      ?      ? ?    ? 'X-RAY DIFFRACTION' 
r_nbd_other                  ?      ?      ? ?    ? 'X-RAY DIFFRACTION' 
r_nbtor_refined              ?      ?      ? ?    ? 'X-RAY DIFFRACTION' 
r_nbtor_other                ?      ?      ? ?    ? 'X-RAY DIFFRACTION' 
r_xyhbond_nbd_refined        ?      ?      ? ?    ? 'X-RAY DIFFRACTION' 
r_xyhbond_nbd_other          ?      ?      ? ?    ? 'X-RAY DIFFRACTION' 
r_metal_ion_refined          ?      ?      ? ?    ? 'X-RAY DIFFRACTION' 
r_metal_ion_other            ?      ?      ? ?    ? 'X-RAY DIFFRACTION' 
r_symmetry_vdw_refined       ?      ?      ? ?    ? 'X-RAY DIFFRACTION' 
r_symmetry_vdw_other         ?      ?      ? ?    ? 'X-RAY DIFFRACTION' 
r_symmetry_hbond_refined     ?      ?      ? ?    ? 'X-RAY DIFFRACTION' 
r_symmetry_hbond_other       ?      ?      ? ?    ? 'X-RAY DIFFRACTION' 
r_symmetry_metal_ion_refined ?      ?      ? ?    ? 'X-RAY DIFFRACTION' 
r_symmetry_metal_ion_other   ?      ?      ? ?    ? 'X-RAY DIFFRACTION' 
r_mcbond_it                  0.434  1.000  ? 711  ? 'X-RAY DIFFRACTION' 
r_mcbond_other               ?      ?      ? ?    ? 'X-RAY DIFFRACTION' 
r_mcangle_it                 0.945  2.000  ? 1122 ? 'X-RAY DIFFRACTION' 
r_scbond_it                  1.569  3.000  ? 499  ? 'X-RAY DIFFRACTION' 
r_scangle_it                 2.699  4.500  ? 513  ? 'X-RAY DIFFRACTION' 
r_rigid_bond_restr           ?      ?      ? ?    ? 'X-RAY DIFFRACTION' 
r_sphericity_free            ?      ?      ? ?    ? 'X-RAY DIFFRACTION' 
r_sphericity_bonded          ?      ?      ? ?    ? 'X-RAY DIFFRACTION' 
# 
_refine_ls_shell.pdbx_refine_id                   'X-RAY DIFFRACTION' 
_refine_ls_shell.pdbx_total_number_of_bins_used   5 
_refine_ls_shell.d_res_high                       3.202 
_refine_ls_shell.d_res_low                        3.573 
_refine_ls_shell.number_reflns_R_work             1485 
_refine_ls_shell.R_factor_R_work                  0.216 
_refine_ls_shell.percent_reflns_obs               83.65 
_refine_ls_shell.R_factor_R_free                  0.229 
_refine_ls_shell.R_factor_R_free_error            ? 
_refine_ls_shell.percent_reflns_R_free            ? 
_refine_ls_shell.number_reflns_R_free             76 
_refine_ls_shell.number_reflns_all                ? 
_refine_ls_shell.R_factor_all                     ? 
_refine_ls_shell.number_reflns_obs                1485 
_refine_ls_shell.redundancy_reflns_obs            ? 
# 
_struct.entry_id                  3B29 
_struct.title                     'Human leukotriene C4 synthase in complex with dodecyl-beta-D-selenomaltoside' 
_struct.pdbx_model_details        ? 
_struct.pdbx_CASP_flag            ? 
_struct.pdbx_model_type_details   ? 
# 
_struct_keywords.entry_id        3B29 
_struct_keywords.pdbx_keywords   LYASE 
_struct_keywords.text            'membrane protein, helix bundle, homo trimer, mGST, MAPEG, LYASE' 
# 
loop_
_struct_asym.id 
_struct_asym.pdbx_blank_PDB_chainid_flag 
_struct_asym.pdbx_modified 
_struct_asym.entity_id 
_struct_asym.details 
A N N 1 ? 
B N N 2 ? 
C N N 3 ? 
D N N 4 ? 
E N N 4 ? 
F N N 4 ? 
G N N 4 ? 
H N N 4 ? 
I N N 5 ? 
# 
_struct_ref.id                         1 
_struct_ref.db_name                    UNP 
_struct_ref.db_code                    LTC4S_HUMAN 
_struct_ref.pdbx_db_accession          Q16873 
_struct_ref.entity_id                  1 
_struct_ref.pdbx_seq_one_letter_code   
;MKDEVALLAAVTLLGVLLQAYFSLQVISARRAFRVSPPLTTGPPEFERVYRAQVNCSEYFPLFLATLWVAGIFFHEGAAA
LCGLVYLFARLRYFQGYARSAQLRLAPLYASARALWLLVALAALGLLAHFLPAALRAALLGRLRTLLPWA
;
_struct_ref.pdbx_align_begin           1 
_struct_ref.pdbx_db_isoform            ? 
# 
_struct_ref_seq.align_id                      1 
_struct_ref_seq.ref_id                        1 
_struct_ref_seq.pdbx_PDB_id_code              3B29 
_struct_ref_seq.pdbx_strand_id                A 
_struct_ref_seq.seq_align_beg                 1 
_struct_ref_seq.pdbx_seq_align_beg_ins_code   ? 
_struct_ref_seq.seq_align_end                 150 
_struct_ref_seq.pdbx_seq_align_end_ins_code   ? 
_struct_ref_seq.pdbx_db_accession             Q16873 
_struct_ref_seq.db_align_beg                  1 
_struct_ref_seq.pdbx_db_align_beg_ins_code    ? 
_struct_ref_seq.db_align_end                  150 
_struct_ref_seq.pdbx_db_align_end_ins_code    ? 
_struct_ref_seq.pdbx_auth_seq_align_beg       1 
_struct_ref_seq.pdbx_auth_seq_align_end       150 
# 
loop_
_struct_ref_seq_dif.align_id 
_struct_ref_seq_dif.pdbx_pdb_id_code 
_struct_ref_seq_dif.mon_id 
_struct_ref_seq_dif.pdbx_pdb_strand_id 
_struct_ref_seq_dif.seq_num 
_struct_ref_seq_dif.pdbx_pdb_ins_code 
_struct_ref_seq_dif.pdbx_seq_db_name 
_struct_ref_seq_dif.pdbx_seq_db_accession_code 
_struct_ref_seq_dif.db_mon_id 
_struct_ref_seq_dif.pdbx_seq_db_seq_num 
_struct_ref_seq_dif.details 
_struct_ref_seq_dif.pdbx_auth_seq_num 
_struct_ref_seq_dif.pdbx_ordinal 
1 3B29 HIS A 151 ? UNP Q16873 ? ? 'expression tag' 151 1 
1 3B29 HIS A 152 ? UNP Q16873 ? ? 'expression tag' 152 2 
1 3B29 HIS A 153 ? UNP Q16873 ? ? 'expression tag' 153 3 
1 3B29 HIS A 154 ? UNP Q16873 ? ? 'expression tag' 154 4 
1 3B29 HIS A 155 ? UNP Q16873 ? ? 'expression tag' 155 5 
1 3B29 HIS A 156 ? UNP Q16873 ? ? 'expression tag' 156 6 
# 
_pdbx_struct_assembly.id                   1 
_pdbx_struct_assembly.details              author_and_software_defined_assembly 
_pdbx_struct_assembly.method_details       PISA 
_pdbx_struct_assembly.oligomeric_details   trimeric 
_pdbx_struct_assembly.oligomeric_count     3 
# 
loop_
_pdbx_struct_assembly_prop.biol_id 
_pdbx_struct_assembly_prop.type 
_pdbx_struct_assembly_prop.value 
_pdbx_struct_assembly_prop.details 
1 'ABSA (A^2)' 9670  ? 
1 MORE         -80   ? 
1 'SSA (A^2)'  19070 ? 
# 
_pdbx_struct_assembly_gen.assembly_id       1 
_pdbx_struct_assembly_gen.oper_expression   1,2,3 
_pdbx_struct_assembly_gen.asym_id_list      A,B,C,D,E,F,G,H,I 
# 
loop_
_pdbx_struct_oper_list.id 
_pdbx_struct_oper_list.type 
_pdbx_struct_oper_list.name 
_pdbx_struct_oper_list.symmetry_operation 
_pdbx_struct_oper_list.matrix[1][1] 
_pdbx_struct_oper_list.matrix[1][2] 
_pdbx_struct_oper_list.matrix[1][3] 
_pdbx_struct_oper_list.vector[1] 
_pdbx_struct_oper_list.matrix[2][1] 
_pdbx_struct_oper_list.matrix[2][2] 
_pdbx_struct_oper_list.matrix[2][3] 
_pdbx_struct_oper_list.vector[2] 
_pdbx_struct_oper_list.matrix[3][1] 
_pdbx_struct_oper_list.matrix[3][2] 
_pdbx_struct_oper_list.matrix[3][3] 
_pdbx_struct_oper_list.vector[3] 
1 'identity operation'         1_555  x,y,z             1.0000000000 0.0000000000  0.0000000000 0.0000000000  0.0000000000  1.0000000000  0.0000000000  0.0000000000  0.0000000000 0.0000000000  1.0000000000 0.0000000000   
2 'crystal symmetry operation' 24_654 -y+1,-z+1/2,x-1/2 0.1595850006 0.9522437710  0.2603160159 -4.5756697580 -0.1267888647 -0.2417407151 0.9620218347  16.4022476104 0.9790082795 -0.1865294272 0.0821557145 -6.0542906425  
3 'crystal symmetry operation' 30_565 z+1/2,-x+1,-y+1/2 0.1595850006 -0.1267888647 0.9790082795 8.7370312798  0.9522437710  -0.2417407151 -0.1865294272 7.1929407261  0.2603160159 0.9620218347  0.0821557145 -14.0908056448  
# 
_struct_biol.id        1 
_struct_biol.details   ? 
# 
loop_
_struct_conf.conf_type_id 
_struct_conf.id 
_struct_conf.pdbx_PDB_helix_id 
_struct_conf.beg_label_comp_id 
_struct_conf.beg_label_asym_id 
_struct_conf.beg_label_seq_id 
_struct_conf.pdbx_beg_PDB_ins_code 
_struct_conf.end_label_comp_id 
_struct_conf.end_label_asym_id 
_struct_conf.end_label_seq_id 
_struct_conf.pdbx_end_PDB_ins_code 
_struct_conf.beg_auth_comp_id 
_struct_conf.beg_auth_asym_id 
_struct_conf.beg_auth_seq_id 
_struct_conf.end_auth_comp_id 
_struct_conf.end_auth_asym_id 
_struct_conf.end_auth_seq_id 
_struct_conf.pdbx_PDB_helix_class 
_struct_conf.details 
_struct_conf.pdbx_PDB_helix_length 
HELX_P HELX_P1 1 VAL A 5   ? PHE A 33  ? VAL A 5   PHE A 33  1 ? 29 
HELX_P HELX_P2 2 PRO A 43  ? PHE A 74  ? PRO A 43  PHE A 74  1 ? 32 
HELX_P HELX_P3 3 HIS A 75  ? SER A 100 ? HIS A 75  SER A 100 1 ? 26 
HELX_P HELX_P4 4 ALA A 101 ? LEU A 103 ? ALA A 101 LEU A 103 5 ? 3  
HELX_P HELX_P5 5 ARG A 104 ? ARG A 142 ? ARG A 104 ARG A 142 1 ? 39 
# 
_struct_conf_type.id          HELX_P 
_struct_conf_type.criteria    ? 
_struct_conf_type.reference   ? 
# 
_struct_mon_prot_cis.pdbx_id                1 
_struct_mon_prot_cis.label_comp_id          PRO 
_struct_mon_prot_cis.label_seq_id           37 
_struct_mon_prot_cis.label_asym_id          A 
_struct_mon_prot_cis.label_alt_id           . 
_struct_mon_prot_cis.pdbx_PDB_ins_code      ? 
_struct_mon_prot_cis.auth_comp_id           PRO 
_struct_mon_prot_cis.auth_seq_id            37 
_struct_mon_prot_cis.auth_asym_id           A 
_struct_mon_prot_cis.pdbx_label_comp_id_2   PRO 
_struct_mon_prot_cis.pdbx_label_seq_id_2    38 
_struct_mon_prot_cis.pdbx_label_asym_id_2   A 
_struct_mon_prot_cis.pdbx_PDB_ins_code_2    ? 
_struct_mon_prot_cis.pdbx_auth_comp_id_2    PRO 
_struct_mon_prot_cis.pdbx_auth_seq_id_2     38 
_struct_mon_prot_cis.pdbx_auth_asym_id_2    A 
_struct_mon_prot_cis.pdbx_PDB_model_num     1 
_struct_mon_prot_cis.pdbx_omega_angle       5.40 
# 
loop_
_struct_site.id 
_struct_site.pdbx_evidence_code 
_struct_site.pdbx_auth_asym_id 
_struct_site.pdbx_auth_comp_id 
_struct_site.pdbx_auth_seq_id 
_struct_site.pdbx_auth_ins_code 
_struct_site.pdbx_num_residues 
_struct_site.details 
AC1 Software A GSH 201 ? 14 'BINDING SITE FOR RESIDUE GSH A 201' 
AC2 Software A SO4 202 ? 6  'BINDING SITE FOR RESIDUE SO4 A 202' 
AC3 Software A LSM 203 ? 2  'BINDING SITE FOR RESIDUE LSM A 203' 
AC4 Software A LSM 207 ? 2  'BINDING SITE FOR RESIDUE LSM A 207' 
AC5 Software A LSM 208 ? 1  'BINDING SITE FOR RESIDUE LSM A 208' 
AC6 Software A LSM 209 ? 10 'BINDING SITE FOR RESIDUE LSM A 209' 
AC7 Software A LSM 210 ? 6  'BINDING SITE FOR RESIDUE LSM A 210' 
# 
loop_
_struct_site_gen.id 
_struct_site_gen.site_id 
_struct_site_gen.pdbx_num_res 
_struct_site_gen.label_comp_id 
_struct_site_gen.label_asym_id 
_struct_site_gen.label_seq_id 
_struct_site_gen.pdbx_auth_ins_code 
_struct_site_gen.auth_comp_id 
_struct_site_gen.auth_asym_id 
_struct_site_gen.auth_seq_id 
_struct_site_gen.label_atom_id 
_struct_site_gen.label_alt_id 
_struct_site_gen.symmetry 
_struct_site_gen.details 
1  AC1 14 VAL A 26  ? VAL A 26  . ? 24_654 ? 
2  AC1 14 ARG A 30  ? ARG A 30  . ? 24_654 ? 
3  AC1 14 TYR A 50  ? TYR A 50  . ? 24_654 ? 
4  AC1 14 ARG A 51  ? ARG A 51  . ? 1_555  ? 
5  AC1 14 GLN A 53  ? GLN A 53  . ? 24_654 ? 
6  AC1 14 ASN A 55  ? ASN A 55  . ? 1_555  ? 
7  AC1 14 GLU A 58  ? GLU A 58  . ? 1_555  ? 
8  AC1 14 TYR A 59  ? TYR A 59  . ? 1_555  ? 
9  AC1 14 TYR A 93  ? TYR A 93  . ? 1_555  ? 
10 AC1 14 TYR A 97  ? TYR A 97  . ? 1_555  ? 
11 AC1 14 ARG A 104 ? ARG A 104 . ? 1_555  ? 
12 AC1 14 LEU A 108 ? LEU A 108 . ? 1_555  ? 
13 AC1 14 HOH I .   ? HOH A 205 . ? 24_654 ? 
14 AC1 14 LSM H .   ? LSM A 210 . ? 1_555  ? 
15 AC2 6  ARG A 48  ? ARG A 48  . ? 16_555 ? 
16 AC2 6  SER A 100 ? SER A 100 . ? 16_555 ? 
17 AC2 6  SER A 100 ? SER A 100 . ? 1_555  ? 
18 AC2 6  ALA A 101 ? ALA A 101 . ? 16_555 ? 
19 AC2 6  ALA A 101 ? ALA A 101 . ? 1_555  ? 
20 AC2 6  GLN A 102 ? GLN A 102 . ? 1_555  ? 
21 AC3 2  TRP A 68  ? TRP A 68  . ? 1_555  ? 
22 AC3 2  ILE A 72  ? ILE A 72  . ? 30_565 ? 
23 AC4 2  GLY A 77  ? GLY A 77  . ? 1_555  ? 
24 AC4 2  LEU A 81  ? LEU A 81  . ? 1_555  ? 
25 AC5 1  PHE A 130 ? PHE A 130 . ? 30_565 ? 
26 AC6 10 LYS A 2   ? LYS A 2   . ? 23_555 ? 
27 AC6 10 ASP A 3   ? ASP A 3   . ? 23_555 ? 
28 AC6 10 PHE A 73  ? PHE A 73  . ? 1_555  ? 
29 AC6 10 LEU A 124 ? LEU A 124 . ? 1_555  ? 
30 AC6 10 ALA A 128 ? ALA A 128 . ? 3_655  ? 
31 AC6 10 HIS A 129 ? HIS A 129 . ? 3_655  ? 
32 AC6 10 PHE A 130 ? PHE A 130 . ? 3_655  ? 
33 AC6 10 PRO A 132 ? PRO A 132 . ? 3_655  ? 
34 AC6 10 ALA A 133 ? ALA A 133 . ? 3_655  ? 
35 AC6 10 ARG A 136 ? ARG A 136 . ? 3_655  ? 
36 AC7 6  ALA A 20  ? ALA A 20  . ? 24_654 ? 
37 AC7 6  LEU A 24  ? LEU A 24  . ? 24_654 ? 
38 AC7 6  ILE A 27  ? ILE A 27  . ? 24_654 ? 
39 AC7 6  ARG A 104 ? ARG A 104 . ? 1_555  ? 
40 AC7 6  TYR A 109 ? TYR A 109 . ? 1_555  ? 
41 AC7 6  GSH B .   ? GSH A 201 . ? 1_555  ? 
# 
loop_
_pdbx_validate_torsion.id 
_pdbx_validate_torsion.PDB_model_num 
_pdbx_validate_torsion.auth_comp_id 
_pdbx_validate_torsion.auth_asym_id 
_pdbx_validate_torsion.auth_seq_id 
_pdbx_validate_torsion.PDB_ins_code 
_pdbx_validate_torsion.label_alt_id 
_pdbx_validate_torsion.phi 
_pdbx_validate_torsion.psi 
1 1 PHE A 74  ? ? -110.89 -75.15 
2 1 ARG A 142 ? ? -84.31  36.05  
# 
_pdbx_struct_special_symmetry.id              1 
_pdbx_struct_special_symmetry.PDB_model_num   1 
_pdbx_struct_special_symmetry.auth_asym_id    A 
_pdbx_struct_special_symmetry.auth_comp_id    HOH 
_pdbx_struct_special_symmetry.auth_seq_id     206 
_pdbx_struct_special_symmetry.PDB_ins_code    ? 
_pdbx_struct_special_symmetry.label_asym_id   I 
_pdbx_struct_special_symmetry.label_comp_id   HOH 
_pdbx_struct_special_symmetry.label_seq_id    . 
# 
loop_
_pdbx_unobs_or_zero_occ_residues.id 
_pdbx_unobs_or_zero_occ_residues.PDB_model_num 
_pdbx_unobs_or_zero_occ_residues.polymer_flag 
_pdbx_unobs_or_zero_occ_residues.occupancy_flag 
_pdbx_unobs_or_zero_occ_residues.auth_asym_id 
_pdbx_unobs_or_zero_occ_residues.auth_comp_id 
_pdbx_unobs_or_zero_occ_residues.auth_seq_id 
_pdbx_unobs_or_zero_occ_residues.PDB_ins_code 
_pdbx_unobs_or_zero_occ_residues.label_asym_id 
_pdbx_unobs_or_zero_occ_residues.label_comp_id 
_pdbx_unobs_or_zero_occ_residues.label_seq_id 
1  1 Y 1 A MET 1   ? A MET 1   
2  1 Y 1 A ARG 144 ? A ARG 144 
3  1 Y 1 A THR 145 ? A THR 145 
4  1 Y 1 A LEU 146 ? A LEU 146 
5  1 Y 1 A LEU 147 ? A LEU 147 
6  1 Y 1 A PRO 148 ? A PRO 148 
7  1 Y 1 A TRP 149 ? A TRP 149 
8  1 Y 1 A ALA 150 ? A ALA 150 
9  1 Y 1 A HIS 151 ? A HIS 151 
10 1 Y 1 A HIS 152 ? A HIS 152 
11 1 Y 1 A HIS 153 ? A HIS 153 
12 1 Y 1 A HIS 154 ? A HIS 154 
13 1 Y 1 A HIS 155 ? A HIS 155 
14 1 Y 1 A HIS 156 ? A HIS 156 
# 
loop_
_chem_comp_atom.comp_id 
_chem_comp_atom.atom_id 
_chem_comp_atom.type_symbol 
_chem_comp_atom.pdbx_aromatic_flag 
_chem_comp_atom.pdbx_stereo_config 
_chem_comp_atom.pdbx_ordinal 
ALA N      N  N N 1   
ALA CA     C  N S 2   
ALA C      C  N N 3   
ALA O      O  N N 4   
ALA CB     C  N N 5   
ALA OXT    O  N N 6   
ALA H      H  N N 7   
ALA H2     H  N N 8   
ALA HA     H  N N 9   
ALA HB1    H  N N 10  
ALA HB2    H  N N 11  
ALA HB3    H  N N 12  
ALA HXT    H  N N 13  
ARG N      N  N N 14  
ARG CA     C  N S 15  
ARG C      C  N N 16  
ARG O      O  N N 17  
ARG CB     C  N N 18  
ARG CG     C  N N 19  
ARG CD     C  N N 20  
ARG NE     N  N N 21  
ARG CZ     C  N N 22  
ARG NH1    N  N N 23  
ARG NH2    N  N N 24  
ARG OXT    O  N N 25  
ARG H      H  N N 26  
ARG H2     H  N N 27  
ARG HA     H  N N 28  
ARG HB2    H  N N 29  
ARG HB3    H  N N 30  
ARG HG2    H  N N 31  
ARG HG3    H  N N 32  
ARG HD2    H  N N 33  
ARG HD3    H  N N 34  
ARG HE     H  N N 35  
ARG HH11   H  N N 36  
ARG HH12   H  N N 37  
ARG HH21   H  N N 38  
ARG HH22   H  N N 39  
ARG HXT    H  N N 40  
ASN N      N  N N 41  
ASN CA     C  N S 42  
ASN C      C  N N 43  
ASN O      O  N N 44  
ASN CB     C  N N 45  
ASN CG     C  N N 46  
ASN OD1    O  N N 47  
ASN ND2    N  N N 48  
ASN OXT    O  N N 49  
ASN H      H  N N 50  
ASN H2     H  N N 51  
ASN HA     H  N N 52  
ASN HB2    H  N N 53  
ASN HB3    H  N N 54  
ASN HD21   H  N N 55  
ASN HD22   H  N N 56  
ASN HXT    H  N N 57  
ASP N      N  N N 58  
ASP CA     C  N S 59  
ASP C      C  N N 60  
ASP O      O  N N 61  
ASP CB     C  N N 62  
ASP CG     C  N N 63  
ASP OD1    O  N N 64  
ASP OD2    O  N N 65  
ASP OXT    O  N N 66  
ASP H      H  N N 67  
ASP H2     H  N N 68  
ASP HA     H  N N 69  
ASP HB2    H  N N 70  
ASP HB3    H  N N 71  
ASP HD2    H  N N 72  
ASP HXT    H  N N 73  
CYS N      N  N N 74  
CYS CA     C  N R 75  
CYS C      C  N N 76  
CYS O      O  N N 77  
CYS CB     C  N N 78  
CYS SG     S  N N 79  
CYS OXT    O  N N 80  
CYS H      H  N N 81  
CYS H2     H  N N 82  
CYS HA     H  N N 83  
CYS HB2    H  N N 84  
CYS HB3    H  N N 85  
CYS HG     H  N N 86  
CYS HXT    H  N N 87  
GLN N      N  N N 88  
GLN CA     C  N S 89  
GLN C      C  N N 90  
GLN O      O  N N 91  
GLN CB     C  N N 92  
GLN CG     C  N N 93  
GLN CD     C  N N 94  
GLN OE1    O  N N 95  
GLN NE2    N  N N 96  
GLN OXT    O  N N 97  
GLN H      H  N N 98  
GLN H2     H  N N 99  
GLN HA     H  N N 100 
GLN HB2    H  N N 101 
GLN HB3    H  N N 102 
GLN HG2    H  N N 103 
GLN HG3    H  N N 104 
GLN HE21   H  N N 105 
GLN HE22   H  N N 106 
GLN HXT    H  N N 107 
GLU N      N  N N 108 
GLU CA     C  N S 109 
GLU C      C  N N 110 
GLU O      O  N N 111 
GLU CB     C  N N 112 
GLU CG     C  N N 113 
GLU CD     C  N N 114 
GLU OE1    O  N N 115 
GLU OE2    O  N N 116 
GLU OXT    O  N N 117 
GLU H      H  N N 118 
GLU H2     H  N N 119 
GLU HA     H  N N 120 
GLU HB2    H  N N 121 
GLU HB3    H  N N 122 
GLU HG2    H  N N 123 
GLU HG3    H  N N 124 
GLU HE2    H  N N 125 
GLU HXT    H  N N 126 
GLY N      N  N N 127 
GLY CA     C  N N 128 
GLY C      C  N N 129 
GLY O      O  N N 130 
GLY OXT    O  N N 131 
GLY H      H  N N 132 
GLY H2     H  N N 133 
GLY HA2    H  N N 134 
GLY HA3    H  N N 135 
GLY HXT    H  N N 136 
GSH N1     N  N N 137 
GSH CA1    C  N S 138 
GSH C1     C  N N 139 
GSH O11    O  N N 140 
GSH O12    O  N N 141 
GSH CB1    C  N N 142 
GSH CG1    C  N N 143 
GSH CD1    C  N N 144 
GSH OE1    O  N N 145 
GSH N2     N  N N 146 
GSH CA2    C  N R 147 
GSH C2     C  N N 148 
GSH O2     O  N N 149 
GSH CB2    C  N N 150 
GSH SG2    S  N N 151 
GSH N3     N  N N 152 
GSH CA3    C  N N 153 
GSH C3     C  N N 154 
GSH O31    O  N N 155 
GSH O32    O  N N 156 
GSH HN11   H  N N 157 
GSH HN12   H  N N 158 
GSH HA1    H  N N 159 
GSH H12    H  N N 160 
GSH HB12   H  N N 161 
GSH HB13   H  N N 162 
GSH HG12   H  N N 163 
GSH HG13   H  N N 164 
GSH HN2    H  N N 165 
GSH HA2    H  N N 166 
GSH HB22   H  N N 167 
GSH HB23   H  N N 168 
GSH HSG    H  N N 169 
GSH HN3    H  N N 170 
GSH HA31   H  N N 171 
GSH HA32   H  N N 172 
GSH H32    H  N N 173 
HIS N      N  N N 174 
HIS CA     C  N S 175 
HIS C      C  N N 176 
HIS O      O  N N 177 
HIS CB     C  N N 178 
HIS CG     C  Y N 179 
HIS ND1    N  Y N 180 
HIS CD2    C  Y N 181 
HIS CE1    C  Y N 182 
HIS NE2    N  Y N 183 
HIS OXT    O  N N 184 
HIS H      H  N N 185 
HIS H2     H  N N 186 
HIS HA     H  N N 187 
HIS HB2    H  N N 188 
HIS HB3    H  N N 189 
HIS HD1    H  N N 190 
HIS HD2    H  N N 191 
HIS HE1    H  N N 192 
HIS HE2    H  N N 193 
HIS HXT    H  N N 194 
HOH O      O  N N 195 
HOH H1     H  N N 196 
HOH H2     H  N N 197 
ILE N      N  N N 198 
ILE CA     C  N S 199 
ILE C      C  N N 200 
ILE O      O  N N 201 
ILE CB     C  N S 202 
ILE CG1    C  N N 203 
ILE CG2    C  N N 204 
ILE CD1    C  N N 205 
ILE OXT    O  N N 206 
ILE H      H  N N 207 
ILE H2     H  N N 208 
ILE HA     H  N N 209 
ILE HB     H  N N 210 
ILE HG12   H  N N 211 
ILE HG13   H  N N 212 
ILE HG21   H  N N 213 
ILE HG22   H  N N 214 
ILE HG23   H  N N 215 
ILE HD11   H  N N 216 
ILE HD12   H  N N 217 
ILE HD13   H  N N 218 
ILE HXT    H  N N 219 
LEU N      N  N N 220 
LEU CA     C  N S 221 
LEU C      C  N N 222 
LEU O      O  N N 223 
LEU CB     C  N N 224 
LEU CG     C  N N 225 
LEU CD1    C  N N 226 
LEU CD2    C  N N 227 
LEU OXT    O  N N 228 
LEU H      H  N N 229 
LEU H2     H  N N 230 
LEU HA     H  N N 231 
LEU HB2    H  N N 232 
LEU HB3    H  N N 233 
LEU HG     H  N N 234 
LEU HD11   H  N N 235 
LEU HD12   H  N N 236 
LEU HD13   H  N N 237 
LEU HD21   H  N N 238 
LEU HD22   H  N N 239 
LEU HD23   H  N N 240 
LEU HXT    H  N N 241 
LSM SE     SE N N 242 
LSM C1     C  N N 243 
LSM C2     C  N N 244 
LSM C3     C  N N 245 
LSM C4     C  N N 246 
LSM C5     C  N N 247 
LSM C6     C  N N 248 
LSM C7     C  N N 249 
LSM C8     C  N N 250 
LSM C9     C  N N 251 
LSM "C1'"  C  N S 252 
LSM C1B    C  N R 253 
LSM O1B    O  N N 254 
LSM "C2'"  C  N R 255 
LSM "O2'"  O  N N 256 
LSM C2B    C  N R 257 
LSM O2B    O  N N 258 
LSM "C3'"  C  N R 259 
LSM "O3'"  O  N N 260 
LSM C3B    C  N S 261 
LSM O3B    O  N N 262 
LSM "C4'"  C  N S 263 
LSM O4B    O  N N 264 
LSM C4B    C  N S 265 
LSM "C5'"  C  N R 266 
LSM "O5'"  O  N N 267 
LSM C5B    C  N R 268 
LSM O5B    O  N N 269 
LSM "C6'"  C  N N 270 
LSM "O6'"  O  N N 271 
LSM C6B    C  N N 272 
LSM O6B    O  N N 273 
LSM H1     H  N N 274 
LSM H1A    H  N N 275 
LSM H2     H  N N 276 
LSM H2A    H  N N 277 
LSM H3     H  N N 278 
LSM H3A    H  N N 279 
LSM H4     H  N N 280 
LSM H4A    H  N N 281 
LSM H5     H  N N 282 
LSM H5A    H  N N 283 
LSM H6     H  N N 284 
LSM H6A    H  N N 285 
LSM H7     H  N N 286 
LSM H7A    H  N N 287 
LSM H8     H  N N 288 
LSM H8A    H  N N 289 
LSM H9     H  N N 290 
LSM H9A    H  N N 291 
LSM "H1'"  H  N N 292 
LSM H1B    H  N N 293 
LSM "H2'"  H  N N 294 
LSM "HO2'" H  N N 295 
LSM H2B    H  N N 296 
LSM HO2B   H  N N 297 
LSM "H3'"  H  N N 298 
LSM "HO3'" H  N N 299 
LSM H3B    H  N N 300 
LSM HO3B   H  N N 301 
LSM "H4'"  H  N N 302 
LSM HO4B   H  N N 303 
LSM H4B    H  N N 304 
LSM "H5'"  H  N N 305 
LSM H5B    H  N N 306 
LSM "H6'"  H  N N 307 
LSM "H6'A" H  N N 308 
LSM "HO6'" H  N N 309 
LSM H6B    H  N N 310 
LSM H6BA   H  N N 311 
LSM HO6B   H  N N 312 
LSM C10    C  N N 313 
LSM C11    C  N N 314 
LSM C12    C  N N 315 
LSM H10    H  N N 316 
LSM H10A   H  N N 317 
LSM H11    H  N N 318 
LSM H11A   H  N N 319 
LSM H12    H  N N 320 
LSM H12A   H  N N 321 
LSM H12B   H  N N 322 
LYS N      N  N N 323 
LYS CA     C  N S 324 
LYS C      C  N N 325 
LYS O      O  N N 326 
LYS CB     C  N N 327 
LYS CG     C  N N 328 
LYS CD     C  N N 329 
LYS CE     C  N N 330 
LYS NZ     N  N N 331 
LYS OXT    O  N N 332 
LYS H      H  N N 333 
LYS H2     H  N N 334 
LYS HA     H  N N 335 
LYS HB2    H  N N 336 
LYS HB3    H  N N 337 
LYS HG2    H  N N 338 
LYS HG3    H  N N 339 
LYS HD2    H  N N 340 
LYS HD3    H  N N 341 
LYS HE2    H  N N 342 
LYS HE3    H  N N 343 
LYS HZ1    H  N N 344 
LYS HZ2    H  N N 345 
LYS HZ3    H  N N 346 
LYS HXT    H  N N 347 
MET N      N  N N 348 
MET CA     C  N S 349 
MET C      C  N N 350 
MET O      O  N N 351 
MET CB     C  N N 352 
MET CG     C  N N 353 
MET SD     S  N N 354 
MET CE     C  N N 355 
MET OXT    O  N N 356 
MET H      H  N N 357 
MET H2     H  N N 358 
MET HA     H  N N 359 
MET HB2    H  N N 360 
MET HB3    H  N N 361 
MET HG2    H  N N 362 
MET HG3    H  N N 363 
MET HE1    H  N N 364 
MET HE2    H  N N 365 
MET HE3    H  N N 366 
MET HXT    H  N N 367 
PHE N      N  N N 368 
PHE CA     C  N S 369 
PHE C      C  N N 370 
PHE O      O  N N 371 
PHE CB     C  N N 372 
PHE CG     C  Y N 373 
PHE CD1    C  Y N 374 
PHE CD2    C  Y N 375 
PHE CE1    C  Y N 376 
PHE CE2    C  Y N 377 
PHE CZ     C  Y N 378 
PHE OXT    O  N N 379 
PHE H      H  N N 380 
PHE H2     H  N N 381 
PHE HA     H  N N 382 
PHE HB2    H  N N 383 
PHE HB3    H  N N 384 
PHE HD1    H  N N 385 
PHE HD2    H  N N 386 
PHE HE1    H  N N 387 
PHE HE2    H  N N 388 
PHE HZ     H  N N 389 
PHE HXT    H  N N 390 
PRO N      N  N N 391 
PRO CA     C  N S 392 
PRO C      C  N N 393 
PRO O      O  N N 394 
PRO CB     C  N N 395 
PRO CG     C  N N 396 
PRO CD     C  N N 397 
PRO OXT    O  N N 398 
PRO H      H  N N 399 
PRO HA     H  N N 400 
PRO HB2    H  N N 401 
PRO HB3    H  N N 402 
PRO HG2    H  N N 403 
PRO HG3    H  N N 404 
PRO HD2    H  N N 405 
PRO HD3    H  N N 406 
PRO HXT    H  N N 407 
SER N      N  N N 408 
SER CA     C  N S 409 
SER C      C  N N 410 
SER O      O  N N 411 
SER CB     C  N N 412 
SER OG     O  N N 413 
SER OXT    O  N N 414 
SER H      H  N N 415 
SER H2     H  N N 416 
SER HA     H  N N 417 
SER HB2    H  N N 418 
SER HB3    H  N N 419 
SER HG     H  N N 420 
SER HXT    H  N N 421 
SO4 S      S  N N 422 
SO4 O1     O  N N 423 
SO4 O2     O  N N 424 
SO4 O3     O  N N 425 
SO4 O4     O  N N 426 
THR N      N  N N 427 
THR CA     C  N S 428 
THR C      C  N N 429 
THR O      O  N N 430 
THR CB     C  N R 431 
THR OG1    O  N N 432 
THR CG2    C  N N 433 
THR OXT    O  N N 434 
THR H      H  N N 435 
THR H2     H  N N 436 
THR HA     H  N N 437 
THR HB     H  N N 438 
THR HG1    H  N N 439 
THR HG21   H  N N 440 
THR HG22   H  N N 441 
THR HG23   H  N N 442 
THR HXT    H  N N 443 
TRP N      N  N N 444 
TRP CA     C  N S 445 
TRP C      C  N N 446 
TRP O      O  N N 447 
TRP CB     C  N N 448 
TRP CG     C  Y N 449 
TRP CD1    C  Y N 450 
TRP CD2    C  Y N 451 
TRP NE1    N  Y N 452 
TRP CE2    C  Y N 453 
TRP CE3    C  Y N 454 
TRP CZ2    C  Y N 455 
TRP CZ3    C  Y N 456 
TRP CH2    C  Y N 457 
TRP OXT    O  N N 458 
TRP H      H  N N 459 
TRP H2     H  N N 460 
TRP HA     H  N N 461 
TRP HB2    H  N N 462 
TRP HB3    H  N N 463 
TRP HD1    H  N N 464 
TRP HE1    H  N N 465 
TRP HE3    H  N N 466 
TRP HZ2    H  N N 467 
TRP HZ3    H  N N 468 
TRP HH2    H  N N 469 
TRP HXT    H  N N 470 
TYR N      N  N N 471 
TYR CA     C  N S 472 
TYR C      C  N N 473 
TYR O      O  N N 474 
TYR CB     C  N N 475 
TYR CG     C  Y N 476 
TYR CD1    C  Y N 477 
TYR CD2    C  Y N 478 
TYR CE1    C  Y N 479 
TYR CE2    C  Y N 480 
TYR CZ     C  Y N 481 
TYR OH     O  N N 482 
TYR OXT    O  N N 483 
TYR H      H  N N 484 
TYR H2     H  N N 485 
TYR HA     H  N N 486 
TYR HB2    H  N N 487 
TYR HB3    H  N N 488 
TYR HD1    H  N N 489 
TYR HD2    H  N N 490 
TYR HE1    H  N N 491 
TYR HE2    H  N N 492 
TYR HH     H  N N 493 
TYR HXT    H  N N 494 
VAL N      N  N N 495 
VAL CA     C  N S 496 
VAL C      C  N N 497 
VAL O      O  N N 498 
VAL CB     C  N N 499 
VAL CG1    C  N N 500 
VAL CG2    C  N N 501 
VAL OXT    O  N N 502 
VAL H      H  N N 503 
VAL H2     H  N N 504 
VAL HA     H  N N 505 
VAL HB     H  N N 506 
VAL HG11   H  N N 507 
VAL HG12   H  N N 508 
VAL HG13   H  N N 509 
VAL HG21   H  N N 510 
VAL HG22   H  N N 511 
VAL HG23   H  N N 512 
VAL HXT    H  N N 513 
# 
loop_
_chem_comp_bond.comp_id 
_chem_comp_bond.atom_id_1 
_chem_comp_bond.atom_id_2 
_chem_comp_bond.value_order 
_chem_comp_bond.pdbx_aromatic_flag 
_chem_comp_bond.pdbx_stereo_config 
_chem_comp_bond.pdbx_ordinal 
ALA N     CA     sing N N 1   
ALA N     H      sing N N 2   
ALA N     H2     sing N N 3   
ALA CA    C      sing N N 4   
ALA CA    CB     sing N N 5   
ALA CA    HA     sing N N 6   
ALA C     O      doub N N 7   
ALA C     OXT    sing N N 8   
ALA CB    HB1    sing N N 9   
ALA CB    HB2    sing N N 10  
ALA CB    HB3    sing N N 11  
ALA OXT   HXT    sing N N 12  
ARG N     CA     sing N N 13  
ARG N     H      sing N N 14  
ARG N     H2     sing N N 15  
ARG CA    C      sing N N 16  
ARG CA    CB     sing N N 17  
ARG CA    HA     sing N N 18  
ARG C     O      doub N N 19  
ARG C     OXT    sing N N 20  
ARG CB    CG     sing N N 21  
ARG CB    HB2    sing N N 22  
ARG CB    HB3    sing N N 23  
ARG CG    CD     sing N N 24  
ARG CG    HG2    sing N N 25  
ARG CG    HG3    sing N N 26  
ARG CD    NE     sing N N 27  
ARG CD    HD2    sing N N 28  
ARG CD    HD3    sing N N 29  
ARG NE    CZ     sing N N 30  
ARG NE    HE     sing N N 31  
ARG CZ    NH1    sing N N 32  
ARG CZ    NH2    doub N N 33  
ARG NH1   HH11   sing N N 34  
ARG NH1   HH12   sing N N 35  
ARG NH2   HH21   sing N N 36  
ARG NH2   HH22   sing N N 37  
ARG OXT   HXT    sing N N 38  
ASN N     CA     sing N N 39  
ASN N     H      sing N N 40  
ASN N     H2     sing N N 41  
ASN CA    C      sing N N 42  
ASN CA    CB     sing N N 43  
ASN CA    HA     sing N N 44  
ASN C     O      doub N N 45  
ASN C     OXT    sing N N 46  
ASN CB    CG     sing N N 47  
ASN CB    HB2    sing N N 48  
ASN CB    HB3    sing N N 49  
ASN CG    OD1    doub N N 50  
ASN CG    ND2    sing N N 51  
ASN ND2   HD21   sing N N 52  
ASN ND2   HD22   sing N N 53  
ASN OXT   HXT    sing N N 54  
ASP N     CA     sing N N 55  
ASP N     H      sing N N 56  
ASP N     H2     sing N N 57  
ASP CA    C      sing N N 58  
ASP CA    CB     sing N N 59  
ASP CA    HA     sing N N 60  
ASP C     O      doub N N 61  
ASP C     OXT    sing N N 62  
ASP CB    CG     sing N N 63  
ASP CB    HB2    sing N N 64  
ASP CB    HB3    sing N N 65  
ASP CG    OD1    doub N N 66  
ASP CG    OD2    sing N N 67  
ASP OD2   HD2    sing N N 68  
ASP OXT   HXT    sing N N 69  
CYS N     CA     sing N N 70  
CYS N     H      sing N N 71  
CYS N     H2     sing N N 72  
CYS CA    C      sing N N 73  
CYS CA    CB     sing N N 74  
CYS CA    HA     sing N N 75  
CYS C     O      doub N N 76  
CYS C     OXT    sing N N 77  
CYS CB    SG     sing N N 78  
CYS CB    HB2    sing N N 79  
CYS CB    HB3    sing N N 80  
CYS SG    HG     sing N N 81  
CYS OXT   HXT    sing N N 82  
GLN N     CA     sing N N 83  
GLN N     H      sing N N 84  
GLN N     H2     sing N N 85  
GLN CA    C      sing N N 86  
GLN CA    CB     sing N N 87  
GLN CA    HA     sing N N 88  
GLN C     O      doub N N 89  
GLN C     OXT    sing N N 90  
GLN CB    CG     sing N N 91  
GLN CB    HB2    sing N N 92  
GLN CB    HB3    sing N N 93  
GLN CG    CD     sing N N 94  
GLN CG    HG2    sing N N 95  
GLN CG    HG3    sing N N 96  
GLN CD    OE1    doub N N 97  
GLN CD    NE2    sing N N 98  
GLN NE2   HE21   sing N N 99  
GLN NE2   HE22   sing N N 100 
GLN OXT   HXT    sing N N 101 
GLU N     CA     sing N N 102 
GLU N     H      sing N N 103 
GLU N     H2     sing N N 104 
GLU CA    C      sing N N 105 
GLU CA    CB     sing N N 106 
GLU CA    HA     sing N N 107 
GLU C     O      doub N N 108 
GLU C     OXT    sing N N 109 
GLU CB    CG     sing N N 110 
GLU CB    HB2    sing N N 111 
GLU CB    HB3    sing N N 112 
GLU CG    CD     sing N N 113 
GLU CG    HG2    sing N N 114 
GLU CG    HG3    sing N N 115 
GLU CD    OE1    doub N N 116 
GLU CD    OE2    sing N N 117 
GLU OE2   HE2    sing N N 118 
GLU OXT   HXT    sing N N 119 
GLY N     CA     sing N N 120 
GLY N     H      sing N N 121 
GLY N     H2     sing N N 122 
GLY CA    C      sing N N 123 
GLY CA    HA2    sing N N 124 
GLY CA    HA3    sing N N 125 
GLY C     O      doub N N 126 
GLY C     OXT    sing N N 127 
GLY OXT   HXT    sing N N 128 
GSH N1    CA1    sing N N 129 
GSH N1    HN11   sing N N 130 
GSH N1    HN12   sing N N 131 
GSH CA1   C1     sing N N 132 
GSH CA1   CB1    sing N N 133 
GSH CA1   HA1    sing N N 134 
GSH C1    O11    doub N N 135 
GSH C1    O12    sing N N 136 
GSH O12   H12    sing N N 137 
GSH CB1   CG1    sing N N 138 
GSH CB1   HB12   sing N N 139 
GSH CB1   HB13   sing N N 140 
GSH CG1   CD1    sing N N 141 
GSH CG1   HG12   sing N N 142 
GSH CG1   HG13   sing N N 143 
GSH CD1   OE1    doub N N 144 
GSH CD1   N2     sing N N 145 
GSH N2    CA2    sing N N 146 
GSH N2    HN2    sing N N 147 
GSH CA2   C2     sing N N 148 
GSH CA2   CB2    sing N N 149 
GSH CA2   HA2    sing N N 150 
GSH C2    O2     doub N N 151 
GSH C2    N3     sing N N 152 
GSH CB2   SG2    sing N N 153 
GSH CB2   HB22   sing N N 154 
GSH CB2   HB23   sing N N 155 
GSH SG2   HSG    sing N N 156 
GSH N3    CA3    sing N N 157 
GSH N3    HN3    sing N N 158 
GSH CA3   C3     sing N N 159 
GSH CA3   HA31   sing N N 160 
GSH CA3   HA32   sing N N 161 
GSH C3    O31    doub N N 162 
GSH C3    O32    sing N N 163 
GSH O32   H32    sing N N 164 
HIS N     CA     sing N N 165 
HIS N     H      sing N N 166 
HIS N     H2     sing N N 167 
HIS CA    C      sing N N 168 
HIS CA    CB     sing N N 169 
HIS CA    HA     sing N N 170 
HIS C     O      doub N N 171 
HIS C     OXT    sing N N 172 
HIS CB    CG     sing N N 173 
HIS CB    HB2    sing N N 174 
HIS CB    HB3    sing N N 175 
HIS CG    ND1    sing Y N 176 
HIS CG    CD2    doub Y N 177 
HIS ND1   CE1    doub Y N 178 
HIS ND1   HD1    sing N N 179 
HIS CD2   NE2    sing Y N 180 
HIS CD2   HD2    sing N N 181 
HIS CE1   NE2    sing Y N 182 
HIS CE1   HE1    sing N N 183 
HIS NE2   HE2    sing N N 184 
HIS OXT   HXT    sing N N 185 
HOH O     H1     sing N N 186 
HOH O     H2     sing N N 187 
ILE N     CA     sing N N 188 
ILE N     H      sing N N 189 
ILE N     H2     sing N N 190 
ILE CA    C      sing N N 191 
ILE CA    CB     sing N N 192 
ILE CA    HA     sing N N 193 
ILE C     O      doub N N 194 
ILE C     OXT    sing N N 195 
ILE CB    CG1    sing N N 196 
ILE CB    CG2    sing N N 197 
ILE CB    HB     sing N N 198 
ILE CG1   CD1    sing N N 199 
ILE CG1   HG12   sing N N 200 
ILE CG1   HG13   sing N N 201 
ILE CG2   HG21   sing N N 202 
ILE CG2   HG22   sing N N 203 
ILE CG2   HG23   sing N N 204 
ILE CD1   HD11   sing N N 205 
ILE CD1   HD12   sing N N 206 
ILE CD1   HD13   sing N N 207 
ILE OXT   HXT    sing N N 208 
LEU N     CA     sing N N 209 
LEU N     H      sing N N 210 
LEU N     H2     sing N N 211 
LEU CA    C      sing N N 212 
LEU CA    CB     sing N N 213 
LEU CA    HA     sing N N 214 
LEU C     O      doub N N 215 
LEU C     OXT    sing N N 216 
LEU CB    CG     sing N N 217 
LEU CB    HB2    sing N N 218 
LEU CB    HB3    sing N N 219 
LEU CG    CD1    sing N N 220 
LEU CG    CD2    sing N N 221 
LEU CG    HG     sing N N 222 
LEU CD1   HD11   sing N N 223 
LEU CD1   HD12   sing N N 224 
LEU CD1   HD13   sing N N 225 
LEU CD2   HD21   sing N N 226 
LEU CD2   HD22   sing N N 227 
LEU CD2   HD23   sing N N 228 
LEU OXT   HXT    sing N N 229 
LSM SE    C1     sing N N 230 
LSM SE    "C1'"  sing N N 231 
LSM C1    C2     sing N N 232 
LSM C1    H1     sing N N 233 
LSM C1    H1A    sing N N 234 
LSM C2    C3     sing N N 235 
LSM C2    H2     sing N N 236 
LSM C2    H2A    sing N N 237 
LSM C3    C4     sing N N 238 
LSM C3    H3     sing N N 239 
LSM C3    H3A    sing N N 240 
LSM C4    C5     sing N N 241 
LSM C4    H4     sing N N 242 
LSM C4    H4A    sing N N 243 
LSM C5    C6     sing N N 244 
LSM C5    H5     sing N N 245 
LSM C5    H5A    sing N N 246 
LSM C6    C7     sing N N 247 
LSM C6    H6     sing N N 248 
LSM C6    H6A    sing N N 249 
LSM C7    C8     sing N N 250 
LSM C7    H7     sing N N 251 
LSM C7    H7A    sing N N 252 
LSM C8    C9     sing N N 253 
LSM C8    H8     sing N N 254 
LSM C8    H8A    sing N N 255 
LSM C9    H9     sing N N 256 
LSM C9    H9A    sing N N 257 
LSM "C1'" "C2'"  sing N N 258 
LSM "C1'" "O5'"  sing N N 259 
LSM "C1'" "H1'"  sing N N 260 
LSM C1B   O1B    sing N N 261 
LSM C1B   C2B    sing N N 262 
LSM C1B   O5B    sing N N 263 
LSM C1B   H1B    sing N N 264 
LSM O1B   "C4'"  sing N N 265 
LSM "C2'" "O2'"  sing N N 266 
LSM "C2'" "C3'"  sing N N 267 
LSM "C2'" "H2'"  sing N N 268 
LSM "O2'" "HO2'" sing N N 269 
LSM C2B   O2B    sing N N 270 
LSM C2B   C3B    sing N N 271 
LSM C2B   H2B    sing N N 272 
LSM O2B   HO2B   sing N N 273 
LSM "C3'" "O3'"  sing N N 274 
LSM "C3'" "C4'"  sing N N 275 
LSM "C3'" "H3'"  sing N N 276 
LSM "O3'" "HO3'" sing N N 277 
LSM C3B   O3B    sing N N 278 
LSM C3B   C4B    sing N N 279 
LSM C3B   H3B    sing N N 280 
LSM O3B   HO3B   sing N N 281 
LSM "C4'" "C5'"  sing N N 282 
LSM "C4'" "H4'"  sing N N 283 
LSM O4B   C4B    sing N N 284 
LSM O4B   HO4B   sing N N 285 
LSM C4B   C5B    sing N N 286 
LSM C4B   H4B    sing N N 287 
LSM "C5'" "O5'"  sing N N 288 
LSM "C5'" "C6'"  sing N N 289 
LSM "C5'" "H5'"  sing N N 290 
LSM C5B   O5B    sing N N 291 
LSM C5B   C6B    sing N N 292 
LSM C5B   H5B    sing N N 293 
LSM "C6'" "O6'"  sing N N 294 
LSM "C6'" "H6'"  sing N N 295 
LSM "C6'" "H6'A" sing N N 296 
LSM "O6'" "HO6'" sing N N 297 
LSM C6B   O6B    sing N N 298 
LSM C6B   H6B    sing N N 299 
LSM C6B   H6BA   sing N N 300 
LSM O6B   HO6B   sing N N 301 
LSM C9    C10    sing N N 302 
LSM C10   C11    sing N N 303 
LSM C11   C12    sing N N 304 
LSM C10   H10    sing N N 305 
LSM C10   H10A   sing N N 306 
LSM C11   H11    sing N N 307 
LSM C11   H11A   sing N N 308 
LSM C12   H12    sing N N 309 
LSM C12   H12A   sing N N 310 
LSM C12   H12B   sing N N 311 
LYS N     CA     sing N N 312 
LYS N     H      sing N N 313 
LYS N     H2     sing N N 314 
LYS CA    C      sing N N 315 
LYS CA    CB     sing N N 316 
LYS CA    HA     sing N N 317 
LYS C     O      doub N N 318 
LYS C     OXT    sing N N 319 
LYS CB    CG     sing N N 320 
LYS CB    HB2    sing N N 321 
LYS CB    HB3    sing N N 322 
LYS CG    CD     sing N N 323 
LYS CG    HG2    sing N N 324 
LYS CG    HG3    sing N N 325 
LYS CD    CE     sing N N 326 
LYS CD    HD2    sing N N 327 
LYS CD    HD3    sing N N 328 
LYS CE    NZ     sing N N 329 
LYS CE    HE2    sing N N 330 
LYS CE    HE3    sing N N 331 
LYS NZ    HZ1    sing N N 332 
LYS NZ    HZ2    sing N N 333 
LYS NZ    HZ3    sing N N 334 
LYS OXT   HXT    sing N N 335 
MET N     CA     sing N N 336 
MET N     H      sing N N 337 
MET N     H2     sing N N 338 
MET CA    C      sing N N 339 
MET CA    CB     sing N N 340 
MET CA    HA     sing N N 341 
MET C     O      doub N N 342 
MET C     OXT    sing N N 343 
MET CB    CG     sing N N 344 
MET CB    HB2    sing N N 345 
MET CB    HB3    sing N N 346 
MET CG    SD     sing N N 347 
MET CG    HG2    sing N N 348 
MET CG    HG3    sing N N 349 
MET SD    CE     sing N N 350 
MET CE    HE1    sing N N 351 
MET CE    HE2    sing N N 352 
MET CE    HE3    sing N N 353 
MET OXT   HXT    sing N N 354 
PHE N     CA     sing N N 355 
PHE N     H      sing N N 356 
PHE N     H2     sing N N 357 
PHE CA    C      sing N N 358 
PHE CA    CB     sing N N 359 
PHE CA    HA     sing N N 360 
PHE C     O      doub N N 361 
PHE C     OXT    sing N N 362 
PHE CB    CG     sing N N 363 
PHE CB    HB2    sing N N 364 
PHE CB    HB3    sing N N 365 
PHE CG    CD1    doub Y N 366 
PHE CG    CD2    sing Y N 367 
PHE CD1   CE1    sing Y N 368 
PHE CD1   HD1    sing N N 369 
PHE CD2   CE2    doub Y N 370 
PHE CD2   HD2    sing N N 371 
PHE CE1   CZ     doub Y N 372 
PHE CE1   HE1    sing N N 373 
PHE CE2   CZ     sing Y N 374 
PHE CE2   HE2    sing N N 375 
PHE CZ    HZ     sing N N 376 
PHE OXT   HXT    sing N N 377 
PRO N     CA     sing N N 378 
PRO N     CD     sing N N 379 
PRO N     H      sing N N 380 
PRO CA    C      sing N N 381 
PRO CA    CB     sing N N 382 
PRO CA    HA     sing N N 383 
PRO C     O      doub N N 384 
PRO C     OXT    sing N N 385 
PRO CB    CG     sing N N 386 
PRO CB    HB2    sing N N 387 
PRO CB    HB3    sing N N 388 
PRO CG    CD     sing N N 389 
PRO CG    HG2    sing N N 390 
PRO CG    HG3    sing N N 391 
PRO CD    HD2    sing N N 392 
PRO CD    HD3    sing N N 393 
PRO OXT   HXT    sing N N 394 
SER N     CA     sing N N 395 
SER N     H      sing N N 396 
SER N     H2     sing N N 397 
SER CA    C      sing N N 398 
SER CA    CB     sing N N 399 
SER CA    HA     sing N N 400 
SER C     O      doub N N 401 
SER C     OXT    sing N N 402 
SER CB    OG     sing N N 403 
SER CB    HB2    sing N N 404 
SER CB    HB3    sing N N 405 
SER OG    HG     sing N N 406 
SER OXT   HXT    sing N N 407 
SO4 S     O1     doub N N 408 
SO4 S     O2     doub N N 409 
SO4 S     O3     sing N N 410 
SO4 S     O4     sing N N 411 
THR N     CA     sing N N 412 
THR N     H      sing N N 413 
THR N     H2     sing N N 414 
THR CA    C      sing N N 415 
THR CA    CB     sing N N 416 
THR CA    HA     sing N N 417 
THR C     O      doub N N 418 
THR C     OXT    sing N N 419 
THR CB    OG1    sing N N 420 
THR CB    CG2    sing N N 421 
THR CB    HB     sing N N 422 
THR OG1   HG1    sing N N 423 
THR CG2   HG21   sing N N 424 
THR CG2   HG22   sing N N 425 
THR CG2   HG23   sing N N 426 
THR OXT   HXT    sing N N 427 
TRP N     CA     sing N N 428 
TRP N     H      sing N N 429 
TRP N     H2     sing N N 430 
TRP CA    C      sing N N 431 
TRP CA    CB     sing N N 432 
TRP CA    HA     sing N N 433 
TRP C     O      doub N N 434 
TRP C     OXT    sing N N 435 
TRP CB    CG     sing N N 436 
TRP CB    HB2    sing N N 437 
TRP CB    HB3    sing N N 438 
TRP CG    CD1    doub Y N 439 
TRP CG    CD2    sing Y N 440 
TRP CD1   NE1    sing Y N 441 
TRP CD1   HD1    sing N N 442 
TRP CD2   CE2    doub Y N 443 
TRP CD2   CE3    sing Y N 444 
TRP NE1   CE2    sing Y N 445 
TRP NE1   HE1    sing N N 446 
TRP CE2   CZ2    sing Y N 447 
TRP CE3   CZ3    doub Y N 448 
TRP CE3   HE3    sing N N 449 
TRP CZ2   CH2    doub Y N 450 
TRP CZ2   HZ2    sing N N 451 
TRP CZ3   CH2    sing Y N 452 
TRP CZ3   HZ3    sing N N 453 
TRP CH2   HH2    sing N N 454 
TRP OXT   HXT    sing N N 455 
TYR N     CA     sing N N 456 
TYR N     H      sing N N 457 
TYR N     H2     sing N N 458 
TYR CA    C      sing N N 459 
TYR CA    CB     sing N N 460 
TYR CA    HA     sing N N 461 
TYR C     O      doub N N 462 
TYR C     OXT    sing N N 463 
TYR CB    CG     sing N N 464 
TYR CB    HB2    sing N N 465 
TYR CB    HB3    sing N N 466 
TYR CG    CD1    doub Y N 467 
TYR CG    CD2    sing Y N 468 
TYR CD1   CE1    sing Y N 469 
TYR CD1   HD1    sing N N 470 
TYR CD2   CE2    doub Y N 471 
TYR CD2   HD2    sing N N 472 
TYR CE1   CZ     doub Y N 473 
TYR CE1   HE1    sing N N 474 
TYR CE2   CZ     sing Y N 475 
TYR CE2   HE2    sing N N 476 
TYR CZ    OH     sing N N 477 
TYR OH    HH     sing N N 478 
TYR OXT   HXT    sing N N 479 
VAL N     CA     sing N N 480 
VAL N     H      sing N N 481 
VAL N     H2     sing N N 482 
VAL CA    C      sing N N 483 
VAL CA    CB     sing N N 484 
VAL CA    HA     sing N N 485 
VAL C     O      doub N N 486 
VAL C     OXT    sing N N 487 
VAL CB    CG1    sing N N 488 
VAL CB    CG2    sing N N 489 
VAL CB    HB     sing N N 490 
VAL CG1   HG11   sing N N 491 
VAL CG1   HG12   sing N N 492 
VAL CG1   HG13   sing N N 493 
VAL CG2   HG21   sing N N 494 
VAL CG2   HG22   sing N N 495 
VAL CG2   HG23   sing N N 496 
VAL OXT   HXT    sing N N 497 
# 
_atom_sites.entry_id                    3B29 
_atom_sites.fract_transf_matrix[1][1]   -0.00214298 
_atom_sites.fract_transf_matrix[1][2]   0.00254439 
_atom_sites.fract_transf_matrix[1][3]   -0.00491024 
_atom_sites.fract_transf_matrix[2][1]   0.00547175 
_atom_sites.fract_transf_matrix[2][2]   0.00173982 
_atom_sites.fract_transf_matrix[2][3]   -0.00148650 
_atom_sites.fract_transf_matrix[3][1]   0.00080268 
_atom_sites.fract_transf_matrix[3][2]   -0.00506713 
_atom_sites.fract_transf_matrix[3][3]   -0.00297601 
_atom_sites.fract_transf_vector[1]      0.578122 
_atom_sites.fract_transf_vector[2]      0.340542 
_atom_sites.fract_transf_vector[3]      0.146924 
# 
loop_
_atom_type.symbol 
C  
N  
O  
S  
SE 
# 
loop_
_atom_site.group_PDB 
_atom_site.id 
_atom_site.type_symbol 
_atom_site.label_atom_id 
_atom_site.label_alt_id 
_atom_site.label_comp_id 
_atom_site.label_asym_id 
_atom_site.label_entity_id 
_atom_site.label_seq_id 
_atom_site.pdbx_PDB_ins_code 
_atom_site.Cartn_x 
_atom_site.Cartn_y 
_atom_site.Cartn_z 
_atom_site.occupancy 
_atom_site.B_iso_or_equiv 
_atom_site.pdbx_formal_charge 
_atom_site.auth_seq_id 
_atom_site.auth_comp_id 
_atom_site.auth_asym_id 
_atom_site.auth_atom_id 
_atom_site.pdbx_PDB_model_num 
ATOM   1    N  N     . LYS A 1 2   ? 18.558  11.040  6.294   1.00 48.58 ? 2   LYS A N     1 
ATOM   2    C  CA    . LYS A 1 2   ? 19.112  9.788   5.697   1.00 48.78 ? 2   LYS A CA    1 
ATOM   3    C  C     . LYS A 1 2   ? 19.144  8.638   6.707   1.00 48.82 ? 2   LYS A C     1 
ATOM   4    O  O     . LYS A 1 2   ? 18.802  7.504   6.375   1.00 48.85 ? 2   LYS A O     1 
ATOM   5    C  CB    . LYS A 1 2   ? 20.513  10.042  5.129   1.00 48.95 ? 2   LYS A CB    1 
ATOM   6    C  CG    . LYS A 1 2   ? 21.096  8.879   4.335   1.00 48.40 ? 2   LYS A CG    1 
ATOM   7    C  CD    . LYS A 1 2   ? 22.425  9.257   3.693   1.00 45.42 ? 2   LYS A CD    1 
ATOM   8    N  N     . ASP A 1 3   ? 19.553  8.934   7.937   1.00 48.97 ? 3   ASP A N     1 
ATOM   9    C  CA    . ASP A 1 3   ? 19.623  7.923   8.991   1.00 49.24 ? 3   ASP A CA    1 
ATOM   10   C  C     . ASP A 1 3   ? 18.262  7.625   9.614   1.00 48.62 ? 3   ASP A C     1 
ATOM   11   O  O     . ASP A 1 3   ? 18.016  6.515   10.083  1.00 48.96 ? 3   ASP A O     1 
ATOM   12   C  CB    . ASP A 1 3   ? 20.605  8.346   10.087  1.00 49.87 ? 3   ASP A CB    1 
ATOM   13   C  CG    . ASP A 1 3   ? 22.011  7.826   9.850   1.00 52.89 ? 3   ASP A CG    1 
ATOM   14   O  OD1   . ASP A 1 3   ? 22.175  6.896   9.032   1.00 57.21 ? 3   ASP A OD1   1 
ATOM   15   O  OD2   . ASP A 1 3   ? 22.954  8.341   10.487  1.00 55.08 ? 3   ASP A OD2   1 
ATOM   16   N  N     . GLU A 1 4   ? 17.380  8.621   9.618   1.00 47.67 ? 4   GLU A N     1 
ATOM   17   C  CA    . GLU A 1 4   ? 16.083  8.486   10.274  1.00 46.45 ? 4   GLU A CA    1 
ATOM   18   C  C     . GLU A 1 4   ? 15.000  7.903   9.361   1.00 45.24 ? 4   GLU A C     1 
ATOM   19   O  O     . GLU A 1 4   ? 13.907  7.569   9.823   1.00 45.39 ? 4   GLU A O     1 
ATOM   20   C  CB    . GLU A 1 4   ? 15.627  9.835   10.841  1.00 46.34 ? 4   GLU A CB    1 
ATOM   21   N  N     . VAL A 1 5   ? 15.305  7.776   8.070   1.00 43.34 ? 5   VAL A N     1 
ATOM   22   C  CA    . VAL A 1 5   ? 14.318  7.299   7.101   1.00 41.45 ? 5   VAL A CA    1 
ATOM   23   C  C     . VAL A 1 5   ? 14.788  6.084   6.300   1.00 40.09 ? 5   VAL A C     1 
ATOM   24   O  O     . VAL A 1 5   ? 14.123  5.666   5.350   1.00 40.33 ? 5   VAL A O     1 
ATOM   25   C  CB    . VAL A 1 5   ? 13.911  8.416   6.114   1.00 41.42 ? 5   VAL A CB    1 
ATOM   26   C  CG1   . VAL A 1 5   ? 13.361  9.620   6.865   1.00 41.02 ? 5   VAL A CG1   1 
ATOM   27   C  CG2   . VAL A 1 5   ? 15.093  8.814   5.238   1.00 41.06 ? 5   VAL A CG2   1 
ATOM   28   N  N     . ALA A 1 6   ? 15.924  5.513   6.687   1.00 38.18 ? 6   ALA A N     1 
ATOM   29   C  CA    . ALA A 1 6   ? 16.540  4.433   5.918   1.00 36.30 ? 6   ALA A CA    1 
ATOM   30   C  C     . ALA A 1 6   ? 15.640  3.212   5.744   1.00 35.01 ? 6   ALA A C     1 
ATOM   31   O  O     . ALA A 1 6   ? 15.617  2.599   4.677   1.00 34.96 ? 6   ALA A O     1 
ATOM   32   C  CB    . ALA A 1 6   ? 17.869  4.033   6.538   1.00 36.38 ? 6   ALA A CB    1 
ATOM   33   N  N     . LEU A 1 7   ? 14.903  2.857   6.792   1.00 33.60 ? 7   LEU A N     1 
ATOM   34   C  CA    . LEU A 1 7   ? 13.997  1.711   6.738   1.00 32.27 ? 7   LEU A CA    1 
ATOM   35   C  C     . LEU A 1 7   ? 12.806  1.995   5.832   1.00 31.44 ? 7   LEU A C     1 
ATOM   36   O  O     . LEU A 1 7   ? 12.417  1.157   5.018   1.00 31.53 ? 7   LEU A O     1 
ATOM   37   C  CB    . LEU A 1 7   ? 13.506  1.342   8.138   1.00 32.13 ? 7   LEU A CB    1 
ATOM   38   C  CG    . LEU A 1 7   ? 14.555  0.809   9.113   1.00 32.99 ? 7   LEU A CG    1 
ATOM   39   C  CD1   . LEU A 1 7   ? 14.004  0.777   10.532  1.00 32.87 ? 7   LEU A CD1   1 
ATOM   40   C  CD2   . LEU A 1 7   ? 15.038  -0.570  8.682   1.00 33.40 ? 7   LEU A CD2   1 
ATOM   41   N  N     . LEU A 1 8   ? 12.226  3.181   5.985   1.00 30.18 ? 8   LEU A N     1 
ATOM   42   C  CA    . LEU A 1 8   ? 11.102  3.588   5.158   1.00 29.07 ? 8   LEU A CA    1 
ATOM   43   C  C     . LEU A 1 8   ? 11.478  3.536   3.682   1.00 28.61 ? 8   LEU A C     1 
ATOM   44   O  O     . LEU A 1 8   ? 10.705  3.061   2.852   1.00 28.77 ? 8   LEU A O     1 
ATOM   45   C  CB    . LEU A 1 8   ? 10.641  4.995   5.539   1.00 28.94 ? 8   LEU A CB    1 
ATOM   46   C  CG    . LEU A 1 8   ? 10.220  5.200   6.993   1.00 27.95 ? 8   LEU A CG    1 
ATOM   47   C  CD1   . LEU A 1 8   ? 9.572   6.562   7.158   1.00 28.20 ? 8   LEU A CD1   1 
ATOM   48   C  CD2   . LEU A 1 8   ? 9.277   4.096   7.448   1.00 26.66 ? 8   LEU A CD2   1 
ATOM   49   N  N     . ALA A 1 9   ? 12.671  4.025   3.364   1.00 27.93 ? 9   ALA A N     1 
ATOM   50   C  CA    . ALA A 1 9   ? 13.176  3.990   1.998   1.00 27.28 ? 9   ALA A CA    1 
ATOM   51   C  C     . ALA A 1 9   ? 13.382  2.554   1.522   1.00 26.85 ? 9   ALA A C     1 
ATOM   52   O  O     . ALA A 1 9   ? 13.162  2.242   0.352   1.00 26.72 ? 9   ALA A O     1 
ATOM   53   C  CB    . ALA A 1 9   ? 14.471  4.779   1.893   1.00 27.24 ? 9   ALA A CB    1 
ATOM   54   N  N     . ALA A 1 10  ? 13.804  1.681   2.433   1.00 26.64 ? 10  ALA A N     1 
ATOM   55   C  CA    . ALA A 1 10  ? 13.981  0.268   2.112   1.00 26.71 ? 10  ALA A CA    1 
ATOM   56   C  C     . ALA A 1 10  ? 12.645  -0.377  1.745   1.00 26.81 ? 10  ALA A C     1 
ATOM   57   O  O     . ALA A 1 10  ? 12.516  -1.011  0.695   1.00 26.90 ? 10  ALA A O     1 
ATOM   58   C  CB    . ALA A 1 10  ? 14.626  -0.466  3.277   1.00 26.56 ? 10  ALA A CB    1 
ATOM   59   N  N     . VAL A 1 11  ? 11.653  -0.212  2.615   1.00 26.39 ? 11  VAL A N     1 
ATOM   60   C  CA    . VAL A 1 11  ? 10.313  -0.719  2.349   1.00 26.03 ? 11  VAL A CA    1 
ATOM   61   C  C     . VAL A 1 11  ? 9.783   -0.142  1.041   1.00 26.09 ? 11  VAL A C     1 
ATOM   62   O  O     . VAL A 1 11  ? 9.200   -0.857  0.227   1.00 26.55 ? 11  VAL A O     1 
ATOM   63   C  CB    . VAL A 1 11  ? 9.340   -0.368  3.491   1.00 26.10 ? 11  VAL A CB    1 
ATOM   64   C  CG1   . VAL A 1 11  ? 7.936   -0.858  3.164   1.00 24.98 ? 11  VAL A CG1   1 
ATOM   65   C  CG2   . VAL A 1 11  ? 9.828   -0.962  4.805   1.00 26.37 ? 11  VAL A CG2   1 
ATOM   66   N  N     . THR A 1 12  ? 9.994   1.158   0.847   1.00 25.70 ? 12  THR A N     1 
ATOM   67   C  CA    . THR A 1 12  ? 9.563   1.839   -0.370  1.00 25.10 ? 12  THR A CA    1 
ATOM   68   C  C     . THR A 1 12  ? 10.132  1.158   -1.612  1.00 25.27 ? 12  THR A C     1 
ATOM   69   O  O     . THR A 1 12  ? 9.389   0.792   -2.526  1.00 24.87 ? 12  THR A O     1 
ATOM   70   C  CB    . THR A 1 12  ? 9.984   3.320   -0.357  1.00 24.71 ? 12  THR A CB    1 
ATOM   71   O  OG1   . THR A 1 12  ? 9.312   3.995   0.714   1.00 24.58 ? 12  THR A OG1   1 
ATOM   72   C  CG2   . THR A 1 12  ? 9.628   3.992   -1.673  1.00 23.84 ? 12  THR A CG2   1 
ATOM   73   N  N     . LEU A 1 13  ? 11.452  0.990   -1.636  1.00 25.47 ? 13  LEU A N     1 
ATOM   74   C  CA    . LEU A 1 13  ? 12.118  0.311   -2.740  1.00 25.30 ? 13  LEU A CA    1 
ATOM   75   C  C     . LEU A 1 13  ? 11.528  -1.080  -2.929  1.00 24.98 ? 13  LEU A C     1 
ATOM   76   O  O     . LEU A 1 13  ? 11.279  -1.511  -4.055  1.00 25.18 ? 13  LEU A O     1 
ATOM   77   C  CB    . LEU A 1 13  ? 13.623  0.214   -2.487  1.00 25.58 ? 13  LEU A CB    1 
ATOM   78   C  CG    . LEU A 1 13  ? 14.452  -0.434  -3.599  1.00 27.64 ? 13  LEU A CG    1 
ATOM   79   C  CD1   . LEU A 1 13  ? 14.448  0.438   -4.849  1.00 29.34 ? 13  LEU A CD1   1 
ATOM   80   C  CD2   . LEU A 1 13  ? 15.878  -0.715  -3.136  1.00 27.92 ? 13  LEU A CD2   1 
ATOM   81   N  N     . LEU A 1 14  ? 11.304  -1.781  -1.821  1.00 24.44 ? 14  LEU A N     1 
ATOM   82   C  CA    . LEU A 1 14  ? 10.682  -3.095  -1.872  1.00 24.22 ? 14  LEU A CA    1 
ATOM   83   C  C     . LEU A 1 14  ? 9.352   -2.982  -2.605  1.00 23.53 ? 14  LEU A C     1 
ATOM   84   O  O     . LEU A 1 14  ? 9.078   -3.740  -3.537  1.00 23.20 ? 14  LEU A O     1 
ATOM   85   C  CB    . LEU A 1 14  ? 10.454  -3.637  -0.459  1.00 24.67 ? 14  LEU A CB    1 
ATOM   86   C  CG    . LEU A 1 14  ? 10.552  -5.152  -0.239  1.00 26.70 ? 14  LEU A CG    1 
ATOM   87   C  CD1   . LEU A 1 14  ? 9.799   -5.552  1.024   1.00 26.89 ? 14  LEU A CD1   1 
ATOM   88   C  CD2   . LEU A 1 14  ? 10.035  -5.939  -1.434  1.00 28.45 ? 14  LEU A CD2   1 
ATOM   89   N  N     . GLY A 1 15  ? 8.534   -2.020  -2.180  1.00 23.09 ? 15  GLY A N     1 
ATOM   90   C  CA    . GLY A 1 15  ? 7.226   -1.779  -2.785  1.00 22.62 ? 15  GLY A CA    1 
ATOM   91   C  C     . GLY A 1 15  ? 7.298   -1.557  -4.284  1.00 22.23 ? 15  GLY A C     1 
ATOM   92   O  O     . GLY A 1 15  ? 6.486   -2.092  -5.038  1.00 21.74 ? 15  GLY A O     1 
ATOM   93   N  N     . VAL A 1 16  ? 8.275   -0.764  -4.715  1.00 22.22 ? 16  VAL A N     1 
ATOM   94   C  CA    . VAL A 1 16  ? 8.495   -0.514  -6.135  1.00 22.06 ? 16  VAL A CA    1 
ATOM   95   C  C     . VAL A 1 16  ? 8.797   -1.815  -6.867  1.00 22.48 ? 16  VAL A C     1 
ATOM   96   O  O     . VAL A 1 16  ? 8.173   -2.126  -7.882  1.00 22.61 ? 16  VAL A O     1 
ATOM   97   C  CB    . VAL A 1 16  ? 9.653   0.474   -6.362  1.00 21.85 ? 16  VAL A CB    1 
ATOM   98   C  CG1   . VAL A 1 16  ? 9.915   0.651   -7.847  1.00 20.41 ? 16  VAL A CG1   1 
ATOM   99   C  CG2   . VAL A 1 16  ? 9.346   1.810   -5.704  1.00 22.19 ? 16  VAL A CG2   1 
ATOM   100  N  N     . LEU A 1 17  ? 9.757   -2.575  -6.344  1.00 22.80 ? 17  LEU A N     1 
ATOM   101  C  CA    . LEU A 1 17  ? 10.116  -3.865  -6.925  1.00 23.11 ? 17  LEU A CA    1 
ATOM   102  C  C     . LEU A 1 17  ? 8.890   -4.752  -7.104  1.00 23.46 ? 17  LEU A C     1 
ATOM   103  O  O     . LEU A 1 17  ? 8.778   -5.482  -8.089  1.00 23.46 ? 17  LEU A O     1 
ATOM   104  C  CB    . LEU A 1 17  ? 11.157  -4.580  -6.059  1.00 23.05 ? 17  LEU A CB    1 
ATOM   105  C  CG    . LEU A 1 17  ? 12.596  -4.067  -6.137  1.00 22.93 ? 17  LEU A CG    1 
ATOM   106  C  CD1   . LEU A 1 17  ? 13.480  -4.794  -5.134  1.00 23.54 ? 17  LEU A CD1   1 
ATOM   107  C  CD2   . LEU A 1 17  ? 13.144  -4.221  -7.546  1.00 21.82 ? 17  LEU A CD2   1 
ATOM   108  N  N     . LEU A 1 18  ? 7.969   -4.686  -6.147  1.00 23.85 ? 18  LEU A N     1 
ATOM   109  C  CA    . LEU A 1 18  ? 6.760   -5.500  -6.201  1.00 24.14 ? 18  LEU A CA    1 
ATOM   110  C  C     . LEU A 1 18  ? 5.844   -5.041  -7.330  1.00 24.37 ? 18  LEU A C     1 
ATOM   111  O  O     . LEU A 1 18  ? 5.316   -5.863  -8.081  1.00 24.77 ? 18  LEU A O     1 
ATOM   112  C  CB    . LEU A 1 18  ? 6.020   -5.462  -4.863  1.00 24.09 ? 18  LEU A CB    1 
ATOM   113  C  CG    . LEU A 1 18  ? 5.084   -6.645  -4.607  1.00 24.38 ? 18  LEU A CG    1 
ATOM   114  C  CD1   . LEU A 1 18  ? 5.882   -7.932  -4.454  1.00 24.67 ? 18  LEU A CD1   1 
ATOM   115  C  CD2   . LEU A 1 18  ? 4.219   -6.399  -3.382  1.00 26.56 ? 18  LEU A CD2   1 
ATOM   116  N  N     . GLN A 1 19  ? 5.660   -3.729  -7.449  1.00 24.15 ? 19  GLN A N     1 
ATOM   117  C  CA    . GLN A 1 19  ? 4.873   -3.166  -8.540  1.00 24.06 ? 19  GLN A CA    1 
ATOM   118  C  C     . GLN A 1 19  ? 5.492   -3.545  -9.879  1.00 24.17 ? 19  GLN A C     1 
ATOM   119  O  O     . GLN A 1 19  ? 4.789   -3.934  -10.811 1.00 24.34 ? 19  GLN A O     1 
ATOM   120  C  CB    . GLN A 1 19  ? 4.786   -1.645  -8.419  1.00 23.90 ? 19  GLN A CB    1 
ATOM   121  C  CG    . GLN A 1 19  ? 4.004   -1.166  -7.213  1.00 26.00 ? 19  GLN A CG    1 
ATOM   122  C  CD    . GLN A 1 19  ? 2.582   -1.687  -7.194  1.00 28.42 ? 19  GLN A CD    1 
ATOM   123  O  OE1   . GLN A 1 19  ? 2.140   -2.283  -6.210  1.00 30.58 ? 19  GLN A OE1   1 
ATOM   124  N  NE2   . GLN A 1 19  ? 1.856   -1.470  -8.286  1.00 29.55 ? 19  GLN A NE2   1 
ATOM   125  N  N     . ALA A 1 20  ? 6.813   -3.428  -9.967  1.00 24.14 ? 20  ALA A N     1 
ATOM   126  C  CA    . ALA A 1 20  ? 7.534   -3.832  -11.165 1.00 24.27 ? 20  ALA A CA    1 
ATOM   127  C  C     . ALA A 1 20  ? 7.208   -5.283  -11.499 1.00 24.15 ? 20  ALA A C     1 
ATOM   128  O  O     . ALA A 1 20  ? 7.029   -5.640  -12.665 1.00 24.00 ? 20  ALA A O     1 
ATOM   129  C  CB    . ALA A 1 20  ? 9.032   -3.654  -10.969 1.00 24.50 ? 20  ALA A CB    1 
ATOM   130  N  N     . TYR A 1 21  ? 7.128   -6.113  -10.463 1.00 24.10 ? 21  TYR A N     1 
ATOM   131  C  CA    . TYR A 1 21  ? 6.785   -7.518  -10.635 1.00 24.35 ? 21  TYR A CA    1 
ATOM   132  C  C     . TYR A 1 21  ? 5.375   -7.691  -11.199 1.00 24.67 ? 21  TYR A C     1 
ATOM   133  O  O     . TYR A 1 21  ? 5.156   -8.482  -12.120 1.00 24.55 ? 21  TYR A O     1 
ATOM   134  C  CB    . TYR A 1 21  ? 6.914   -8.273  -9.313  1.00 24.14 ? 21  TYR A CB    1 
ATOM   135  C  CG    . TYR A 1 21  ? 6.382   -9.680  -9.394  1.00 24.99 ? 21  TYR A CG    1 
ATOM   136  C  CD1   . TYR A 1 21  ? 5.167   -10.021 -8.812  1.00 25.64 ? 21  TYR A CD1   1 
ATOM   137  C  CD2   . TYR A 1 21  ? 7.085   -10.666 -10.075 1.00 24.96 ? 21  TYR A CD2   1 
ATOM   138  C  CE1   . TYR A 1 21  ? 4.674   -11.310 -8.894  1.00 26.57 ? 21  TYR A CE1   1 
ATOM   139  C  CE2   . TYR A 1 21  ? 6.601   -11.957 -10.162 1.00 26.05 ? 21  TYR A CE2   1 
ATOM   140  C  CZ    . TYR A 1 21  ? 5.396   -12.273 -9.572  1.00 26.46 ? 21  TYR A CZ    1 
ATOM   141  O  OH    . TYR A 1 21  ? 4.914   -13.558 -9.661  1.00 27.71 ? 21  TYR A OH    1 
ATOM   142  N  N     . PHE A 1 22  ? 4.421   -6.954  -10.638 1.00 24.75 ? 22  PHE A N     1 
ATOM   143  C  CA    . PHE A 1 22  ? 3.045   -6.999  -11.115 1.00 24.88 ? 22  PHE A CA    1 
ATOM   144  C  C     . PHE A 1 22  ? 2.966   -6.672  -12.602 1.00 25.23 ? 22  PHE A C     1 
ATOM   145  O  O     . PHE A 1 22  ? 2.222   -7.306  -13.347 1.00 25.14 ? 22  PHE A O     1 
ATOM   146  C  CB    . PHE A 1 22  ? 2.163   -6.032  -10.324 1.00 24.71 ? 22  PHE A CB    1 
ATOM   147  C  CG    . PHE A 1 22  ? 2.059   -6.360  -8.863  1.00 24.88 ? 22  PHE A CG    1 
ATOM   148  C  CD1   . PHE A 1 22  ? 2.056   -7.677  -8.433  1.00 24.24 ? 22  PHE A CD1   1 
ATOM   149  C  CD2   . PHE A 1 22  ? 1.938   -5.352  -7.921  1.00 26.35 ? 22  PHE A CD2   1 
ATOM   150  C  CE1   . PHE A 1 22  ? 1.953   -7.982  -7.089  1.00 24.76 ? 22  PHE A CE1   1 
ATOM   151  C  CE2   . PHE A 1 22  ? 1.831   -5.650  -6.573  1.00 26.10 ? 22  PHE A CE2   1 
ATOM   152  C  CZ    . PHE A 1 22  ? 1.838   -6.967  -6.157  1.00 25.79 ? 22  PHE A CZ    1 
ATOM   153  N  N     . SER A 1 23  ? 3.738   -5.676  -13.025 1.00 25.84 ? 23  SER A N     1 
ATOM   154  C  CA    . SER A 1 23  ? 3.746   -5.248  -14.419 1.00 26.61 ? 23  SER A CA    1 
ATOM   155  C  C     . SER A 1 23  ? 4.231   -6.364  -15.339 1.00 27.22 ? 23  SER A C     1 
ATOM   156  O  O     . SER A 1 23  ? 3.536   -6.750  -16.281 1.00 27.46 ? 23  SER A O     1 
ATOM   157  C  CB    . SER A 1 23  ? 4.616   -4.004  -14.591 1.00 26.62 ? 23  SER A CB    1 
ATOM   158  O  OG    . SER A 1 23  ? 4.150   -2.945  -13.774 1.00 27.69 ? 23  SER A OG    1 
ATOM   159  N  N     . LEU A 1 24  ? 5.425   -6.880  -15.064 1.00 27.52 ? 24  LEU A N     1 
ATOM   160  C  CA    . LEU A 1 24  ? 5.968   -7.987  -15.839 1.00 27.94 ? 24  LEU A CA    1 
ATOM   161  C  C     . LEU A 1 24  ? 4.934   -9.099  -15.994 1.00 28.30 ? 24  LEU A C     1 
ATOM   162  O  O     . LEU A 1 24  ? 4.821   -9.706  -17.059 1.00 28.63 ? 24  LEU A O     1 
ATOM   163  C  CB    . LEU A 1 24  ? 7.238   -8.531  -15.182 1.00 28.05 ? 24  LEU A CB    1 
ATOM   164  C  CG    . LEU A 1 24  ? 8.570   -7.905  -15.609 1.00 28.78 ? 24  LEU A CG    1 
ATOM   165  C  CD1   . LEU A 1 24  ? 8.434   -6.411  -15.870 1.00 30.05 ? 24  LEU A CD1   1 
ATOM   166  C  CD2   . LEU A 1 24  ? 9.649   -8.183  -14.568 1.00 28.99 ? 24  LEU A CD2   1 
ATOM   167  N  N     . GLN A 1 25  ? 4.182   -9.354  -14.927 1.00 28.41 ? 25  GLN A N     1 
ATOM   168  C  CA    . GLN A 1 25  ? 3.148   -10.386 -14.934 1.00 28.41 ? 25  GLN A CA    1 
ATOM   169  C  C     . GLN A 1 25  ? 2.023   -10.059 -15.908 1.00 28.23 ? 25  GLN A C     1 
ATOM   170  O  O     . GLN A 1 25  ? 1.534   -10.936 -16.622 1.00 28.32 ? 25  GLN A O     1 
ATOM   171  C  CB    . GLN A 1 25  ? 2.582   -10.581 -13.527 1.00 28.67 ? 25  GLN A CB    1 
ATOM   172  C  CG    . GLN A 1 25  ? 3.554   -11.230 -12.555 1.00 30.26 ? 25  GLN A CG    1 
ATOM   173  C  CD    . GLN A 1 25  ? 3.897   -12.655 -12.941 1.00 30.99 ? 25  GLN A CD    1 
ATOM   174  O  OE1   . GLN A 1 25  ? 5.064   -13.039 -12.965 1.00 32.42 ? 25  GLN A OE1   1 
ATOM   175  N  NE2   . GLN A 1 25  ? 2.877   -13.447 -13.253 1.00 31.62 ? 25  GLN A NE2   1 
ATOM   176  N  N     . VAL A 1 26  ? 1.608   -8.795  -15.932 1.00 27.99 ? 26  VAL A N     1 
ATOM   177  C  CA    . VAL A 1 26  ? 0.573   -8.348  -16.857 1.00 27.52 ? 26  VAL A CA    1 
ATOM   178  C  C     . VAL A 1 26  ? 1.072   -8.442  -18.295 1.00 27.59 ? 26  VAL A C     1 
ATOM   179  O  O     . VAL A 1 26  ? 0.335   -8.856  -19.189 1.00 27.59 ? 26  VAL A O     1 
ATOM   180  C  CB    . VAL A 1 26  ? 0.116   -6.906  -16.552 1.00 27.31 ? 26  VAL A CB    1 
ATOM   181  C  CG1   . VAL A 1 26  ? -0.751  -6.367  -17.683 1.00 26.01 ? 26  VAL A CG1   1 
ATOM   182  C  CG2   . VAL A 1 26  ? -0.634  -6.860  -15.230 1.00 26.01 ? 26  VAL A CG2   1 
ATOM   183  N  N     . ILE A 1 27  ? 2.328   -8.059  -18.507 1.00 27.63 ? 27  ILE A N     1 
ATOM   184  C  CA    . ILE A 1 27  ? 2.954   -8.173  -19.820 1.00 27.75 ? 27  ILE A CA    1 
ATOM   185  C  C     . ILE A 1 27  ? 2.954   -9.629  -20.277 1.00 28.17 ? 27  ILE A C     1 
ATOM   186  O  O     . ILE A 1 27  ? 2.747   -9.922  -21.456 1.00 28.10 ? 27  ILE A O     1 
ATOM   187  C  CB    . ILE A 1 27  ? 4.400   -7.643  -19.802 1.00 27.49 ? 27  ILE A CB    1 
ATOM   188  C  CG1   . ILE A 1 27  ? 4.410   -6.136  -19.541 1.00 27.93 ? 27  ILE A CG1   1 
ATOM   189  C  CG2   . ILE A 1 27  ? 5.103   -7.956  -21.113 1.00 26.38 ? 27  ILE A CG2   1 
ATOM   190  C  CD1   . ILE A 1 27  ? 5.799   -5.543  -19.452 1.00 29.21 ? 27  ILE A CD1   1 
ATOM   191  N  N     . SER A 1 28  ? 3.183   -10.534 -19.332 1.00 28.62 ? 28  SER A N     1 
ATOM   192  C  CA    . SER A 1 28  ? 3.197   -11.962 -19.618 1.00 29.33 ? 28  SER A CA    1 
ATOM   193  C  C     . SER A 1 28  ? 1.789   -12.477 -19.898 1.00 30.01 ? 28  SER A C     1 
ATOM   194  O  O     . SER A 1 28  ? 1.594   -13.350 -20.742 1.00 30.24 ? 28  SER A O     1 
ATOM   195  C  CB    . SER A 1 28  ? 3.817   -12.730 -18.451 1.00 29.28 ? 28  SER A CB    1 
ATOM   196  O  OG    . SER A 1 28  ? 3.901   -14.112 -18.744 1.00 31.56 ? 28  SER A OG    1 
ATOM   197  N  N     . ALA A 1 29  ? 0.810   -11.934 -19.183 1.00 30.80 ? 29  ALA A N     1 
ATOM   198  C  CA    . ALA A 1 29  ? -0.584  -12.287 -19.418 1.00 31.21 ? 29  ALA A CA    1 
ATOM   199  C  C     . ALA A 1 29  ? -0.996  -11.878 -20.825 1.00 31.53 ? 29  ALA A C     1 
ATOM   200  O  O     . ALA A 1 29  ? -1.607  -12.657 -21.553 1.00 31.58 ? 29  ALA A O     1 
ATOM   201  C  CB    . ALA A 1 29  ? -1.483  -11.630 -18.381 1.00 31.17 ? 29  ALA A CB    1 
ATOM   202  N  N     . ARG A 1 30  ? -0.655  -10.651 -21.207 1.00 32.25 ? 30  ARG A N     1 
ATOM   203  C  CA    . ARG A 1 30  ? -0.943  -10.164 -22.549 1.00 33.08 ? 30  ARG A CA    1 
ATOM   204  C  C     . ARG A 1 30  ? -0.424  -11.144 -23.596 1.00 34.03 ? 30  ARG A C     1 
ATOM   205  O  O     . ARG A 1 30  ? -1.132  -11.489 -24.543 1.00 33.97 ? 30  ARG A O     1 
ATOM   206  C  CB    . ARG A 1 30  ? -0.330  -8.779  -22.768 1.00 32.88 ? 30  ARG A CB    1 
ATOM   207  C  CG    . ARG A 1 30  ? -1.050  -7.654  -22.041 1.00 32.75 ? 30  ARG A CG    1 
ATOM   208  C  CD    . ARG A 1 30  ? -0.559  -6.288  -22.504 1.00 33.15 ? 30  ARG A CD    1 
ATOM   209  N  NE    . ARG A 1 30  ? -1.305  -5.196  -21.883 1.00 33.24 ? 30  ARG A NE    1 
ATOM   210  C  CZ    . ARG A 1 30  ? -2.482  -4.751  -22.316 1.00 33.52 ? 30  ARG A CZ    1 
ATOM   211  N  NH1   . ARG A 1 30  ? -3.056  -5.306  -23.375 1.00 33.23 ? 30  ARG A NH1   1 
ATOM   212  N  NH2   . ARG A 1 30  ? -3.088  -3.752  -21.688 1.00 33.30 ? 30  ARG A NH2   1 
ATOM   213  N  N     . ARG A 1 31  ? 0.816   -11.592 -23.415 1.00 35.03 ? 31  ARG A N     1 
ATOM   214  C  CA    . ARG A 1 31  ? 1.431   -12.550 -24.326 1.00 36.03 ? 31  ARG A CA    1 
ATOM   215  C  C     . ARG A 1 31  ? 0.670   -13.876 -24.324 1.00 36.99 ? 31  ARG A C     1 
ATOM   216  O  O     . ARG A 1 31  ? 0.178   -14.323 -25.362 1.00 37.22 ? 31  ARG A O     1 
ATOM   217  C  CB    . ARG A 1 31  ? 2.900   -12.775 -23.951 1.00 35.91 ? 31  ARG A CB    1 
ATOM   218  C  CG    . ARG A 1 31  ? 3.633   -13.767 -24.843 1.00 36.16 ? 31  ARG A CG    1 
ATOM   219  N  N     . ALA A 1 32  ? 0.571   -14.497 -23.152 1.00 37.90 ? 32  ALA A N     1 
ATOM   220  C  CA    . ALA A 1 32  ? -0.121  -15.776 -23.009 1.00 38.80 ? 32  ALA A CA    1 
ATOM   221  C  C     . ALA A 1 32  ? -1.491  -15.781 -23.687 1.00 39.75 ? 32  ALA A C     1 
ATOM   222  O  O     . ALA A 1 32  ? -1.816  -16.702 -24.437 1.00 39.90 ? 32  ALA A O     1 
ATOM   223  C  CB    . ALA A 1 32  ? -0.254  -16.144 -21.535 1.00 38.42 ? 32  ALA A CB    1 
ATOM   224  N  N     . PHE A 1 33  ? -2.287  -14.746 -23.422 1.00 40.68 ? 33  PHE A N     1 
ATOM   225  C  CA    . PHE A 1 33  ? -3.658  -14.676 -23.924 1.00 41.57 ? 33  PHE A CA    1 
ATOM   226  C  C     . PHE A 1 33  ? -3.785  -13.817 -25.181 1.00 41.96 ? 33  PHE A C     1 
ATOM   227  O  O     . PHE A 1 33  ? -4.888  -13.412 -25.554 1.00 42.18 ? 33  PHE A O     1 
ATOM   228  C  CB    . PHE A 1 33  ? -4.593  -14.142 -22.837 1.00 41.76 ? 33  PHE A CB    1 
ATOM   229  C  CG    . PHE A 1 33  ? -4.667  -15.014 -21.618 1.00 44.41 ? 33  PHE A CG    1 
ATOM   230  C  CD1   . PHE A 1 33  ? -5.691  -15.938 -21.471 1.00 47.09 ? 33  PHE A CD1   1 
ATOM   231  C  CD2   . PHE A 1 33  ? -3.714  -14.911 -20.616 1.00 46.04 ? 33  PHE A CD2   1 
ATOM   232  C  CE1   . PHE A 1 33  ? -5.762  -16.744 -20.345 1.00 47.68 ? 33  PHE A CE1   1 
ATOM   233  C  CE2   . PHE A 1 33  ? -3.778  -15.712 -19.489 1.00 46.23 ? 33  PHE A CE2   1 
ATOM   234  C  CZ    . PHE A 1 33  ? -4.803  -16.631 -19.354 1.00 46.87 ? 33  PHE A CZ    1 
ATOM   235  N  N     . ARG A 1 34  ? -2.659  -13.541 -25.829 1.00 42.15 ? 34  ARG A N     1 
ATOM   236  C  CA    . ARG A 1 34  ? -2.650  -12.760 -27.065 1.00 42.37 ? 34  ARG A CA    1 
ATOM   237  C  C     . ARG A 1 34  ? -3.558  -11.531 -26.992 1.00 42.31 ? 34  ARG A C     1 
ATOM   238  O  O     . ARG A 1 34  ? -4.380  -11.305 -27.884 1.00 42.46 ? 34  ARG A O     1 
ATOM   239  C  CB    . ARG A 1 34  ? -3.046  -13.637 -28.258 1.00 42.25 ? 34  ARG A CB    1 
ATOM   240  C  CG    . ARG A 1 34  ? -2.116  -14.816 -28.506 1.00 43.58 ? 34  ARG A CG    1 
ATOM   241  C  CD    . ARG A 1 34  ? -2.688  -15.762 -29.554 1.00 45.06 ? 34  ARG A CD    1 
ATOM   242  N  NE    . ARG A 1 34  ? -1.814  -16.908 -29.799 1.00 44.15 ? 34  ARG A NE    1 
ATOM   243  N  N     . VAL A 1 35  ? -3.407  -10.742 -25.931 1.00 41.88 ? 35  VAL A N     1 
ATOM   244  C  CA    . VAL A 1 35  ? -4.170  -9.503  -25.777 1.00 41.41 ? 35  VAL A CA    1 
ATOM   245  C  C     . VAL A 1 35  ? -3.275  -8.274  -25.935 1.00 41.31 ? 35  VAL A C     1 
ATOM   246  O  O     . VAL A 1 35  ? -2.624  -7.840  -24.983 1.00 41.32 ? 35  VAL A O     1 
ATOM   247  C  CB    . VAL A 1 35  ? -4.887  -9.437  -24.416 1.00 41.17 ? 35  VAL A CB    1 
ATOM   248  C  CG1   . VAL A 1 35  ? -5.706  -8.157  -24.312 1.00 40.54 ? 35  VAL A CG1   1 
ATOM   249  C  CG2   . VAL A 1 35  ? -5.769  -10.659 -24.223 1.00 40.71 ? 35  VAL A CG2   1 
ATOM   250  N  N     . SER A 1 36  ? -3.251  -7.716  -27.142 1.00 41.09 ? 36  SER A N     1 
ATOM   251  C  CA    . SER A 1 36  ? -2.394  -6.573  -27.446 1.00 41.08 ? 36  SER A CA    1 
ATOM   252  C  C     . SER A 1 36  ? -3.072  -5.238  -27.147 1.00 40.60 ? 36  SER A C     1 
ATOM   253  O  O     . SER A 1 36  ? -4.270  -5.077  -27.391 1.00 40.61 ? 36  SER A O     1 
ATOM   254  C  CB    . SER A 1 36  ? -1.949  -6.609  -28.910 1.00 41.21 ? 36  SER A CB    1 
ATOM   255  O  OG    . SER A 1 36  ? -1.118  -7.728  -29.163 1.00 43.58 ? 36  SER A OG    1 
ATOM   256  N  N     . PRO A 1 37  ? -2.298  -4.275  -26.617 1.00 39.84 ? 37  PRO A N     1 
ATOM   257  C  CA    . PRO A 1 37  ? -2.783  -2.923  -26.356 1.00 39.18 ? 37  PRO A CA    1 
ATOM   258  C  C     . PRO A 1 37  ? -3.273  -2.260  -27.642 1.00 38.51 ? 37  PRO A C     1 
ATOM   259  O  O     . PRO A 1 37  ? -2.841  -2.640  -28.730 1.00 38.22 ? 37  PRO A O     1 
ATOM   260  C  CB    . PRO A 1 37  ? -1.539  -2.203  -25.825 1.00 39.15 ? 37  PRO A CB    1 
ATOM   261  C  CG    . PRO A 1 37  ? -0.675  -3.286  -25.285 1.00 38.84 ? 37  PRO A CG    1 
ATOM   262  C  CD    . PRO A 1 37  ? -0.900  -4.453  -26.190 1.00 39.60 ? 37  PRO A CD    1 
ATOM   263  N  N     . PRO A 1 38  ? -4.156  -1.255  -27.521 1.00 38.08 ? 38  PRO A N     1 
ATOM   264  C  CA    . PRO A 1 38  ? -4.607  -0.664  -26.264 1.00 37.93 ? 38  PRO A CA    1 
ATOM   265  C  C     . PRO A 1 38  ? -5.773  -1.397  -25.598 1.00 37.79 ? 38  PRO A C     1 
ATOM   266  O  O     . PRO A 1 38  ? -6.543  -0.780  -24.860 1.00 37.90 ? 38  PRO A O     1 
ATOM   267  C  CB    . PRO A 1 38  ? -5.055  0.732   -26.694 1.00 37.94 ? 38  PRO A CB    1 
ATOM   268  C  CG    . PRO A 1 38  ? -5.560  0.538   -28.079 1.00 37.49 ? 38  PRO A CG    1 
ATOM   269  C  CD    . PRO A 1 38  ? -4.741  -0.571  -28.689 1.00 38.04 ? 38  PRO A CD    1 
ATOM   270  N  N     . LEU A 1 39  ? -5.903  -2.696  -25.849 1.00 37.52 ? 39  LEU A N     1 
ATOM   271  C  CA    . LEU A 1 39  ? -6.967  -3.475  -25.224 1.00 37.68 ? 39  LEU A CA    1 
ATOM   272  C  C     . LEU A 1 39  ? -6.645  -3.806  -23.769 1.00 37.96 ? 39  LEU A C     1 
ATOM   273  O  O     . LEU A 1 39  ? -5.511  -4.157  -23.439 1.00 38.04 ? 39  LEU A O     1 
ATOM   274  C  CB    . LEU A 1 39  ? -7.242  -4.761  -26.011 1.00 37.69 ? 39  LEU A CB    1 
ATOM   275  C  CG    . LEU A 1 39  ? -8.145  -4.657  -27.243 1.00 37.37 ? 39  LEU A CG    1 
ATOM   276  C  CD1   . LEU A 1 39  ? -8.212  -5.993  -27.970 1.00 38.01 ? 39  LEU A CD1   1 
ATOM   277  C  CD2   . LEU A 1 39  ? -9.539  -4.186  -26.859 1.00 36.39 ? 39  LEU A CD2   1 
ATOM   278  N  N     . THR A 1 40  ? -7.647  -3.683  -22.903 1.00 38.07 ? 40  THR A N     1 
ATOM   279  C  CA    . THR A 1 40  ? -7.501  -4.046  -21.496 1.00 38.38 ? 40  THR A CA    1 
ATOM   280  C  C     . THR A 1 40  ? -8.592  -5.030  -21.078 1.00 39.15 ? 40  THR A C     1 
ATOM   281  O  O     . THR A 1 40  ? -8.878  -5.191  -19.888 1.00 39.18 ? 40  THR A O     1 
ATOM   282  C  CB    . THR A 1 40  ? -7.550  -2.812  -20.573 1.00 38.04 ? 40  THR A CB    1 
ATOM   283  O  OG1   . THR A 1 40  ? -8.841  -2.198  -20.656 1.00 37.44 ? 40  THR A OG1   1 
ATOM   284  C  CG2   . THR A 1 40  ? -6.485  -1.803  -20.965 1.00 38.02 ? 40  THR A CG2   1 
ATOM   285  N  N     . THR A 1 41  ? -9.198  -5.685  -22.065 1.00 39.77 ? 41  THR A N     1 
ATOM   286  C  CA    . THR A 1 41  ? -10.260 -6.655  -21.811 1.00 40.14 ? 41  THR A CA    1 
ATOM   287  C  C     . THR A 1 41  ? -10.075 -7.919  -22.643 1.00 40.50 ? 41  THR A C     1 
ATOM   288  O  O     . THR A 1 41  ? -9.496  -7.885  -23.730 1.00 40.56 ? 41  THR A O     1 
ATOM   289  C  CB    . THR A 1 41  ? -11.654 -6.068  -22.108 1.00 40.00 ? 41  THR A CB    1 
ATOM   290  O  OG1   . THR A 1 41  ? -11.684 -5.560  -23.448 1.00 40.24 ? 41  THR A OG1   1 
ATOM   291  C  CG2   . THR A 1 41  ? -11.982 -4.945  -21.133 1.00 39.70 ? 41  THR A CG2   1 
ATOM   292  N  N     . GLY A 1 42  ? -10.578 -9.033  -22.120 1.00 40.76 ? 42  GLY A N     1 
ATOM   293  C  CA    . GLY A 1 42  ? -10.473 -10.324 -22.785 1.00 41.00 ? 42  GLY A CA    1 
ATOM   294  C  C     . GLY A 1 42  ? -10.939 -11.423 -21.851 1.00 41.45 ? 42  GLY A C     1 
ATOM   295  O  O     . GLY A 1 42  ? -11.846 -11.212 -21.046 1.00 41.70 ? 42  GLY A O     1 
ATOM   296  N  N     . PRO A 1 43  ? -10.320 -12.608 -21.952 1.00 41.71 ? 43  PRO A N     1 
ATOM   297  C  CA    . PRO A 1 43  ? -10.622 -13.709 -21.043 1.00 41.86 ? 43  PRO A CA    1 
ATOM   298  C  C     . PRO A 1 43  ? -10.472 -13.271 -19.590 1.00 41.97 ? 43  PRO A C     1 
ATOM   299  O  O     . PRO A 1 43  ? -9.522  -12.559 -19.258 1.00 42.16 ? 43  PRO A O     1 
ATOM   300  C  CB    . PRO A 1 43  ? -9.554  -14.748 -21.390 1.00 42.09 ? 43  PRO A CB    1 
ATOM   301  C  CG    . PRO A 1 43  ? -9.205  -14.467 -22.808 1.00 42.45 ? 43  PRO A CG    1 
ATOM   302  C  CD    . PRO A 1 43  ? -9.318  -12.978 -22.966 1.00 42.02 ? 43  PRO A CD    1 
ATOM   303  N  N     . PRO A 1 44  ? -11.409 -13.688 -18.723 1.00 41.96 ? 44  PRO A N     1 
ATOM   304  C  CA    . PRO A 1 44  ? -11.369 -13.307 -17.312 1.00 41.75 ? 44  PRO A CA    1 
ATOM   305  C  C     . PRO A 1 44  ? -10.024 -13.639 -16.669 1.00 41.20 ? 44  PRO A C     1 
ATOM   306  O  O     . PRO A 1 44  ? -9.544  -12.891 -15.818 1.00 41.02 ? 44  PRO A O     1 
ATOM   307  C  CB    . PRO A 1 44  ? -12.483 -14.155 -16.690 1.00 41.81 ? 44  PRO A CB    1 
ATOM   308  C  CG    . PRO A 1 44  ? -13.435 -14.391 -17.809 1.00 42.23 ? 44  PRO A CG    1 
ATOM   309  C  CD    . PRO A 1 44  ? -12.576 -14.530 -19.035 1.00 42.13 ? 44  PRO A CD    1 
ATOM   310  N  N     . GLU A 1 45  ? -9.424  -14.751 -17.081 1.00 40.83 ? 45  GLU A N     1 
ATOM   311  C  CA    . GLU A 1 45  ? -8.122  -15.149 -16.560 1.00 40.42 ? 45  GLU A CA    1 
ATOM   312  C  C     . GLU A 1 45  ? -7.094  -14.041 -16.782 1.00 39.68 ? 45  GLU A C     1 
ATOM   313  O  O     . GLU A 1 45  ? -6.160  -13.882 -15.995 1.00 39.84 ? 45  GLU A O     1 
ATOM   314  C  CB    . GLU A 1 45  ? -7.656  -16.459 -17.206 1.00 40.63 ? 45  GLU A CB    1 
ATOM   315  C  CG    . GLU A 1 45  ? -6.561  -17.179 -16.429 1.00 40.98 ? 45  GLU A CG    1 
ATOM   316  C  CD    . GLU A 1 45  ? -6.240  -18.545 -17.004 1.00 41.80 ? 45  GLU A CD    1 
ATOM   317  N  N     . PHE A 1 46  ? -7.274  -13.277 -17.856 1.00 38.63 ? 46  PHE A N     1 
ATOM   318  C  CA    . PHE A 1 46  ? -6.425  -12.121 -18.123 1.00 37.56 ? 46  PHE A CA    1 
ATOM   319  C  C     . PHE A 1 46  ? -6.906  -10.908 -17.340 1.00 36.86 ? 46  PHE A C     1 
ATOM   320  O  O     . PHE A 1 46  ? -6.134  -10.284 -16.612 1.00 36.95 ? 46  PHE A O     1 
ATOM   321  C  CB    . PHE A 1 46  ? -6.399  -11.790 -19.616 1.00 37.36 ? 46  PHE A CB    1 
ATOM   322  C  CG    . PHE A 1 46  ? -5.851  -10.423 -19.923 1.00 36.84 ? 46  PHE A CG    1 
ATOM   323  C  CD1   . PHE A 1 46  ? -6.706  -9.357  -20.166 1.00 37.11 ? 46  PHE A CD1   1 
ATOM   324  C  CD2   . PHE A 1 46  ? -4.483  -10.200 -19.958 1.00 36.11 ? 46  PHE A CD2   1 
ATOM   325  C  CE1   . PHE A 1 46  ? -6.207  -8.096  -20.447 1.00 35.65 ? 46  PHE A CE1   1 
ATOM   326  C  CE2   . PHE A 1 46  ? -3.976  -8.941  -20.236 1.00 35.03 ? 46  PHE A CE2   1 
ATOM   327  C  CZ    . PHE A 1 46  ? -4.839  -7.888  -20.481 1.00 35.69 ? 46  PHE A CZ    1 
ATOM   328  N  N     . GLU A 1 47  ? -8.186  -10.579 -17.495 1.00 35.79 ? 47  GLU A N     1 
ATOM   329  C  CA    . GLU A 1 47  ? -8.763  -9.412  -16.835 1.00 34.95 ? 47  GLU A CA    1 
ATOM   330  C  C     . GLU A 1 47  ? -8.436  -9.354  -15.345 1.00 33.79 ? 47  GLU A C     1 
ATOM   331  O  O     . GLU A 1 47  ? -8.190  -8.277  -14.803 1.00 33.42 ? 47  GLU A O     1 
ATOM   332  C  CB    . GLU A 1 47  ? -10.276 -9.348  -17.061 1.00 35.25 ? 47  GLU A CB    1 
ATOM   333  C  CG    . GLU A 1 47  ? -10.664 -8.995  -18.489 1.00 37.45 ? 47  GLU A CG    1 
ATOM   334  C  CD    . GLU A 1 47  ? -12.091 -8.486  -18.603 1.00 40.77 ? 47  GLU A CD    1 
ATOM   335  O  OE1   . GLU A 1 47  ? -12.844 -8.575  -17.609 1.00 41.74 ? 47  GLU A OE1   1 
ATOM   336  O  OE2   . GLU A 1 47  ? -12.457 -7.992  -19.691 1.00 42.37 ? 47  GLU A OE2   1 
ATOM   337  N  N     . ARG A 1 48  ? -8.434  -10.511 -14.687 1.00 32.91 ? 48  ARG A N     1 
ATOM   338  C  CA    . ARG A 1 48  ? -8.106  -10.575 -13.265 1.00 32.04 ? 48  ARG A CA    1 
ATOM   339  C  C     . ARG A 1 48  ? -6.658  -10.165 -13.024 1.00 31.64 ? 48  ARG A C     1 
ATOM   340  O  O     . ARG A 1 48  ? -6.377  -9.318  -12.175 1.00 31.59 ? 48  ARG A O     1 
ATOM   341  C  CB    . ARG A 1 48  ? -8.352  -11.976 -12.704 1.00 31.75 ? 48  ARG A CB    1 
ATOM   342  C  CG    . ARG A 1 48  ? -9.817  -12.326 -12.515 1.00 31.44 ? 48  ARG A CG    1 
ATOM   343  C  CD    . ARG A 1 48  ? -9.969  -13.606 -11.708 1.00 32.51 ? 48  ARG A CD    1 
ATOM   344  N  NE    . ARG A 1 48  ? -9.123  -14.678 -12.226 1.00 32.32 ? 48  ARG A NE    1 
ATOM   345  C  CZ    . ARG A 1 48  ? -9.509  -15.559 -13.142 1.00 31.31 ? 48  ARG A CZ    1 
ATOM   346  N  NH1   . ARG A 1 48  ? -8.669  -16.496 -13.556 1.00 30.77 ? 48  ARG A NH1   1 
ATOM   347  N  NH2   . ARG A 1 48  ? -10.736 -15.503 -13.645 1.00 32.08 ? 48  ARG A NH2   1 
ATOM   348  N  N     . VAL A 1 49  ? -5.744  -10.771 -13.775 1.00 30.95 ? 49  VAL A N     1 
ATOM   349  C  CA    . VAL A 1 49  ? -4.331  -10.426 -13.677 1.00 30.19 ? 49  VAL A CA    1 
ATOM   350  C  C     . VAL A 1 49  ? -4.137  -8.933  -13.918 1.00 29.66 ? 49  VAL A C     1 
ATOM   351  O  O     . VAL A 1 49  ? -3.415  -8.262  -13.180 1.00 29.83 ? 49  VAL A O     1 
ATOM   352  C  CB    . VAL A 1 49  ? -3.481  -11.229 -14.678 1.00 29.99 ? 49  VAL A CB    1 
ATOM   353  C  CG1   . VAL A 1 49  ? -2.033  -10.758 -14.650 1.00 29.11 ? 49  VAL A CG1   1 
ATOM   354  C  CG2   . VAL A 1 49  ? -3.569  -12.715 -14.369 1.00 30.73 ? 49  VAL A CG2   1 
ATOM   355  N  N     . TYR A 1 50  ? -4.794  -8.419  -14.953 1.00 28.73 ? 50  TYR A N     1 
ATOM   356  C  CA    . TYR A 1 50  ? -4.735  -6.998  -15.268 1.00 27.86 ? 50  TYR A CA    1 
ATOM   357  C  C     . TYR A 1 50  ? -5.295  -6.142  -14.132 1.00 27.73 ? 50  TYR A C     1 
ATOM   358  O  O     . TYR A 1 50  ? -4.698  -5.135  -13.751 1.00 27.64 ? 50  TYR A O     1 
ATOM   359  C  CB    . TYR A 1 50  ? -5.496  -6.700  -16.560 1.00 27.48 ? 50  TYR A CB    1 
ATOM   360  C  CG    . TYR A 1 50  ? -5.788  -5.232  -16.746 1.00 25.86 ? 50  TYR A CG    1 
ATOM   361  C  CD1   . TYR A 1 50  ? -6.995  -4.689  -16.330 1.00 25.30 ? 50  TYR A CD1   1 
ATOM   362  C  CD2   . TYR A 1 50  ? -4.849  -4.387  -17.321 1.00 25.58 ? 50  TYR A CD2   1 
ATOM   363  C  CE1   . TYR A 1 50  ? -7.264  -3.342  -16.489 1.00 25.95 ? 50  TYR A CE1   1 
ATOM   364  C  CE2   . TYR A 1 50  ? -5.107  -3.040  -17.486 1.00 25.66 ? 50  TYR A CE2   1 
ATOM   365  C  CZ    . TYR A 1 50  ? -6.316  -2.523  -17.067 1.00 25.89 ? 50  TYR A CZ    1 
ATOM   366  O  OH    . TYR A 1 50  ? -6.576  -1.184  -17.228 1.00 26.66 ? 50  TYR A OH    1 
ATOM   367  N  N     . ARG A 1 51  ? -6.443  -6.549  -13.601 1.00 27.49 ? 51  ARG A N     1 
ATOM   368  C  CA    . ARG A 1 51  ? -7.112  -5.798  -12.544 1.00 27.23 ? 51  ARG A CA    1 
ATOM   369  C  C     . ARG A 1 51  ? -6.356  -5.853  -11.220 1.00 26.98 ? 51  ARG A C     1 
ATOM   370  O  O     . ARG A 1 51  ? -6.412  -4.914  -10.426 1.00 26.87 ? 51  ARG A O     1 
ATOM   371  C  CB    . ARG A 1 51  ? -8.544  -6.300  -12.355 1.00 27.34 ? 51  ARG A CB    1 
ATOM   372  C  CG    . ARG A 1 51  ? -9.497  -5.874  -13.459 1.00 28.36 ? 51  ARG A CG    1 
ATOM   373  C  CD    . ARG A 1 51  ? -9.541  -4.363  -13.579 1.00 28.17 ? 51  ARG A CD    1 
ATOM   374  N  NE    . ARG A 1 51  ? -9.785  -3.737  -12.285 1.00 29.44 ? 51  ARG A NE    1 
ATOM   375  C  CZ    . ARG A 1 51  ? -9.602  -2.446  -12.033 1.00 31.95 ? 51  ARG A CZ    1 
ATOM   376  N  NH1   . ARG A 1 51  ? -9.170  -1.635  -12.989 1.00 32.03 ? 51  ARG A NH1   1 
ATOM   377  N  NH2   . ARG A 1 51  ? -9.849  -1.967  -10.821 1.00 34.77 ? 51  ARG A NH2   1 
ATOM   378  N  N     . ALA A 1 52  ? -5.658  -6.958  -10.979 1.00 26.80 ? 52  ALA A N     1 
ATOM   379  C  CA    . ALA A 1 52  ? -4.858  -7.101  -9.771  1.00 26.63 ? 52  ALA A CA    1 
ATOM   380  C  C     . ALA A 1 52  ? -3.709  -6.100  -9.784  1.00 26.66 ? 52  ALA A C     1 
ATOM   381  O  O     . ALA A 1 52  ? -3.371  -5.511  -8.756  1.00 26.82 ? 52  ALA A O     1 
ATOM   382  C  CB    . ALA A 1 52  ? -4.328  -8.519  -9.649  1.00 26.58 ? 52  ALA A CB    1 
ATOM   383  N  N     . GLN A 1 53  ? -3.118  -5.909  -10.959 1.00 26.37 ? 53  GLN A N     1 
ATOM   384  C  CA    . GLN A 1 53  ? -2.006  -4.981  -11.124 1.00 25.97 ? 53  GLN A CA    1 
ATOM   385  C  C     . GLN A 1 53  ? -2.472  -3.533  -11.010 1.00 25.83 ? 53  GLN A C     1 
ATOM   386  O  O     . GLN A 1 53  ? -1.785  -2.697  -10.422 1.00 26.22 ? 53  GLN A O     1 
ATOM   387  C  CB    . GLN A 1 53  ? -1.301  -5.221  -12.464 1.00 25.78 ? 53  GLN A CB    1 
ATOM   388  C  CG    . GLN A 1 53  ? -0.229  -4.195  -12.812 1.00 25.43 ? 53  GLN A CG    1 
ATOM   389  C  CD    . GLN A 1 53  ? -0.786  -2.992  -13.555 1.00 25.33 ? 53  GLN A CD    1 
ATOM   390  O  OE1   . GLN A 1 53  ? -1.416  -3.131  -14.603 1.00 24.54 ? 53  GLN A OE1   1 
ATOM   391  N  NE2   . GLN A 1 53  ? -0.548  -1.800  -13.016 1.00 25.26 ? 53  GLN A NE2   1 
ATOM   392  N  N     . VAL A 1 54  ? -3.641  -3.242  -11.570 1.00 25.48 ? 54  VAL A N     1 
ATOM   393  C  CA    . VAL A 1 54  ? -4.191  -1.891  -11.551 1.00 25.24 ? 54  VAL A CA    1 
ATOM   394  C  C     . VAL A 1 54  ? -4.636  -1.490  -10.148 1.00 25.57 ? 54  VAL A C     1 
ATOM   395  O  O     . VAL A 1 54  ? -4.424  -0.356  -9.717  1.00 25.36 ? 54  VAL A O     1 
ATOM   396  C  CB    . VAL A 1 54  ? -5.381  -1.757  -12.519 1.00 24.87 ? 54  VAL A CB    1 
ATOM   397  C  CG1   . VAL A 1 54  ? -6.054  -0.408  -12.352 1.00 24.64 ? 54  VAL A CG1   1 
ATOM   398  C  CG2   . VAL A 1 54  ? -4.918  -1.954  -13.951 1.00 24.56 ? 54  VAL A CG2   1 
ATOM   399  N  N     . ASN A 1 55  ? -5.254  -2.430  -9.441  1.00 26.14 ? 55  ASN A N     1 
ATOM   400  C  CA    . ASN A 1 55  ? -5.733  -2.186  -8.089  1.00 26.84 ? 55  ASN A CA    1 
ATOM   401  C  C     . ASN A 1 55  ? -4.580  -1.913  -7.131  1.00 27.02 ? 55  ASN A C     1 
ATOM   402  O  O     . ASN A 1 55  ? -4.669  -1.037  -6.271  1.00 27.04 ? 55  ASN A O     1 
ATOM   403  C  CB    . ASN A 1 55  ? -6.568  -3.371  -7.603  1.00 27.31 ? 55  ASN A CB    1 
ATOM   404  C  CG    . ASN A 1 55  ? -7.262  -3.096  -6.285  1.00 30.18 ? 55  ASN A CG    1 
ATOM   405  O  OD1   . ASN A 1 55  ? -6.641  -3.130  -5.222  1.00 33.98 ? 55  ASN A OD1   1 
ATOM   406  N  ND2   . ASN A 1 55  ? -8.562  -2.830  -6.347  1.00 33.08 ? 55  ASN A ND2   1 
ATOM   407  N  N     . CYS A 1 56  ? -3.496  -2.665  -7.286  1.00 27.35 ? 56  CYS A N     1 
ATOM   408  C  CA    . CYS A 1 56  ? -2.300  -2.461  -6.478  1.00 27.76 ? 56  CYS A CA    1 
ATOM   409  C  C     . CYS A 1 56  ? -1.638  -1.132  -6.819  1.00 27.75 ? 56  CYS A C     1 
ATOM   410  O  O     . CYS A 1 56  ? -1.039  -0.485  -5.959  1.00 28.01 ? 56  CYS A O     1 
ATOM   411  C  CB    . CYS A 1 56  ? -1.306  -3.604  -6.696  1.00 27.77 ? 56  CYS A CB    1 
ATOM   412  S  SG    . CYS A 1 56  ? -1.874  -5.211  -6.098  1.00 31.25 ? 56  CYS A SG    1 
ATOM   413  N  N     . SER A 1 57  ? -1.755  -0.730  -8.079  1.00 27.76 ? 57  SER A N     1 
ATOM   414  C  CA    . SER A 1 57  ? -1.112  0.484   -8.565  1.00 27.61 ? 57  SER A CA    1 
ATOM   415  C  C     . SER A 1 57  ? -1.792  1.751   -8.046  1.00 27.92 ? 57  SER A C     1 
ATOM   416  O  O     . SER A 1 57  ? -1.140  2.779   -7.854  1.00 28.20 ? 57  SER A O     1 
ATOM   417  C  CB    . SER A 1 57  ? -1.072  0.489   -10.096 1.00 27.12 ? 57  SER A CB    1 
ATOM   418  N  N     . GLU A 1 58  ? -3.099  1.677   -7.816  1.00 27.89 ? 58  GLU A N     1 
ATOM   419  C  CA    . GLU A 1 58  ? -3.850  2.851   -7.375  1.00 28.15 ? 58  GLU A CA    1 
ATOM   420  C  C     . GLU A 1 58  ? -3.814  3.026   -5.860  1.00 28.11 ? 58  GLU A C     1 
ATOM   421  O  O     . GLU A 1 58  ? -4.201  4.073   -5.339  1.00 28.73 ? 58  GLU A O     1 
ATOM   422  C  CB    . GLU A 1 58  ? -5.293  2.804   -7.881  1.00 28.33 ? 58  GLU A CB    1 
ATOM   423  C  CG    . GLU A 1 58  ? -6.130  1.686   -7.294  1.00 29.77 ? 58  GLU A CG    1 
ATOM   424  C  CD    . GLU A 1 58  ? -7.441  1.497   -8.032  1.00 32.18 ? 58  GLU A CD    1 
ATOM   425  O  OE1   . GLU A 1 58  ? -8.287  0.720   -7.542  1.00 35.70 ? 58  GLU A OE1   1 
ATOM   426  O  OE2   . GLU A 1 58  ? -7.623  2.123   -9.100  1.00 29.80 ? 58  GLU A OE2   1 
ATOM   427  N  N     . TYR A 1 59  ? -3.350  2.001   -5.156  1.00 27.58 ? 59  TYR A N     1 
ATOM   428  C  CA    . TYR A 1 59  ? -3.207  2.082   -3.709  1.00 27.37 ? 59  TYR A CA    1 
ATOM   429  C  C     . TYR A 1 59  ? -1.768  2.391   -3.307  1.00 27.13 ? 59  TYR A C     1 
ATOM   430  O  O     . TYR A 1 59  ? -1.507  2.808   -2.180  1.00 27.48 ? 59  TYR A O     1 
ATOM   431  C  CB    . TYR A 1 59  ? -3.676  0.785   -3.046  1.00 27.49 ? 59  TYR A CB    1 
ATOM   432  C  CG    . TYR A 1 59  ? -5.170  0.717   -2.837  1.00 29.05 ? 59  TYR A CG    1 
ATOM   433  C  CD1   . TYR A 1 59  ? -5.756  1.262   -1.702  1.00 29.96 ? 59  TYR A CD1   1 
ATOM   434  C  CD2   . TYR A 1 59  ? -5.997  0.105   -3.773  1.00 31.06 ? 59  TYR A CD2   1 
ATOM   435  C  CE1   . TYR A 1 59  ? -7.123  1.204   -1.504  1.00 30.59 ? 59  TYR A CE1   1 
ATOM   436  C  CE2   . TYR A 1 59  ? -7.367  0.041   -3.584  1.00 31.47 ? 59  TYR A CE2   1 
ATOM   437  C  CZ    . TYR A 1 59  ? -7.923  0.593   -2.447  1.00 31.67 ? 59  TYR A CZ    1 
ATOM   438  O  OH    . TYR A 1 59  ? -9.283  0.534   -2.249  1.00 33.45 ? 59  TYR A OH    1 
ATOM   439  N  N     . PHE A 1 60  ? -0.841  2.192   -4.237  1.00 26.57 ? 60  PHE A N     1 
ATOM   440  C  CA    . PHE A 1 60  ? 0.579   2.390   -3.960  1.00 26.08 ? 60  PHE A CA    1 
ATOM   441  C  C     . PHE A 1 60  ? 0.894   3.767   -3.364  1.00 25.73 ? 60  PHE A C     1 
ATOM   442  O  O     . PHE A 1 60  ? 1.584   3.860   -2.348  1.00 25.91 ? 60  PHE A O     1 
ATOM   443  C  CB    . PHE A 1 60  ? 1.412   2.144   -5.219  1.00 25.92 ? 60  PHE A CB    1 
ATOM   444  C  CG    . PHE A 1 60  ? 2.872   1.933   -4.945  1.00 25.90 ? 60  PHE A CG    1 
ATOM   445  C  CD1   . PHE A 1 60  ? 3.823   2.775   -5.491  1.00 25.76 ? 60  PHE A CD1   1 
ATOM   446  C  CD2   . PHE A 1 60  ? 3.291   0.892   -4.130  1.00 25.52 ? 60  PHE A CD2   1 
ATOM   447  C  CE1   . PHE A 1 60  ? 5.169   2.579   -5.237  1.00 26.66 ? 60  PHE A CE1   1 
ATOM   448  C  CE2   . PHE A 1 60  ? 4.633   0.690   -3.871  1.00 24.38 ? 60  PHE A CE2   1 
ATOM   449  C  CZ    . PHE A 1 60  ? 5.573   1.535   -4.425  1.00 25.47 ? 60  PHE A CZ    1 
ATOM   450  N  N     . PRO A 1 61  ? 0.398   4.842   -3.999  1.00 25.06 ? 61  PRO A N     1 
ATOM   451  C  CA    . PRO A 1 61  ? 0.600   6.189   -3.469  1.00 24.37 ? 61  PRO A CA    1 
ATOM   452  C  C     . PRO A 1 61  ? 0.047   6.339   -2.052  1.00 23.95 ? 61  PRO A C     1 
ATOM   453  O  O     . PRO A 1 61  ? 0.681   6.970   -1.207  1.00 23.95 ? 61  PRO A O     1 
ATOM   454  C  CB    . PRO A 1 61  ? -0.189  7.067   -4.443  1.00 24.21 ? 61  PRO A CB    1 
ATOM   455  C  CG    . PRO A 1 61  ? -0.202  6.301   -5.709  1.00 24.44 ? 61  PRO A CG    1 
ATOM   456  C  CD    . PRO A 1 61  ? -0.291  4.860   -5.300  1.00 25.17 ? 61  PRO A CD    1 
ATOM   457  N  N     . LEU A 1 62  ? -1.128  5.768   -1.800  1.00 23.24 ? 62  LEU A N     1 
ATOM   458  C  CA    . LEU A 1 62  ? -1.710  5.779   -0.461  1.00 22.72 ? 62  LEU A CA    1 
ATOM   459  C  C     . LEU A 1 62  ? -0.785  5.079   0.526   1.00 22.53 ? 62  LEU A C     1 
ATOM   460  O  O     . LEU A 1 62  ? -0.613  5.524   1.663   1.00 22.71 ? 62  LEU A O     1 
ATOM   461  C  CB    . LEU A 1 62  ? -3.080  5.096   -0.459  1.00 22.64 ? 62  LEU A CB    1 
ATOM   462  C  CG    . LEU A 1 62  ? -4.297  5.962   -0.785  1.00 21.77 ? 62  LEU A CG    1 
ATOM   463  C  CD1   . LEU A 1 62  ? -4.139  6.648   -2.134  1.00 22.38 ? 62  LEU A CD1   1 
ATOM   464  C  CD2   . LEU A 1 62  ? -5.558  5.118   -0.750  1.00 19.52 ? 62  LEU A CD2   1 
ATOM   465  N  N     . PHE A 1 63  ? -0.196  3.975   0.079   1.00 21.81 ? 63  PHE A N     1 
ATOM   466  C  CA    . PHE A 1 63  ? 0.761   3.231   0.880   1.00 21.14 ? 63  PHE A CA    1 
ATOM   467  C  C     . PHE A 1 63  ? 1.989   4.086   1.177   1.00 20.89 ? 63  PHE A C     1 
ATOM   468  O  O     . PHE A 1 63  ? 2.317   4.331   2.338   1.00 20.70 ? 63  PHE A O     1 
ATOM   469  C  CB    . PHE A 1 63  ? 1.161   1.945   0.154   1.00 21.11 ? 63  PHE A CB    1 
ATOM   470  C  CG    . PHE A 1 63  ? 2.431   1.330   0.659   1.00 22.18 ? 63  PHE A CG    1 
ATOM   471  C  CD1   . PHE A 1 63  ? 3.573   1.329   -0.127  1.00 23.11 ? 63  PHE A CD1   1 
ATOM   472  C  CD2   . PHE A 1 63  ? 2.487   0.756   1.920   1.00 22.29 ? 63  PHE A CD2   1 
ATOM   473  C  CE1   . PHE A 1 63  ? 4.748   0.762   0.335   1.00 24.97 ? 63  PHE A CE1   1 
ATOM   474  C  CE2   . PHE A 1 63  ? 3.656   0.189   2.390   1.00 21.79 ? 63  PHE A CE2   1 
ATOM   475  C  CZ    . PHE A 1 63  ? 4.789   0.191   1.597   1.00 24.64 ? 63  PHE A CZ    1 
ATOM   476  N  N     . LEU A 1 64  ? 2.658   4.545   0.122   1.00 20.89 ? 64  LEU A N     1 
ATOM   477  C  CA    . LEU A 1 64  ? 3.857   5.370   0.260   1.00 20.52 ? 64  LEU A CA    1 
ATOM   478  C  C     . LEU A 1 64  ? 3.614   6.596   1.135   1.00 20.46 ? 64  LEU A C     1 
ATOM   479  O  O     . LEU A 1 64  ? 4.470   6.974   1.935   1.00 20.38 ? 64  LEU A O     1 
ATOM   480  C  CB    . LEU A 1 64  ? 4.378   5.803   -1.113  1.00 20.27 ? 64  LEU A CB    1 
ATOM   481  C  CG    . LEU A 1 64  ? 5.101   4.740   -1.943  1.00 20.13 ? 64  LEU A CG    1 
ATOM   482  N  N     . ALA A 1 65  ? 2.443   7.208   0.978   1.00 20.53 ? 65  ALA A N     1 
ATOM   483  C  CA    . ALA A 1 65  ? 2.094   8.417   1.719   1.00 20.85 ? 65  ALA A CA    1 
ATOM   484  C  C     . ALA A 1 65  ? 2.018   8.173   3.223   1.00 21.55 ? 65  ALA A C     1 
ATOM   485  O  O     . ALA A 1 65  ? 2.693   8.845   4.006   1.00 21.87 ? 65  ALA A O     1 
ATOM   486  C  CB    . ALA A 1 65  ? 0.780   8.986   1.211   1.00 20.73 ? 65  ALA A CB    1 
ATOM   487  N  N     . THR A 1 66  ? 1.195   7.210   3.625   1.00 21.83 ? 66  THR A N     1 
ATOM   488  C  CA    . THR A 1 66  ? 1.003   6.920   5.040   1.00 22.32 ? 66  THR A CA    1 
ATOM   489  C  C     . THR A 1 66  ? 2.222   6.232   5.647   1.00 22.36 ? 66  THR A C     1 
ATOM   490  O  O     . THR A 1 66  ? 2.476   6.355   6.843   1.00 22.90 ? 66  THR A O     1 
ATOM   491  C  CB    . THR A 1 66  ? -0.243  6.050   5.279   1.00 22.46 ? 66  THR A CB    1 
ATOM   492  O  OG1   . THR A 1 66  ? -0.005  4.726   4.785   1.00 24.51 ? 66  THR A OG1   1 
ATOM   493  C  CG2   . THR A 1 66  ? -1.452  6.646   4.573   1.00 22.75 ? 66  THR A CG2   1 
ATOM   494  N  N     . LEU A 1 67  ? 2.970   5.504   4.824   1.00 22.13 ? 67  LEU A N     1 
ATOM   495  C  CA    . LEU A 1 67  ? 4.187   4.855   5.294   1.00 22.14 ? 67  LEU A CA    1 
ATOM   496  C  C     . LEU A 1 67  ? 5.168   5.893   5.820   1.00 22.66 ? 67  LEU A C     1 
ATOM   497  O  O     . LEU A 1 67  ? 5.744   5.727   6.896   1.00 22.59 ? 67  LEU A O     1 
ATOM   498  C  CB    . LEU A 1 67  ? 4.843   4.040   4.174   1.00 21.92 ? 67  LEU A CB    1 
ATOM   499  C  CG    . LEU A 1 67  ? 6.281   3.582   4.448   1.00 20.30 ? 67  LEU A CG    1 
ATOM   500  C  CD1   . LEU A 1 67  ? 6.333   2.629   5.630   1.00 19.35 ? 67  LEU A CD1   1 
ATOM   501  C  CD2   . LEU A 1 67  ? 6.909   2.944   3.220   1.00 18.21 ? 67  LEU A CD2   1 
ATOM   502  N  N     . TRP A 1 68  ? 5.348   6.965   5.054   1.00 23.32 ? 68  TRP A N     1 
ATOM   503  C  CA    . TRP A 1 68  ? 6.321   7.999   5.391   1.00 23.92 ? 68  TRP A CA    1 
ATOM   504  C  C     . TRP A 1 68  ? 5.843   8.922   6.507   1.00 24.00 ? 68  TRP A C     1 
ATOM   505  O  O     . TRP A 1 68  ? 6.628   9.320   7.367   1.00 24.01 ? 68  TRP A O     1 
ATOM   506  C  CB    . TRP A 1 68  ? 6.702   8.805   4.147   1.00 24.02 ? 68  TRP A CB    1 
ATOM   507  C  CG    . TRP A 1 68  ? 7.660   8.077   3.257   1.00 25.94 ? 68  TRP A CG    1 
ATOM   508  C  CD1   . TRP A 1 68  ? 7.348   7.226   2.235   1.00 26.33 ? 68  TRP A CD1   1 
ATOM   509  C  CD2   . TRP A 1 68  ? 9.091   8.122   3.319   1.00 27.29 ? 68  TRP A CD2   1 
ATOM   510  N  NE1   . TRP A 1 68  ? 8.498   6.744   1.653   1.00 25.83 ? 68  TRP A NE1   1 
ATOM   511  C  CE2   . TRP A 1 68  ? 9.581   7.279   2.300   1.00 26.76 ? 68  TRP A CE2   1 
ATOM   512  C  CE3   . TRP A 1 68  ? 10.006  8.798   4.133   1.00 27.09 ? 68  TRP A CE3   1 
ATOM   513  C  CZ2   . TRP A 1 68  ? 10.943  7.093   2.076   1.00 27.32 ? 68  TRP A CZ2   1 
ATOM   514  C  CZ3   . TRP A 1 68  ? 11.357  8.613   3.908   1.00 27.80 ? 68  TRP A CZ3   1 
ATOM   515  C  CH2   . TRP A 1 68  ? 11.813  7.766   2.887   1.00 27.97 ? 68  TRP A CH2   1 
ATOM   516  N  N     . VAL A 1 69  ? 4.557   9.258   6.496   1.00 24.00 ? 69  VAL A N     1 
ATOM   517  C  CA    . VAL A 1 69  ? 3.999   10.097  7.547   1.00 24.00 ? 69  VAL A CA    1 
ATOM   518  C  C     . VAL A 1 69  ? 4.052   9.367   8.885   1.00 24.28 ? 69  VAL A C     1 
ATOM   519  O  O     . VAL A 1 69  ? 4.418   9.950   9.904   1.00 24.32 ? 69  VAL A O     1 
ATOM   520  C  CB    . VAL A 1 69  ? 2.556   10.530  7.236   1.00 23.86 ? 69  VAL A CB    1 
ATOM   521  C  CG1   . VAL A 1 69  ? 1.976   11.317  8.399   1.00 23.48 ? 69  VAL A CG1   1 
ATOM   522  C  CG2   . VAL A 1 69  ? 2.522   11.361  5.964   1.00 23.85 ? 69  VAL A CG2   1 
ATOM   523  N  N     . ALA A 1 70  ? 3.693   8.087   8.871   1.00 24.73 ? 70  ALA A N     1 
ATOM   524  C  CA    . ALA A 1 70  ? 3.755   7.256   10.071  1.00 25.20 ? 70  ALA A CA    1 
ATOM   525  C  C     . ALA A 1 70  ? 5.193   7.105   10.561  1.00 25.83 ? 70  ALA A C     1 
ATOM   526  O  O     . ALA A 1 70  ? 5.471   7.251   11.752  1.00 26.29 ? 70  ALA A O     1 
ATOM   527  C  CB    . ALA A 1 70  ? 3.138   5.891   9.808   1.00 24.90 ? 70  ALA A CB    1 
ATOM   528  N  N     . GLY A 1 71  ? 6.103   6.818   9.637   1.00 26.05 ? 71  GLY A N     1 
ATOM   529  C  CA    . GLY A 1 71  ? 7.507   6.627   9.980   1.00 26.29 ? 71  GLY A CA    1 
ATOM   530  C  C     . GLY A 1 71  ? 8.168   7.875   10.534  1.00 26.73 ? 71  GLY A C     1 
ATOM   531  O  O     . GLY A 1 71  ? 9.130   7.790   11.295  1.00 27.11 ? 71  GLY A O     1 
ATOM   532  N  N     . ILE A 1 72  ? 7.647   9.039   10.157  1.00 26.93 ? 72  ILE A N     1 
ATOM   533  C  CA    . ILE A 1 72  ? 8.247   10.312  10.553  1.00 27.16 ? 72  ILE A CA    1 
ATOM   534  C  C     . ILE A 1 72  ? 7.605   10.934  11.793  1.00 27.80 ? 72  ILE A C     1 
ATOM   535  O  O     . ILE A 1 72  ? 8.256   11.681  12.528  1.00 27.92 ? 72  ILE A O     1 
ATOM   536  C  CB    . ILE A 1 72  ? 8.203   11.334  9.397   1.00 26.97 ? 72  ILE A CB    1 
ATOM   537  C  CG1   . ILE A 1 72  ? 9.277   11.005  8.361   1.00 25.78 ? 72  ILE A CG1   1 
ATOM   538  C  CG2   . ILE A 1 72  ? 8.390   12.751  9.921   1.00 25.49 ? 72  ILE A CG2   1 
ATOM   539  C  CD1   . ILE A 1 72  ? 9.239   11.904  7.151   1.00 26.25 ? 72  ILE A CD1   1 
ATOM   540  N  N     . PHE A 1 73  ? 6.331   10.630  12.026  1.00 28.11 ? 73  PHE A N     1 
ATOM   541  C  CA    . PHE A 1 73  ? 5.595   11.252  13.125  1.00 28.19 ? 73  PHE A CA    1 
ATOM   542  C  C     . PHE A 1 73  ? 5.255   10.290  14.256  1.00 28.52 ? 73  PHE A C     1 
ATOM   543  O  O     . PHE A 1 73  ? 4.982   10.720  15.377  1.00 29.14 ? 73  PHE A O     1 
ATOM   544  C  CB    . PHE A 1 73  ? 4.331   11.942  12.609  1.00 28.05 ? 73  PHE A CB    1 
ATOM   545  C  CG    . PHE A 1 73  ? 4.605   13.210  11.854  1.00 28.10 ? 73  PHE A CG    1 
ATOM   546  C  CD1   . PHE A 1 73  ? 4.564   14.437  12.497  1.00 26.94 ? 73  PHE A CD1   1 
ATOM   547  C  CD2   . PHE A 1 73  ? 4.918   13.175  10.502  1.00 27.37 ? 73  PHE A CD2   1 
ATOM   548  C  CE1   . PHE A 1 73  ? 4.821   15.607  11.806  1.00 26.92 ? 73  PHE A CE1   1 
ATOM   549  C  CE2   . PHE A 1 73  ? 5.176   14.340  9.806   1.00 27.36 ? 73  PHE A CE2   1 
ATOM   550  C  CZ    . PHE A 1 73  ? 5.126   15.558  10.459  1.00 28.02 ? 73  PHE A CZ    1 
ATOM   551  N  N     . PHE A 1 74  ? 5.267   8.994   13.969  1.00 28.26 ? 74  PHE A N     1 
ATOM   552  C  CA    . PHE A 1 74  ? 4.973   8.005   14.999  1.00 28.15 ? 74  PHE A CA    1 
ATOM   553  C  C     . PHE A 1 74  ? 6.206   7.192   15.377  1.00 28.57 ? 74  PHE A C     1 
ATOM   554  O  O     . PHE A 1 74  ? 6.796   7.400   16.439  1.00 28.96 ? 74  PHE A O     1 
ATOM   555  C  CB    . PHE A 1 74  ? 3.836   7.079   14.565  1.00 27.88 ? 74  PHE A CB    1 
ATOM   556  C  CG    . PHE A 1 74  ? 3.366   6.159   15.654  1.00 27.06 ? 74  PHE A CG    1 
ATOM   557  C  CD1   . PHE A 1 74  ? 3.955   4.920   15.834  1.00 26.51 ? 74  PHE A CD1   1 
ATOM   558  C  CD2   . PHE A 1 74  ? 2.345   6.541   16.508  1.00 27.53 ? 74  PHE A CD2   1 
ATOM   559  C  CE1   . PHE A 1 74  ? 3.531   4.075   16.842  1.00 27.41 ? 74  PHE A CE1   1 
ATOM   560  C  CE2   . PHE A 1 74  ? 1.915   5.700   17.517  1.00 27.70 ? 74  PHE A CE2   1 
ATOM   561  C  CZ    . PHE A 1 74  ? 2.509   4.465   17.684  1.00 27.82 ? 74  PHE A CZ    1 
ATOM   562  N  N     . HIS A 1 75  ? 6.588   6.264   14.506  1.00 28.68 ? 75  HIS A N     1 
ATOM   563  C  CA    . HIS A 1 75  ? 7.734   5.399   14.755  1.00 29.01 ? 75  HIS A CA    1 
ATOM   564  C  C     . HIS A 1 75  ? 8.180   4.754   13.449  1.00 29.38 ? 75  HIS A C     1 
ATOM   565  O  O     . HIS A 1 75  ? 7.383   4.111   12.766  1.00 29.53 ? 75  HIS A O     1 
ATOM   566  C  CB    . HIS A 1 75  ? 7.372   4.324   15.783  1.00 28.91 ? 75  HIS A CB    1 
ATOM   567  C  CG    . HIS A 1 75  ? 8.515   3.432   16.157  1.00 29.84 ? 75  HIS A CG    1 
ATOM   568  N  ND1   . HIS A 1 75  ? 9.303   3.658   17.265  1.00 31.35 ? 75  HIS A ND1   1 
ATOM   569  C  CD2   . HIS A 1 75  ? 8.998   2.310   15.573  1.00 30.95 ? 75  HIS A CD2   1 
ATOM   570  C  CE1   . HIS A 1 75  ? 10.226  2.716   17.345  1.00 32.26 ? 75  HIS A CE1   1 
ATOM   571  N  NE2   . HIS A 1 75  ? 10.063  1.886   16.330  1.00 31.60 ? 75  HIS A NE2   1 
ATOM   572  N  N     . GLU A 1 76  ? 9.453   4.928   13.104  1.00 29.68 ? 76  GLU A N     1 
ATOM   573  C  CA    . GLU A 1 76  ? 9.973   4.425   11.833  1.00 30.29 ? 76  GLU A CA    1 
ATOM   574  C  C     . GLU A 1 76  ? 9.892   2.903   11.727  1.00 30.07 ? 76  GLU A C     1 
ATOM   575  O  O     . GLU A 1 76  ? 9.418   2.369   10.726  1.00 30.48 ? 76  GLU A O     1 
ATOM   576  C  CB    . GLU A 1 76  ? 11.415  4.885   11.610  1.00 30.60 ? 76  GLU A CB    1 
ATOM   577  C  CG    . GLU A 1 76  ? 11.932  4.608   10.205  1.00 33.80 ? 76  GLU A CG    1 
ATOM   578  C  CD    . GLU A 1 76  ? 13.447  4.572   10.130  1.00 40.15 ? 76  GLU A CD    1 
ATOM   579  O  OE1   . GLU A 1 76  ? 14.087  4.249   11.153  1.00 44.94 ? 76  GLU A OE1   1 
ATOM   580  O  OE2   . GLU A 1 76  ? 13.999  4.856   9.046   1.00 41.52 ? 76  GLU A OE2   1 
ATOM   581  N  N     . GLY A 1 77  ? 10.358  2.210   12.762  1.00 29.70 ? 77  GLY A N     1 
ATOM   582  C  CA    . GLY A 1 77  ? 10.368  0.751   12.764  1.00 29.38 ? 77  GLY A CA    1 
ATOM   583  C  C     . GLY A 1 77  ? 8.982   0.142   12.689  1.00 29.27 ? 77  GLY A C     1 
ATOM   584  O  O     . GLY A 1 77  ? 8.769   -0.857  12.001  1.00 29.08 ? 77  GLY A O     1 
ATOM   585  N  N     . ALA A 1 78  ? 8.037   0.740   13.404  1.00 29.58 ? 78  ALA A N     1 
ATOM   586  C  CA    . ALA A 1 78  ? 6.662   0.257   13.409  1.00 30.09 ? 78  ALA A CA    1 
ATOM   587  C  C     . ALA A 1 78  ? 6.009   0.503   12.054  1.00 30.44 ? 78  ALA A C     1 
ATOM   588  O  O     . ALA A 1 78  ? 5.282   -0.348  11.536  1.00 30.58 ? 78  ALA A O     1 
ATOM   589  C  CB    . ALA A 1 78  ? 5.864   0.930   14.519  1.00 30.04 ? 78  ALA A CB    1 
ATOM   590  N  N     . ALA A 1 79  ? 6.272   1.675   11.485  1.00 30.38 ? 79  ALA A N     1 
ATOM   591  C  CA    . ALA A 1 79  ? 5.735   2.026   10.179  1.00 30.54 ? 79  ALA A CA    1 
ATOM   592  C  C     . ALA A 1 79  ? 6.302   1.108   9.103   1.00 30.72 ? 79  ALA A C     1 
ATOM   593  O  O     . ALA A 1 79  ? 5.596   0.716   8.173   1.00 30.80 ? 79  ALA A O     1 
ATOM   594  C  CB    . ALA A 1 79  ? 6.033   3.479   9.854   1.00 30.64 ? 79  ALA A CB    1 
ATOM   595  N  N     . ALA A 1 80  ? 7.579   0.766   9.239   1.00 30.83 ? 80  ALA A N     1 
ATOM   596  C  CA    . ALA A 1 80  ? 8.243   -0.117  8.286   1.00 31.06 ? 80  ALA A CA    1 
ATOM   597  C  C     . ALA A 1 80  ? 7.713   -1.547  8.372   1.00 31.66 ? 80  ALA A C     1 
ATOM   598  O  O     . ALA A 1 80  ? 7.575   -2.224  7.354   1.00 31.81 ? 80  ALA A O     1 
ATOM   599  C  CB    . ALA A 1 80  ? 9.747   -0.091  8.496   1.00 30.77 ? 80  ALA A CB    1 
ATOM   600  N  N     . LEU A 1 81  ? 7.417   -2.005  9.586   1.00 32.25 ? 81  LEU A N     1 
ATOM   601  C  CA    . LEU A 1 81  ? 6.866   -3.344  9.777   1.00 33.13 ? 81  LEU A CA    1 
ATOM   602  C  C     . LEU A 1 81  ? 5.492   -3.484  9.132   1.00 33.35 ? 81  LEU A C     1 
ATOM   603  O  O     . LEU A 1 81  ? 5.215   -4.478  8.459   1.00 33.74 ? 81  LEU A O     1 
ATOM   604  C  CB    . LEU A 1 81  ? 6.792   -3.706  11.262  1.00 33.54 ? 81  LEU A CB    1 
ATOM   605  C  CG    . LEU A 1 81  ? 8.089   -4.218  11.893  1.00 36.58 ? 81  LEU A CG    1 
ATOM   606  C  CD1   . LEU A 1 81  ? 7.851   -4.634  13.338  1.00 39.16 ? 81  LEU A CD1   1 
ATOM   607  C  CD2   . LEU A 1 81  ? 8.663   -5.376  11.086  1.00 37.75 ? 81  LEU A CD2   1 
ATOM   608  N  N     . CYS A 1 82  ? 4.630   -2.493  9.343   1.00 33.16 ? 82  CYS A N     1 
ATOM   609  C  CA    . CYS A 1 82  ? 3.323   -2.481  8.699   1.00 33.31 ? 82  CYS A CA    1 
ATOM   610  C  C     . CYS A 1 82  ? 3.487   -2.380  7.188   1.00 32.91 ? 82  CYS A C     1 
ATOM   611  O  O     . CYS A 1 82  ? 2.674   -2.906  6.427   1.00 33.18 ? 82  CYS A O     1 
ATOM   612  C  CB    . CYS A 1 82  ? 2.475   -1.319  9.210   1.00 33.56 ? 82  CYS A CB    1 
ATOM   613  S  SG    . CYS A 1 82  ? 1.993   -1.460  10.939  1.00 37.80 ? 82  CYS A SG    1 
ATOM   614  N  N     . GLY A 1 83  ? 4.546   -1.697  6.760   1.00 32.06 ? 83  GLY A N     1 
ATOM   615  C  CA    . GLY A 1 83  ? 4.870   -1.598  5.343   1.00 31.24 ? 83  GLY A CA    1 
ATOM   616  C  C     . GLY A 1 83  ? 5.088   -2.969  4.733   1.00 30.72 ? 83  GLY A C     1 
ATOM   617  O  O     . GLY A 1 83  ? 4.565   -3.269  3.659   1.00 30.93 ? 83  GLY A O     1 
ATOM   618  N  N     . LEU A 1 84  ? 5.862   -3.804  5.422   1.00 29.91 ? 84  LEU A N     1 
ATOM   619  C  CA    . LEU A 1 84  ? 6.111   -5.168  4.972   1.00 28.97 ? 84  LEU A CA    1 
ATOM   620  C  C     . LEU A 1 84  ? 4.822   -5.976  4.971   1.00 28.38 ? 84  LEU A C     1 
ATOM   621  O  O     . LEU A 1 84  ? 4.448   -6.564  3.956   1.00 28.33 ? 84  LEU A O     1 
ATOM   622  C  CB    . LEU A 1 84  ? 7.143   -5.858  5.866   1.00 28.82 ? 84  LEU A CB    1 
ATOM   623  C  CG    . LEU A 1 84  ? 8.573   -5.320  5.854   1.00 29.21 ? 84  LEU A CG    1 
ATOM   624  C  CD1   . LEU A 1 84  ? 9.459   -6.191  6.729   1.00 30.32 ? 84  LEU A CD1   1 
ATOM   625  C  CD2   . LEU A 1 84  ? 9.119   -5.253  4.437   1.00 29.05 ? 84  LEU A CD2   1 
ATOM   626  N  N     . VAL A 1 85  ? 4.149   -6.000  6.117   1.00 27.84 ? 85  VAL A N     1 
ATOM   627  C  CA    . VAL A 1 85  ? 2.904   -6.745  6.263   1.00 27.44 ? 85  VAL A CA    1 
ATOM   628  C  C     . VAL A 1 85  ? 1.919   -6.394  5.148   1.00 27.37 ? 85  VAL A C     1 
ATOM   629  O  O     . VAL A 1 85  ? 1.267   -7.277  4.587   1.00 27.44 ? 85  VAL A O     1 
ATOM   630  C  CB    . VAL A 1 85  ? 2.250   -6.499  7.640   1.00 27.39 ? 85  VAL A CB    1 
ATOM   631  C  CG1   . VAL A 1 85  ? 0.891   -7.182  7.717   1.00 26.36 ? 85  VAL A CG1   1 
ATOM   632  C  CG2   . VAL A 1 85  ? 3.164   -6.990  8.754   1.00 25.52 ? 85  VAL A CG2   1 
ATOM   633  N  N     . TYR A 1 86  ? 1.822   -5.105  4.829   1.00 26.90 ? 86  TYR A N     1 
ATOM   634  C  CA    . TYR A 1 86  ? 0.962   -4.650  3.743   1.00 26.74 ? 86  TYR A CA    1 
ATOM   635  C  C     . TYR A 1 86  ? 1.483   -5.140  2.400   1.00 26.62 ? 86  TYR A C     1 
ATOM   636  O  O     . TYR A 1 86  ? 0.735   -5.708  1.605   1.00 26.63 ? 86  TYR A O     1 
ATOM   637  C  CB    . TYR A 1 86  ? 0.854   -3.124  3.736   1.00 26.74 ? 86  TYR A CB    1 
ATOM   638  C  CG    . TYR A 1 86  ? 0.244   -2.560  2.468   1.00 27.81 ? 86  TYR A CG    1 
ATOM   639  C  CD1   . TYR A 1 86  ? 1.044   -2.227  1.380   1.00 28.81 ? 86  TYR A CD1   1 
ATOM   640  C  CD2   . TYR A 1 86  ? -1.127  -2.364  2.358   1.00 28.36 ? 86  TYR A CD2   1 
ATOM   641  C  CE1   . TYR A 1 86  ? 0.495   -1.712  0.218   1.00 29.75 ? 86  TYR A CE1   1 
ATOM   642  C  CE2   . TYR A 1 86  ? -1.687  -1.849  1.198   1.00 29.07 ? 86  TYR A CE2   1 
ATOM   643  C  CZ    . TYR A 1 86  ? -0.871  -1.525  0.132   1.00 30.61 ? 86  TYR A CZ    1 
ATOM   644  O  OH    . TYR A 1 86  ? -1.420  -1.013  -1.025  1.00 30.51 ? 86  TYR A OH    1 
ATOM   645  N  N     . LEU A 1 87  ? 2.769   -4.917  2.153   1.00 26.74 ? 87  LEU A N     1 
ATOM   646  C  CA    . LEU A 1 87  ? 3.388   -5.323  0.897   1.00 27.00 ? 87  LEU A CA    1 
ATOM   647  C  C     . LEU A 1 87  ? 3.239   -6.819  0.654   1.00 27.19 ? 87  LEU A C     1 
ATOM   648  O  O     . LEU A 1 87  ? 3.041   -7.256  -0.481  1.00 27.22 ? 87  LEU A O     1 
ATOM   649  C  CB    . LEU A 1 87  ? 4.867   -4.933  0.873   1.00 26.90 ? 87  LEU A CB    1 
ATOM   650  C  CG    . LEU A 1 87  ? 5.161   -3.439  0.747   1.00 27.03 ? 87  LEU A CG    1 
ATOM   651  C  CD1   . LEU A 1 87  ? 6.661   -3.206  0.675   1.00 29.15 ? 87  LEU A CD1   1 
ATOM   652  C  CD2   . LEU A 1 87  ? 4.469   -2.859  -0.474  1.00 26.64 ? 87  LEU A CD2   1 
ATOM   653  N  N     . PHE A 1 88  ? 3.334   -7.602  1.722   1.00 27.37 ? 88  PHE A N     1 
ATOM   654  C  CA    . PHE A 1 88  ? 3.164   -9.043  1.616   1.00 27.60 ? 88  PHE A CA    1 
ATOM   655  C  C     . PHE A 1 88  ? 1.711   -9.368  1.298   1.00 26.75 ? 88  PHE A C     1 
ATOM   656  O  O     . PHE A 1 88  ? 1.426   -10.185 0.426   1.00 26.34 ? 88  PHE A O     1 
ATOM   657  C  CB    . PHE A 1 88  ? 3.604   -9.736  2.908   1.00 28.00 ? 88  PHE A CB    1 
ATOM   658  C  CG    . PHE A 1 88  ? 3.605   -11.238 2.820   1.00 32.17 ? 88  PHE A CG    1 
ATOM   659  C  CD1   . PHE A 1 88  ? 2.759   -11.996 3.619   1.00 35.52 ? 88  PHE A CD1   1 
ATOM   660  C  CD2   . PHE A 1 88  ? 4.452   -11.894 1.936   1.00 35.47 ? 88  PHE A CD2   1 
ATOM   661  C  CE1   . PHE A 1 88  ? 2.760   -13.381 3.543   1.00 35.58 ? 88  PHE A CE1   1 
ATOM   662  C  CE2   . PHE A 1 88  ? 4.456   -13.280 1.853   1.00 35.99 ? 88  PHE A CE2   1 
ATOM   663  C  CZ    . PHE A 1 88  ? 3.609   -14.023 2.658   1.00 36.03 ? 88  PHE A CZ    1 
ATOM   664  N  N     . ALA A 1 89  ? 0.796   -8.711  2.004   1.00 26.55 ? 89  ALA A N     1 
ATOM   665  C  CA    . ALA A 1 89  ? -0.633  -8.901  1.778   1.00 26.35 ? 89  ALA A CA    1 
ATOM   666  C  C     . ALA A 1 89  ? -1.002  -8.577  0.334   1.00 26.22 ? 89  ALA A C     1 
ATOM   667  O  O     . ALA A 1 89  ? -1.893  -9.201  -0.240  1.00 26.25 ? 89  ALA A O     1 
ATOM   668  C  CB    . ALA A 1 89  ? -1.444  -8.044  2.740   1.00 26.07 ? 89  ALA A CB    1 
ATOM   669  N  N     . ARG A 1 90  ? -0.311  -7.599  -0.243  1.00 26.13 ? 90  ARG A N     1 
ATOM   670  C  CA    . ARG A 1 90  ? -0.558  -7.192  -1.622  1.00 25.95 ? 90  ARG A CA    1 
ATOM   671  C  C     . ARG A 1 90  ? -0.063  -8.231  -2.621  1.00 25.78 ? 90  ARG A C     1 
ATOM   672  O  O     . ARG A 1 90  ? -0.717  -8.490  -3.633  1.00 25.75 ? 90  ARG A O     1 
ATOM   673  C  CB    . ARG A 1 90  ? 0.079   -5.831  -1.902  1.00 25.97 ? 90  ARG A CB    1 
ATOM   674  C  CG    . ARG A 1 90  ? -0.817  -4.666  -1.539  1.00 27.77 ? 90  ARG A CG    1 
ATOM   675  C  CD    . ARG A 1 90  ? -2.018  -4.612  -2.467  1.00 30.14 ? 90  ARG A CD    1 
ATOM   676  N  NE    . ARG A 1 90  ? -3.060  -3.718  -1.974  1.00 32.34 ? 90  ARG A NE    1 
ATOM   677  C  CZ    . ARG A 1 90  ? -4.193  -3.466  -2.623  1.00 33.20 ? 90  ARG A CZ    1 
ATOM   678  N  NH1   . ARG A 1 90  ? -4.427  -4.041  -3.795  1.00 33.04 ? 90  ARG A NH1   1 
ATOM   679  N  NH2   . ARG A 1 90  ? -5.088  -2.639  -2.102  1.00 34.75 ? 90  ARG A NH2   1 
ATOM   680  N  N     . LEU A 1 91  ? 1.093   -8.822  -2.334  1.00 25.48 ? 91  LEU A N     1 
ATOM   681  C  CA    . LEU A 1 91  ? 1.606   -9.918  -3.143  1.00 24.84 ? 91  LEU A CA    1 
ATOM   682  C  C     . LEU A 1 91  ? 0.584   -11.053 -3.137  1.00 24.41 ? 91  LEU A C     1 
ATOM   683  O  O     . LEU A 1 91  ? 0.199   -11.555 -4.191  1.00 24.40 ? 91  LEU A O     1 
ATOM   684  C  CB    . LEU A 1 91  ? 2.951   -10.407 -2.601  1.00 24.99 ? 91  LEU A CB    1 
ATOM   685  C  CG    . LEU A 1 91  ? 3.786   -11.323 -3.500  1.00 24.99 ? 91  LEU A CG    1 
ATOM   686  C  CD1   . LEU A 1 91  ? 5.014   -11.830 -2.763  1.00 22.76 ? 91  LEU A CD1   1 
ATOM   687  C  CD2   . LEU A 1 91  ? 2.957   -12.485 -4.014  1.00 27.37 ? 91  LEU A CD2   1 
ATOM   688  N  N     . ARG A 1 92  ? 0.142   -11.443 -1.944  1.00 24.18 ? 92  ARG A N     1 
ATOM   689  C  CA    . ARG A 1 92  ? -0.866  -12.490 -1.796  1.00 24.22 ? 92  ARG A CA    1 
ATOM   690  C  C     . ARG A 1 92  ? -2.166  -12.116 -2.505  1.00 24.44 ? 92  ARG A C     1 
ATOM   691  O  O     . ARG A 1 92  ? -2.855  -12.976 -3.055  1.00 24.66 ? 92  ARG A O     1 
ATOM   692  C  CB    . ARG A 1 92  ? -1.136  -12.786 -0.317  1.00 24.08 ? 92  ARG A CB    1 
ATOM   693  C  CG    . ARG A 1 92  ? -0.048  -13.605 0.369   1.00 23.18 ? 92  ARG A CG    1 
ATOM   694  N  N     . TYR A 1 93  ? -2.493  -10.828 -2.487  1.00 24.56 ? 93  TYR A N     1 
ATOM   695  C  CA    . TYR A 1 93  ? -3.678  -10.327 -3.170  1.00 24.66 ? 93  TYR A CA    1 
ATOM   696  C  C     . TYR A 1 93  ? -3.553  -10.527 -4.676  1.00 25.19 ? 93  TYR A C     1 
ATOM   697  O  O     . TYR A 1 93  ? -4.428  -11.120 -5.306  1.00 25.42 ? 93  TYR A O     1 
ATOM   698  C  CB    . TYR A 1 93  ? -3.892  -8.848  -2.844  1.00 24.33 ? 93  TYR A CB    1 
ATOM   699  C  CG    . TYR A 1 93  ? -4.957  -8.168  -3.675  1.00 23.09 ? 93  TYR A CG    1 
ATOM   700  C  CD1   . TYR A 1 93  ? -6.275  -8.115  -3.240  1.00 22.34 ? 93  TYR A CD1   1 
ATOM   701  C  CD2   . TYR A 1 93  ? -4.641  -7.567  -4.889  1.00 22.27 ? 93  TYR A CD2   1 
ATOM   702  C  CE1   . TYR A 1 93  ? -7.252  -7.488  -3.994  1.00 22.81 ? 93  TYR A CE1   1 
ATOM   703  C  CE2   . TYR A 1 93  ? -5.610  -6.937  -5.650  1.00 22.15 ? 93  TYR A CE2   1 
ATOM   704  C  CZ    . TYR A 1 93  ? -6.914  -6.900  -5.197  1.00 22.59 ? 93  TYR A CZ    1 
ATOM   705  O  OH    . TYR A 1 93  ? -7.884  -6.272  -5.947  1.00 20.26 ? 93  TYR A OH    1 
ATOM   706  N  N     . PHE A 1 94  ? -2.459  -10.032 -5.248  1.00 25.41 ? 94  PHE A N     1 
ATOM   707  C  CA    . PHE A 1 94  ? -2.216  -10.167 -6.679  1.00 25.83 ? 94  PHE A CA    1 
ATOM   708  C  C     . PHE A 1 94  ? -2.267  -11.626 -7.106  1.00 26.44 ? 94  PHE A C     1 
ATOM   709  O  O     . PHE A 1 94  ? -2.986  -11.983 -8.040  1.00 26.69 ? 94  PHE A O     1 
ATOM   710  C  CB    . PHE A 1 94  ? -0.861  -9.566  -7.056  1.00 25.78 ? 94  PHE A CB    1 
ATOM   711  C  CG    . PHE A 1 94  ? -0.514  -9.718  -8.513  1.00 25.80 ? 94  PHE A CG    1 
ATOM   712  C  CD1   . PHE A 1 94  ? -0.888  -8.751  -9.436  1.00 25.39 ? 94  PHE A CD1   1 
ATOM   713  C  CD2   . PHE A 1 94  ? 0.190   -10.827 -8.960  1.00 23.85 ? 94  PHE A CD2   1 
ATOM   714  C  CE1   . PHE A 1 94  ? -0.567  -8.888  -10.778 1.00 23.25 ? 94  PHE A CE1   1 
ATOM   715  C  CE2   . PHE A 1 94  ? 0.512   -10.969 -10.301 1.00 22.59 ? 94  PHE A CE2   1 
ATOM   716  C  CZ    . PHE A 1 94  ? 0.132   -9.998  -11.210 1.00 21.56 ? 94  PHE A CZ    1 
ATOM   717  N  N     . GLN A 1 95  ? -1.498  -12.463 -6.414  1.00 26.85 ? 95  GLN A N     1 
ATOM   718  C  CA    . GLN A 1 95  ? -1.402  -13.883 -6.745  1.00 27.00 ? 95  GLN A CA    1 
ATOM   719  C  C     . GLN A 1 95  ? -2.730  -14.611 -6.594  1.00 27.27 ? 95  GLN A C     1 
ATOM   720  O  O     . GLN A 1 95  ? -3.062  -15.480 -7.399  1.00 27.62 ? 95  GLN A O     1 
ATOM   721  C  CB    . GLN A 1 95  ? -0.321  -14.567 -5.900  1.00 26.91 ? 95  GLN A CB    1 
ATOM   722  C  CG    . GLN A 1 95  ? 1.095   -14.378 -6.429  1.00 26.55 ? 95  GLN A CG    1 
ATOM   723  C  CD    . GLN A 1 95  ? 2.124   -15.140 -5.619  1.00 25.72 ? 95  GLN A CD    1 
ATOM   724  N  N     . GLY A 1 96  ? -3.489  -14.256 -5.561  1.00 27.41 ? 96  GLY A N     1 
ATOM   725  C  CA    . GLY A 1 96  ? -4.806  -14.850 -5.345  1.00 27.84 ? 96  GLY A CA    1 
ATOM   726  C  C     . GLY A 1 96  ? -5.802  -14.416 -6.404  1.00 28.06 ? 96  GLY A C     1 
ATOM   727  O  O     . GLY A 1 96  ? -6.437  -15.249 -7.051  1.00 27.68 ? 96  GLY A O     1 
ATOM   728  N  N     . TYR A 1 97  ? -5.927  -13.101 -6.574  1.00 28.64 ? 97  TYR A N     1 
ATOM   729  C  CA    . TYR A 1 97  ? -6.811  -12.503 -7.572  1.00 28.88 ? 97  TYR A CA    1 
ATOM   730  C  C     . TYR A 1 97  ? -6.636  -13.169 -8.935  1.00 29.03 ? 97  TYR A C     1 
ATOM   731  O  O     . TYR A 1 97  ? -7.614  -13.490 -9.610  1.00 29.22 ? 97  TYR A O     1 
ATOM   732  C  CB    . TYR A 1 97  ? -6.510  -11.007 -7.695  1.00 29.02 ? 97  TYR A CB    1 
ATOM   733  C  CG    . TYR A 1 97  ? -7.599  -10.171 -8.336  1.00 28.87 ? 97  TYR A CG    1 
ATOM   734  C  CD1   . TYR A 1 97  ? -8.648  -10.758 -9.030  1.00 29.13 ? 97  TYR A CD1   1 
ATOM   735  C  CD2   . TYR A 1 97  ? -7.557  -8.783  -8.268  1.00 29.30 ? 97  TYR A CD2   1 
ATOM   736  C  CE1   . TYR A 1 97  ? -9.638  -9.986  -9.621  1.00 28.45 ? 97  TYR A CE1   1 
ATOM   737  C  CE2   . TYR A 1 97  ? -8.536  -8.005  -8.857  1.00 29.28 ? 97  TYR A CE2   1 
ATOM   738  C  CZ    . TYR A 1 97  ? -9.574  -8.610  -9.531  1.00 28.51 ? 97  TYR A CZ    1 
ATOM   739  O  OH    . TYR A 1 97  ? -10.546 -7.830  -10.116 1.00 26.59 ? 97  TYR A OH    1 
ATOM   740  N  N     . ALA A 1 98  ? -5.384  -13.372 -9.333  1.00 29.09 ? 98  ALA A N     1 
ATOM   741  C  CA    . ALA A 1 98  ? -5.075  -13.960 -10.632 1.00 29.47 ? 98  ALA A CA    1 
ATOM   742  C  C     . ALA A 1 98  ? -5.719  -15.335 -10.815 1.00 29.76 ? 98  ALA A C     1 
ATOM   743  O  O     . ALA A 1 98  ? -6.259  -15.636 -11.880 1.00 29.73 ? 98  ALA A O     1 
ATOM   744  C  CB    . ALA A 1 98  ? -3.568  -14.042 -10.834 1.00 29.53 ? 98  ALA A CB    1 
ATOM   745  N  N     . ARG A 1 99  ? -5.661  -16.163 -9.774  1.00 29.96 ? 99  ARG A N     1 
ATOM   746  C  CA    . ARG A 1 99  ? -6.291  -17.480 -9.800  1.00 30.48 ? 99  ARG A CA    1 
ATOM   747  C  C     . ARG A 1 99  ? -7.813  -17.362 -9.805  1.00 30.46 ? 99  ARG A C     1 
ATOM   748  O  O     . ARG A 1 99  ? -8.496  -17.972 -10.630 1.00 30.56 ? 99  ARG A O     1 
ATOM   749  C  CB    . ARG A 1 99  ? -5.851  -18.311 -8.591  1.00 30.65 ? 99  ARG A CB    1 
ATOM   750  C  CG    . ARG A 1 99  ? -4.393  -18.748 -8.621  1.00 34.75 ? 99  ARG A CG    1 
ATOM   751  C  CD    . ARG A 1 99  ? -4.019  -19.536 -7.368  1.00 37.31 ? 99  ARG A CD    1 
ATOM   752  N  NE    . ARG A 1 99  ? -4.824  -20.746 -7.217  1.00 37.96 ? 99  ARG A NE    1 
ATOM   753  N  N     . SER A 1 100 ? -8.331  -16.568 -8.874  1.00 30.06 ? 100 SER A N     1 
ATOM   754  C  CA    . SER A 1 100 ? -9.766  -16.424 -8.688  1.00 29.37 ? 100 SER A CA    1 
ATOM   755  C  C     . SER A 1 100 ? -10.074 -15.068 -8.069  1.00 28.96 ? 100 SER A C     1 
ATOM   756  O  O     . SER A 1 100 ? -9.303  -14.566 -7.253  1.00 29.10 ? 100 SER A O     1 
ATOM   757  C  CB    . SER A 1 100 ? -10.284 -17.547 -7.785  1.00 29.41 ? 100 SER A CB    1 
ATOM   758  O  OG    . SER A 1 100 ? -11.637 -17.342 -7.418  1.00 30.58 ? 100 SER A OG    1 
ATOM   759  N  N     . ALA A 1 101 ? -11.198 -14.476 -8.461  1.00 28.64 ? 101 ALA A N     1 
ATOM   760  C  CA    . ALA A 1 101 ? -11.631 -13.203 -7.890  1.00 28.36 ? 101 ALA A CA    1 
ATOM   761  C  C     . ALA A 1 101 ? -11.954 -13.349 -6.403  1.00 28.34 ? 101 ALA A C     1 
ATOM   762  O  O     . ALA A 1 101 ? -11.864 -12.388 -5.640  1.00 28.28 ? 101 ALA A O     1 
ATOM   763  C  CB    . ALA A 1 101 ? -12.832 -12.664 -8.645  1.00 28.16 ? 101 ALA A CB    1 
ATOM   764  N  N     . GLN A 1 102 ? -12.331 -14.559 -6.003  1.00 28.27 ? 102 GLN A N     1 
ATOM   765  C  CA    A GLN A 1 102 ? -12.654 -14.838 -4.609  0.50 28.21 ? 102 GLN A CA    1 
ATOM   766  C  CA    B GLN A 1 102 ? -12.653 -14.859 -4.611  0.50 28.28 ? 102 GLN A CA    1 
ATOM   767  C  C     . GLN A 1 102 ? -11.392 -14.944 -3.755  1.00 28.59 ? 102 GLN A C     1 
ATOM   768  O  O     . GLN A 1 102 ? -11.396 -14.571 -2.579  1.00 28.74 ? 102 GLN A O     1 
ATOM   769  C  CB    A GLN A 1 102 ? -13.503 -16.111 -4.500  0.50 28.01 ? 102 GLN A CB    1 
ATOM   770  C  CB    B GLN A 1 102 ? -13.440 -16.171 -4.529  0.50 28.12 ? 102 GLN A CB    1 
ATOM   771  C  CG    A GLN A 1 102 ? -13.701 -16.632 -3.082  0.50 26.02 ? 102 GLN A CG    1 
ATOM   772  C  CG    B GLN A 1 102 ? -13.349 -16.893 -3.189  0.50 26.65 ? 102 GLN A CG    1 
ATOM   773  C  CD    A GLN A 1 102 ? -12.681 -17.688 -2.699  0.50 23.89 ? 102 GLN A CD    1 
ATOM   774  C  CD    B GLN A 1 102 ? -14.159 -16.221 -2.100  0.50 24.56 ? 102 GLN A CD    1 
ATOM   775  O  OE1   A GLN A 1 102 ? -12.424 -17.921 -1.518  0.50 20.66 ? 102 GLN A OE1   1 
ATOM   776  O  OE1   B GLN A 1 102 ? -14.243 -16.720 -0.978  0.50 22.64 ? 102 GLN A OE1   1 
ATOM   777  N  NE2   A GLN A 1 102 ? -12.096 -18.337 -3.702  0.50 24.20 ? 102 GLN A NE2   1 
ATOM   778  N  NE2   B GLN A 1 102 ? -14.762 -15.084 -2.426  0.50 25.53 ? 102 GLN A NE2   1 
ATOM   779  N  N     . LEU A 1 103 ? -10.310 -15.441 -4.350  1.00 29.02 ? 103 LEU A N     1 
ATOM   780  C  CA    . LEU A 1 103 ? -9.056  -15.616 -3.623  1.00 29.84 ? 103 LEU A CA    1 
ATOM   781  C  C     . LEU A 1 103 ? -8.360  -14.289 -3.335  1.00 30.74 ? 103 LEU A C     1 
ATOM   782  O  O     . LEU A 1 103 ? -7.318  -14.257 -2.678  1.00 31.34 ? 103 LEU A O     1 
ATOM   783  C  CB    . LEU A 1 103 ? -8.116  -16.557 -4.383  1.00 29.68 ? 103 LEU A CB    1 
ATOM   784  C  CG    . LEU A 1 103 ? -8.542  -18.027 -4.458  1.00 29.54 ? 103 LEU A CG    1 
ATOM   785  C  CD1   . LEU A 1 103 ? -7.533  -18.844 -5.253  1.00 29.47 ? 103 LEU A CD1   1 
ATOM   786  C  CD2   . LEU A 1 103 ? -8.729  -18.612 -3.064  1.00 28.22 ? 103 LEU A CD2   1 
ATOM   787  N  N     . ARG A 1 104 ? -8.942  -13.197 -3.824  1.00 30.85 ? 104 ARG A N     1 
ATOM   788  C  CA    . ARG A 1 104 ? -8.382  -11.867 -3.616  1.00 30.76 ? 104 ARG A CA    1 
ATOM   789  C  C     . ARG A 1 104 ? -8.870  -11.264 -2.304  1.00 30.90 ? 104 ARG A C     1 
ATOM   790  O  O     . ARG A 1 104 ? -8.242  -10.358 -1.760  1.00 31.51 ? 104 ARG A O     1 
ATOM   791  C  CB    . ARG A 1 104 ? -8.774  -10.939 -4.765  1.00 30.86 ? 104 ARG A CB    1 
ATOM   792  C  CG    . ARG A 1 104 ? -10.047 -10.143 -4.498  1.00 30.69 ? 104 ARG A CG    1 
ATOM   793  C  CD    . ARG A 1 104 ? -10.549 -9.443  -5.750  1.00 31.64 ? 104 ARG A CD    1 
ATOM   794  N  NE    . ARG A 1 104 ? -11.673 -8.554  -5.464  1.00 31.92 ? 104 ARG A NE    1 
ATOM   795  C  CZ    . ARG A 1 104 ? -12.920 -8.966  -5.252  1.00 32.29 ? 104 ARG A CZ    1 
ATOM   796  N  NH1   . ARG A 1 104 ? -13.211 -10.259 -5.289  1.00 32.05 ? 104 ARG A NH1   1 
ATOM   797  N  NH2   . ARG A 1 104 ? -13.878 -8.084  -5.000  1.00 32.42 ? 104 ARG A NH2   1 
ATOM   798  N  N     . LEU A 1 105 ? -9.995  -11.765 -1.802  1.00 30.83 ? 105 LEU A N     1 
ATOM   799  C  CA    . LEU A 1 105 ? -10.645 -11.175 -0.632  1.00 30.56 ? 105 LEU A CA    1 
ATOM   800  C  C     . LEU A 1 105 ? -9.799  -11.267 0.636   1.00 30.39 ? 105 LEU A C     1 
ATOM   801  O  O     . LEU A 1 105 ? -9.480  -10.248 1.249   1.00 30.69 ? 105 LEU A O     1 
ATOM   802  C  CB    . LEU A 1 105 ? -12.024 -11.800 -0.407  1.00 30.55 ? 105 LEU A CB    1 
ATOM   803  C  CG    . LEU A 1 105 ? -13.062 -11.519 -1.495  1.00 29.26 ? 105 LEU A CG    1 
ATOM   804  C  CD1   . LEU A 1 105 ? -14.363 -12.239 -1.188  1.00 28.96 ? 105 LEU A CD1   1 
ATOM   805  C  CD2   . LEU A 1 105 ? -13.295 -10.023 -1.644  1.00 28.04 ? 105 LEU A CD2   1 
ATOM   806  N  N     . ALA A 1 106 ? -9.444  -12.486 1.032   1.00 30.02 ? 106 ALA A N     1 
ATOM   807  C  CA    . ALA A 1 106 ? -8.629  -12.688 2.227   1.00 29.61 ? 106 ALA A CA    1 
ATOM   808  C  C     . ALA A 1 106 ? -7.455  -11.715 2.250   1.00 29.47 ? 106 ALA A C     1 
ATOM   809  O  O     . ALA A 1 106 ? -7.337  -10.902 3.169   1.00 29.62 ? 106 ALA A O     1 
ATOM   810  C  CB    . ALA A 1 106 ? -8.136  -14.129 2.306   1.00 29.49 ? 106 ALA A CB    1 
ATOM   811  N  N     . PRO A 1 107 ? -6.587  -11.791 1.229   1.00 29.21 ? 107 PRO A N     1 
ATOM   812  C  CA    . PRO A 1 107 ? -5.410  -10.932 1.125   1.00 28.99 ? 107 PRO A CA    1 
ATOM   813  C  C     . PRO A 1 107 ? -5.786  -9.455  1.073   1.00 28.70 ? 107 PRO A C     1 
ATOM   814  O  O     . PRO A 1 107 ? -5.048  -8.613  1.583   1.00 28.69 ? 107 PRO A O     1 
ATOM   815  C  CB    . PRO A 1 107 ? -4.777  -11.357 -0.205  1.00 28.97 ? 107 PRO A CB    1 
ATOM   816  C  CG    . PRO A 1 107 ? -5.307  -12.716 -0.471  1.00 29.48 ? 107 PRO A CG    1 
ATOM   817  C  CD    . PRO A 1 107 ? -6.692  -12.717 0.089   1.00 29.29 ? 107 PRO A CD    1 
ATOM   818  N  N     . LEU A 1 108 ? -6.922  -9.148  0.454   1.00 28.40 ? 108 LEU A N     1 
ATOM   819  C  CA    . LEU A 1 108 ? -7.376  -7.768  0.355   1.00 28.47 ? 108 LEU A CA    1 
ATOM   820  C  C     . LEU A 1 108 ? -7.648  -7.198  1.739   1.00 29.04 ? 108 LEU A C     1 
ATOM   821  O  O     . LEU A 1 108 ? -7.261  -6.066  2.037   1.00 29.25 ? 108 LEU A O     1 
ATOM   822  C  CB    . LEU A 1 108 ? -8.630  -7.661  -0.509  1.00 28.10 ? 108 LEU A CB    1 
ATOM   823  C  CG    . LEU A 1 108 ? -9.244  -6.259  -0.562  1.00 27.89 ? 108 LEU A CG    1 
ATOM   824  C  CD1   . LEU A 1 108 ? -8.301  -5.278  -1.243  1.00 26.51 ? 108 LEU A CD1   1 
ATOM   825  C  CD2   . LEU A 1 108 ? -10.598 -6.286  -1.256  1.00 28.89 ? 108 LEU A CD2   1 
ATOM   826  N  N     . TYR A 1 109 ? -8.317  -7.986  2.576   1.00 29.41 ? 109 TYR A N     1 
ATOM   827  C  CA    . TYR A 1 109 ? -8.625  -7.572  3.940   1.00 29.79 ? 109 TYR A CA    1 
ATOM   828  C  C     . TYR A 1 109 ? -7.348  -7.359  4.747   1.00 29.54 ? 109 TYR A C     1 
ATOM   829  O  O     . TYR A 1 109 ? -7.205  -6.357  5.451   1.00 29.15 ? 109 TYR A O     1 
ATOM   830  C  CB    . TYR A 1 109 ? -9.515  -8.604  4.636   1.00 30.13 ? 109 TYR A CB    1 
ATOM   831  C  CG    . TYR A 1 109 ? -10.860 -8.812  3.976   1.00 33.59 ? 109 TYR A CG    1 
ATOM   832  C  CD1   . TYR A 1 109 ? -11.543 -7.752  3.392   1.00 36.98 ? 109 TYR A CD1   1 
ATOM   833  C  CD2   . TYR A 1 109 ? -11.456 -10.068 3.958   1.00 36.96 ? 109 TYR A CD2   1 
ATOM   834  C  CE1   . TYR A 1 109 ? -12.778 -7.939  2.792   1.00 39.67 ? 109 TYR A CE1   1 
ATOM   835  C  CE2   . TYR A 1 109 ? -12.690 -10.266 3.364   1.00 39.62 ? 109 TYR A CE2   1 
ATOM   836  C  CZ    . TYR A 1 109 ? -13.347 -9.199  2.782   1.00 41.31 ? 109 TYR A CZ    1 
ATOM   837  O  OH    . TYR A 1 109 ? -14.576 -9.392  2.189   1.00 42.57 ? 109 TYR A OH    1 
ATOM   838  N  N     . ALA A 1 110 ? -6.422  -8.309  4.639   1.00 29.31 ? 110 ALA A N     1 
ATOM   839  C  CA    . ALA A 1 110 ? -5.130  -8.191  5.299   1.00 29.06 ? 110 ALA A CA    1 
ATOM   840  C  C     . ALA A 1 110 ? -4.461  -6.875  4.913   1.00 29.26 ? 110 ALA A C     1 
ATOM   841  O  O     . ALA A 1 110 ? -3.840  -6.216  5.748   1.00 29.54 ? 110 ALA A O     1 
ATOM   842  C  CB    . ALA A 1 110 ? -4.244  -9.370  4.941   1.00 28.69 ? 110 ALA A CB    1 
ATOM   843  N  N     . SER A 1 111 ? -4.598  -6.499  3.643   1.00 29.03 ? 111 SER A N     1 
ATOM   844  C  CA    . SER A 1 111 ? -4.057  -5.240  3.141   1.00 28.71 ? 111 SER A CA    1 
ATOM   845  C  C     . SER A 1 111 ? -4.714  -4.054  3.830   1.00 28.11 ? 111 SER A C     1 
ATOM   846  O  O     . SER A 1 111 ? -4.035  -3.142  4.298   1.00 28.17 ? 111 SER A O     1 
ATOM   847  C  CB    . SER A 1 111 ? -4.267  -5.135  1.630   1.00 28.92 ? 111 SER A CB    1 
ATOM   848  O  OG    . SER A 1 111 ? -3.641  -6.211  0.955   1.00 32.11 ? 111 SER A OG    1 
ATOM   849  N  N     . ALA A 1 112 ? -6.041  -4.070  3.885   1.00 27.56 ? 112 ALA A N     1 
ATOM   850  C  CA    . ALA A 1 112 ? -6.793  -3.000  4.525   1.00 27.04 ? 112 ALA A CA    1 
ATOM   851  C  C     . ALA A 1 112 ? -6.360  -2.817  5.978   1.00 26.87 ? 112 ALA A C     1 
ATOM   852  O  O     . ALA A 1 112 ? -6.051  -1.706  6.405   1.00 27.07 ? 112 ALA A O     1 
ATOM   853  C  CB    . ALA A 1 112 ? -8.286  -3.275  4.441   1.00 26.98 ? 112 ALA A CB    1 
ATOM   854  N  N     . ARG A 1 113 ? -6.338  -3.913  6.733   1.00 26.36 ? 113 ARG A N     1 
ATOM   855  C  CA    . ARG A 1 113 ? -5.928  -3.859  8.131   1.00 25.75 ? 113 ARG A CA    1 
ATOM   856  C  C     . ARG A 1 113 ? -4.548  -3.227  8.255   1.00 25.63 ? 113 ARG A C     1 
ATOM   857  O  O     . ARG A 1 113 ? -4.345  -2.304  9.047   1.00 25.75 ? 113 ARG A O     1 
ATOM   858  C  CB    . ARG A 1 113 ? -5.926  -5.259  8.753   1.00 25.65 ? 113 ARG A CB    1 
ATOM   859  C  CG    . ARG A 1 113 ? -7.310  -5.858  8.964   1.00 25.46 ? 113 ARG A CG    1 
ATOM   860  C  CD    . ARG A 1 113 ? -7.226  -7.332  9.347   1.00 24.75 ? 113 ARG A CD    1 
ATOM   861  N  N     . ALA A 1 114 ? -3.602  -3.721  7.462   1.00 25.37 ? 114 ALA A N     1 
ATOM   862  C  CA    . ALA A 1 114 ? -2.236  -3.213  7.492   1.00 25.44 ? 114 ALA A CA    1 
ATOM   863  C  C     . ALA A 1 114 ? -2.192  -1.740  7.105   1.00 25.71 ? 114 ALA A C     1 
ATOM   864  O  O     . ALA A 1 114 ? -1.468  -0.948  7.710   1.00 26.00 ? 114 ALA A O     1 
ATOM   865  C  CB    . ALA A 1 114 ? -1.345  -4.033  6.574   1.00 25.23 ? 114 ALA A CB    1 
ATOM   866  N  N     . LEU A 1 115 ? -2.972  -1.375  6.096   1.00 25.95 ? 115 LEU A N     1 
ATOM   867  C  CA    . LEU A 1 115 ? -2.995  -0.001  5.620   1.00 26.33 ? 115 LEU A CA    1 
ATOM   868  C  C     . LEU A 1 115 ? -3.673  0.915   6.632   1.00 27.10 ? 115 LEU A C     1 
ATOM   869  O  O     . LEU A 1 115 ? -3.218  2.035   6.862   1.00 27.35 ? 115 LEU A O     1 
ATOM   870  C  CB    . LEU A 1 115 ? -3.686  0.086   4.258   1.00 26.04 ? 115 LEU A CB    1 
ATOM   871  C  CG    . LEU A 1 115 ? -3.523  1.410   3.509   1.00 26.01 ? 115 LEU A CG    1 
ATOM   872  C  CD1   . LEU A 1 115 ? -2.099  1.931   3.639   1.00 27.49 ? 115 LEU A CD1   1 
ATOM   873  C  CD2   . LEU A 1 115 ? -3.910  1.250   2.049   1.00 26.54 ? 115 LEU A CD2   1 
ATOM   874  N  N     . TRP A 1 116 ? -4.754  0.431   7.238   1.00 28.00 ? 116 TRP A N     1 
ATOM   875  C  CA    . TRP A 1 116 ? -5.475  1.198   8.251   1.00 29.03 ? 116 TRP A CA    1 
ATOM   876  C  C     . TRP A 1 116 ? -4.609  1.490   9.478   1.00 28.54 ? 116 TRP A C     1 
ATOM   877  O  O     . TRP A 1 116 ? -4.751  2.538   10.106  1.00 28.26 ? 116 TRP A O     1 
ATOM   878  C  CB    . TRP A 1 116 ? -6.767  0.489   8.661   1.00 29.86 ? 116 TRP A CB    1 
ATOM   879  C  CG    . TRP A 1 116 ? -7.903  0.694   7.693   1.00 36.36 ? 116 TRP A CG    1 
ATOM   880  C  CD1   . TRP A 1 116 ? -8.457  -0.242  6.863   1.00 39.60 ? 116 TRP A CD1   1 
ATOM   881  C  CD2   . TRP A 1 116 ? -8.624  1.912   7.457   1.00 41.25 ? 116 TRP A CD2   1 
ATOM   882  N  NE1   . TRP A 1 116 ? -9.476  0.317   6.130   1.00 40.60 ? 116 TRP A NE1   1 
ATOM   883  C  CE2   . TRP A 1 116 ? -9.598  1.638   6.475   1.00 41.94 ? 116 TRP A CE2   1 
ATOM   884  C  CE3   . TRP A 1 116 ? -8.539  3.207   7.983   1.00 43.00 ? 116 TRP A CE3   1 
ATOM   885  C  CZ2   . TRP A 1 116 ? -10.482 2.612   6.006   1.00 43.99 ? 116 TRP A CZ2   1 
ATOM   886  C  CZ3   . TRP A 1 116 ? -9.418  4.173   7.515   1.00 43.90 ? 116 TRP A CZ3   1 
ATOM   887  C  CH2   . TRP A 1 116 ? -10.375 3.869   6.537   1.00 44.84 ? 116 TRP A CH2   1 
ATOM   888  N  N     . LEU A 1 117 ? -3.717  0.562   9.819   1.00 28.33 ? 117 LEU A N     1 
ATOM   889  C  CA    . LEU A 1 117 ? -2.758  0.802   10.894  1.00 28.27 ? 117 LEU A CA    1 
ATOM   890  C  C     . LEU A 1 117 ? -1.874  2.003   10.585  1.00 27.85 ? 117 LEU A C     1 
ATOM   891  O  O     . LEU A 1 117 ? -1.752  2.918   11.401  1.00 28.24 ? 117 LEU A O     1 
ATOM   892  C  CB    . LEU A 1 117 ? -1.886  -0.429  11.156  1.00 28.43 ? 117 LEU A CB    1 
ATOM   893  C  CG    . LEU A 1 117 ? -2.143  -1.153  12.479  1.00 30.02 ? 117 LEU A CG    1 
ATOM   894  C  CD1   . LEU A 1 117 ? -1.068  -2.201  12.734  1.00 29.82 ? 117 LEU A CD1   1 
ATOM   895  C  CD2   . LEU A 1 117 ? -2.201  -0.158  13.632  1.00 28.89 ? 117 LEU A CD2   1 
ATOM   896  N  N     . LEU A 1 118 ? -1.256  1.996   9.408   1.00 26.73 ? 118 LEU A N     1 
ATOM   897  C  CA    . LEU A 1 118 ? -0.409  3.108   8.995   1.00 25.70 ? 118 LEU A CA    1 
ATOM   898  C  C     . LEU A 1 118 ? -1.165  4.423   9.129   1.00 24.76 ? 118 LEU A C     1 
ATOM   899  O  O     . LEU A 1 118 ? -0.604  5.430   9.557   1.00 24.86 ? 118 LEU A O     1 
ATOM   900  C  CB    . LEU A 1 118 ? 0.072   2.921   7.556   1.00 25.79 ? 118 LEU A CB    1 
ATOM   901  C  CG    . LEU A 1 118 ? 1.108   1.822   7.322   1.00 25.43 ? 118 LEU A CG    1 
ATOM   902  C  CD1   . LEU A 1 118 ? 1.342   1.619   5.833   1.00 25.07 ? 118 LEU A CD1   1 
ATOM   903  C  CD2   . LEU A 1 118 ? 2.408   2.157   8.035   1.00 24.59 ? 118 LEU A CD2   1 
ATOM   904  N  N     . VAL A 1 119 ? -2.442  4.403   8.765   1.00 23.67 ? 119 VAL A N     1 
ATOM   905  C  CA    . VAL A 1 119 ? -3.277  5.595   8.844   1.00 22.94 ? 119 VAL A CA    1 
ATOM   906  C  C     . VAL A 1 119 ? -3.556  5.983   10.294  1.00 22.44 ? 119 VAL A C     1 
ATOM   907  O  O     . VAL A 1 119 ? -3.496  7.159   10.656  1.00 22.04 ? 119 VAL A O     1 
ATOM   908  C  CB    . VAL A 1 119 ? -4.602  5.408   8.081   1.00 22.94 ? 119 VAL A CB    1 
ATOM   909  C  CG1   . VAL A 1 119 ? -5.525  6.598   8.316   1.00 22.64 ? 119 VAL A CG1   1 
ATOM   910  C  CG2   . VAL A 1 119 ? -4.332  5.215   6.594   1.00 21.15 ? 119 VAL A CG2   1 
ATOM   911  N  N     . ALA A 1 120 ? -3.861  4.988   11.121  1.00 22.25 ? 120 ALA A N     1 
ATOM   912  C  CA    . ALA A 1 120 ? -4.088  5.225   12.541  1.00 21.97 ? 120 ALA A CA    1 
ATOM   913  C  C     . ALA A 1 120 ? -2.812  5.741   13.204  1.00 22.29 ? 120 ALA A C     1 
ATOM   914  O  O     . ALA A 1 120 ? -2.850  6.681   13.996  1.00 22.33 ? 120 ALA A O     1 
ATOM   915  C  CB    . ALA A 1 120 ? -4.578  3.958   13.222  1.00 21.26 ? 120 ALA A CB    1 
ATOM   916  N  N     . LEU A 1 121 ? -1.681  5.127   12.866  1.00 22.55 ? 121 LEU A N     1 
ATOM   917  C  CA    . LEU A 1 121 ? -0.392  5.553   13.400  1.00 22.75 ? 121 LEU A CA    1 
ATOM   918  C  C     . LEU A 1 121 ? -0.063  6.975   12.957  1.00 22.79 ? 121 LEU A C     1 
ATOM   919  O  O     . LEU A 1 121 ? 0.271   7.830   13.777  1.00 22.94 ? 121 LEU A O     1 
ATOM   920  C  CB    . LEU A 1 121 ? 0.720   4.592   12.973  1.00 22.75 ? 121 LEU A CB    1 
ATOM   921  C  CG    . LEU A 1 121 ? 0.624   3.154   13.494  1.00 23.84 ? 121 LEU A CG    1 
ATOM   922  C  CD1   . LEU A 1 121 ? 1.914   2.394   13.208  1.00 22.93 ? 121 LEU A CD1   1 
ATOM   923  C  CD2   . LEU A 1 121 ? 0.300   3.129   14.986  1.00 22.78 ? 121 LEU A CD2   1 
ATOM   924  N  N     . ALA A 1 122 ? -0.160  7.225   11.656  1.00 22.84 ? 122 ALA A N     1 
ATOM   925  C  CA    . ALA A 1 122 ? 0.065   8.561   11.123  1.00 22.90 ? 122 ALA A CA    1 
ATOM   926  C  C     . ALA A 1 122 ? -0.798  9.573   11.868  1.00 23.20 ? 122 ALA A C     1 
ATOM   927  O  O     . ALA A 1 122 ? -0.318  10.634  12.266  1.00 23.24 ? 122 ALA A O     1 
ATOM   928  C  CB    . ALA A 1 122 ? -0.237  8.596   9.634   1.00 22.72 ? 122 ALA A CB    1 
ATOM   929  N  N     . ALA A 1 123 ? -2.070  9.232   12.059  1.00 23.64 ? 123 ALA A N     1 
ATOM   930  C  CA    . ALA A 1 123 ? -3.009  10.096  12.771  1.00 23.46 ? 123 ALA A CA    1 
ATOM   931  C  C     . ALA A 1 123 ? -2.549  10.346  14.205  1.00 23.64 ? 123 ALA A C     1 
ATOM   932  O  O     . ALA A 1 123 ? -2.498  11.488  14.658  1.00 23.97 ? 123 ALA A O     1 
ATOM   933  C  CB    . ALA A 1 123 ? -4.408  9.495   12.752  1.00 22.80 ? 123 ALA A CB    1 
ATOM   934  N  N     . LEU A 1 124 ? -2.212  9.272   14.913  1.00 23.67 ? 124 LEU A N     1 
ATOM   935  C  CA    . LEU A 1 124 ? -1.729  9.387   16.285  1.00 23.78 ? 124 LEU A CA    1 
ATOM   936  C  C     . LEU A 1 124 ? -0.457  10.225  16.351  1.00 24.08 ? 124 LEU A C     1 
ATOM   937  O  O     . LEU A 1 124 ? -0.289  11.042  17.256  1.00 24.23 ? 124 LEU A O     1 
ATOM   938  C  CB    . LEU A 1 124 ? -1.489  8.003   16.892  1.00 23.52 ? 124 LEU A CB    1 
ATOM   939  C  CG    . LEU A 1 124 ? -2.741  7.157   17.139  1.00 23.11 ? 124 LEU A CG    1 
ATOM   940  C  CD1   . LEU A 1 124 ? -2.363  5.763   17.609  1.00 24.36 ? 124 LEU A CD1   1 
ATOM   941  C  CD2   . LEU A 1 124 ? -3.668  7.831   18.140  1.00 21.76 ? 124 LEU A CD2   1 
ATOM   942  N  N     . GLY A 1 125 ? 0.432   10.023  15.383  1.00 24.29 ? 125 GLY A N     1 
ATOM   943  C  CA    . GLY A 1 125 ? 1.669   10.789  15.309  1.00 24.74 ? 125 GLY A CA    1 
ATOM   944  C  C     . GLY A 1 125 ? 1.414   12.275  15.142  1.00 25.31 ? 125 GLY A C     1 
ATOM   945  O  O     . GLY A 1 125 ? 1.907   13.090  15.924  1.00 25.42 ? 125 GLY A O     1 
ATOM   946  N  N     . LEU A 1 126 ? 0.639   12.626  14.119  1.00 25.87 ? 126 LEU A N     1 
ATOM   947  C  CA    . LEU A 1 126 ? 0.313   14.022  13.840  1.00 26.51 ? 126 LEU A CA    1 
ATOM   948  C  C     . LEU A 1 126 ? -0.458  14.648  14.992  1.00 27.47 ? 126 LEU A C     1 
ATOM   949  O  O     . LEU A 1 126 ? -0.245  15.811  15.338  1.00 27.77 ? 126 LEU A O     1 
ATOM   950  C  CB    . LEU A 1 126 ? -0.500  14.138  12.549  1.00 26.12 ? 126 LEU A CB    1 
ATOM   951  C  CG    . LEU A 1 126 ? 0.257   13.878  11.247  1.00 25.65 ? 126 LEU A CG    1 
ATOM   952  C  CD1   . LEU A 1 126 ? -0.705  13.820  10.073  1.00 26.48 ? 126 LEU A CD1   1 
ATOM   953  C  CD2   . LEU A 1 126 ? 1.317   14.941  11.023  1.00 24.08 ? 126 LEU A CD2   1 
ATOM   954  N  N     . LEU A 1 127 ? -1.356  13.869  15.581  1.00 28.26 ? 127 LEU A N     1 
ATOM   955  C  CA    . LEU A 1 127 ? -2.150  14.333  16.707  1.00 28.89 ? 127 LEU A CA    1 
ATOM   956  C  C     . LEU A 1 127 ? -1.243  14.728  17.867  1.00 29.18 ? 127 LEU A C     1 
ATOM   957  O  O     . LEU A 1 127 ? -1.458  15.748  18.519  1.00 29.23 ? 127 LEU A O     1 
ATOM   958  C  CB    . LEU A 1 127 ? -3.125  13.242  17.153  1.00 28.89 ? 127 LEU A CB    1 
ATOM   959  C  CG    . LEU A 1 127 ? -4.362  13.722  17.908  1.00 30.62 ? 127 LEU A CG    1 
ATOM   960  C  CD1   . LEU A 1 127 ? -5.135  14.737  17.073  1.00 31.60 ? 127 LEU A CD1   1 
ATOM   961  C  CD2   . LEU A 1 127 ? -5.244  12.540  18.278  1.00 32.74 ? 127 LEU A CD2   1 
ATOM   962  N  N     . ALA A 1 128 ? -0.221  13.915  18.111  1.00 29.61 ? 128 ALA A N     1 
ATOM   963  C  CA    . ALA A 1 128 ? 0.716   14.164  19.197  1.00 30.17 ? 128 ALA A CA    1 
ATOM   964  C  C     . ALA A 1 128 ? 1.542   15.413  18.926  1.00 30.67 ? 128 ALA A C     1 
ATOM   965  O  O     . ALA A 1 128 ? 2.036   16.057  19.851  1.00 30.93 ? 128 ALA A O     1 
ATOM   966  C  CB    . ALA A 1 128 ? 1.622   12.959  19.402  1.00 30.15 ? 128 ALA A CB    1 
ATOM   967  N  N     . HIS A 1 129 ? 1.686   15.748  17.649  1.00 31.25 ? 129 HIS A N     1 
ATOM   968  C  CA    . HIS A 1 129 ? 2.492   16.895  17.244  1.00 31.95 ? 129 HIS A CA    1 
ATOM   969  C  C     . HIS A 1 129 ? 1.706   18.206  17.282  1.00 32.53 ? 129 HIS A C     1 
ATOM   970  O  O     . HIS A 1 129 ? 2.274   19.270  17.521  1.00 32.79 ? 129 HIS A O     1 
ATOM   971  C  CB    . HIS A 1 129 ? 3.066   16.671  15.843  1.00 31.71 ? 129 HIS A CB    1 
ATOM   972  C  CG    . HIS A 1 129 ? 3.687   17.892  15.244  1.00 31.91 ? 129 HIS A CG    1 
ATOM   973  N  ND1   . HIS A 1 129 ? 5.041   18.142  15.297  1.00 31.56 ? 129 HIS A ND1   1 
ATOM   974  C  CD2   . HIS A 1 129 ? 3.137   18.937  14.580  1.00 31.86 ? 129 HIS A CD2   1 
ATOM   975  C  CE1   . HIS A 1 129 ? 5.299   19.288  14.690  1.00 32.61 ? 129 HIS A CE1   1 
ATOM   976  N  NE2   . HIS A 1 129 ? 4.161   19.791  14.246  1.00 31.59 ? 129 HIS A NE2   1 
ATOM   977  N  N     . PHE A 1 130 ? 0.400   18.124  17.048  1.00 32.84 ? 130 PHE A N     1 
ATOM   978  C  CA    . PHE A 1 130 ? -0.434  19.317  16.960  1.00 33.22 ? 130 PHE A CA    1 
ATOM   979  C  C     . PHE A 1 130 ? -1.237  19.591  18.230  1.00 33.52 ? 130 PHE A C     1 
ATOM   980  O  O     . PHE A 1 130 ? -1.244  20.712  18.739  1.00 33.65 ? 130 PHE A O     1 
ATOM   981  C  CB    . PHE A 1 130 ? -1.385  19.216  15.766  1.00 33.30 ? 130 PHE A CB    1 
ATOM   982  C  CG    . PHE A 1 130 ? -0.751  19.560  14.448  1.00 34.61 ? 130 PHE A CG    1 
ATOM   983  C  CD1   . PHE A 1 130 ? -0.295  20.847  14.198  1.00 35.38 ? 130 PHE A CD1   1 
ATOM   984  C  CD2   . PHE A 1 130 ? -0.630  18.605  13.450  1.00 35.63 ? 130 PHE A CD2   1 
ATOM   985  C  CE1   . PHE A 1 130 ? 0.283   21.169  12.981  1.00 35.17 ? 130 PHE A CE1   1 
ATOM   986  C  CE2   . PHE A 1 130 ? -0.055  18.922  12.230  1.00 34.94 ? 130 PHE A CE2   1 
ATOM   987  C  CZ    . PHE A 1 130 ? 0.402   20.206  11.996  1.00 35.05 ? 130 PHE A CZ    1 
ATOM   988  N  N     . LEU A 1 131 ? -1.916  18.563  18.730  1.00 33.66 ? 131 LEU A N     1 
ATOM   989  C  CA    . LEU A 1 131 ? -2.875  18.717  19.824  1.00 33.77 ? 131 LEU A CA    1 
ATOM   990  C  C     . LEU A 1 131 ? -2.354  19.543  21.005  1.00 33.84 ? 131 LEU A C     1 
ATOM   991  O  O     . LEU A 1 131 ? -2.951  20.560  21.361  1.00 33.96 ? 131 LEU A O     1 
ATOM   992  C  CB    . LEU A 1 131 ? -3.371  17.351  20.305  1.00 33.77 ? 131 LEU A CB    1 
ATOM   993  C  CG    . LEU A 1 131 ? -4.601  17.374  21.216  1.00 35.46 ? 131 LEU A CG    1 
ATOM   994  C  CD1   . LEU A 1 131 ? -5.786  18.007  20.498  1.00 35.87 ? 131 LEU A CD1   1 
ATOM   995  C  CD2   . LEU A 1 131 ? -4.945  15.972  21.704  1.00 35.93 ? 131 LEU A CD2   1 
ATOM   996  N  N     . PRO A 1 132 ? -1.243  19.106  21.623  1.00 33.69 ? 132 PRO A N     1 
ATOM   997  C  CA    . PRO A 1 132 ? -0.709  19.813  22.785  1.00 33.40 ? 132 PRO A CA    1 
ATOM   998  C  C     . PRO A 1 132 ? -0.565  21.316  22.543  1.00 33.20 ? 132 PRO A C     1 
ATOM   999  O  O     . PRO A 1 132 ? -1.155  22.119  23.264  1.00 32.88 ? 132 PRO A O     1 
ATOM   1000 C  CB    . PRO A 1 132 ? 0.667   19.169  22.979  1.00 33.37 ? 132 PRO A CB    1 
ATOM   1001 C  CG    . PRO A 1 132 ? 0.510   17.796  22.435  1.00 33.42 ? 132 PRO A CG    1 
ATOM   1002 C  CD    . PRO A 1 132 ? -0.435  17.925  21.273  1.00 33.73 ? 132 PRO A CD    1 
ATOM   1003 N  N     . ALA A 1 133 ? 0.214   21.686  21.531  1.00 33.37 ? 133 ALA A N     1 
ATOM   1004 C  CA    . ALA A 1 133 ? 0.439   23.092  21.209  1.00 33.56 ? 133 ALA A CA    1 
ATOM   1005 C  C     . ALA A 1 133 ? -0.875  23.846  21.023  1.00 33.57 ? 133 ALA A C     1 
ATOM   1006 O  O     . ALA A 1 133 ? -1.003  24.997  21.438  1.00 33.30 ? 133 ALA A O     1 
ATOM   1007 C  CB    . ALA A 1 133 ? 1.307   23.218  19.963  1.00 33.61 ? 133 ALA A CB    1 
ATOM   1008 N  N     . ALA A 1 134 ? -1.846  23.191  20.397  1.00 34.03 ? 134 ALA A N     1 
ATOM   1009 C  CA    . ALA A 1 134 ? -3.153  23.796  20.156  1.00 34.31 ? 134 ALA A CA    1 
ATOM   1010 C  C     . ALA A 1 134 ? -3.911  24.027  21.461  1.00 34.51 ? 134 ALA A C     1 
ATOM   1011 O  O     . ALA A 1 134 ? -4.457  25.108  21.684  1.00 34.46 ? 134 ALA A O     1 
ATOM   1012 C  CB    . ALA A 1 134 ? -3.975  22.934  19.202  1.00 34.13 ? 134 ALA A CB    1 
ATOM   1013 N  N     . LEU A 1 135 ? -3.940  23.008  22.318  1.00 34.82 ? 135 LEU A N     1 
ATOM   1014 C  CA    . LEU A 1 135 ? -4.626  23.097  23.605  1.00 35.10 ? 135 LEU A CA    1 
ATOM   1015 C  C     . LEU A 1 135 ? -4.026  24.179  24.497  1.00 35.39 ? 135 LEU A C     1 
ATOM   1016 O  O     . LEU A 1 135 ? -4.744  24.859  25.233  1.00 35.46 ? 135 LEU A O     1 
ATOM   1017 C  CB    . LEU A 1 135 ? -4.597  21.748  24.329  1.00 35.06 ? 135 LEU A CB    1 
ATOM   1018 C  CG    . LEU A 1 135 ? -5.616  20.699  23.879  1.00 35.64 ? 135 LEU A CG    1 
ATOM   1019 C  CD1   . LEU A 1 135 ? -5.322  19.350  24.523  1.00 35.30 ? 135 LEU A CD1   1 
ATOM   1020 C  CD2   . LEU A 1 135 ? -7.031  21.159  24.206  1.00 36.24 ? 135 LEU A CD2   1 
ATOM   1021 N  N     . ARG A 1 136 ? -2.708  24.332  24.431  1.00 35.59 ? 136 ARG A N     1 
ATOM   1022 C  CA    . ARG A 1 136 ? -2.020  25.354  25.207  1.00 35.97 ? 136 ARG A CA    1 
ATOM   1023 C  C     . ARG A 1 136 ? -2.364  26.742  24.679  1.00 36.57 ? 136 ARG A C     1 
ATOM   1024 O  O     . ARG A 1 136 ? -2.526  27.686  25.449  1.00 36.84 ? 136 ARG A O     1 
ATOM   1025 C  CB    . ARG A 1 136 ? -0.509  25.119  25.178  1.00 36.06 ? 136 ARG A CB    1 
ATOM   1026 C  CG    . ARG A 1 136 ? 0.274   25.925  26.202  1.00 35.15 ? 136 ARG A CG    1 
ATOM   1027 C  CD    . ARG A 1 136 ? 1.129   26.997  25.551  1.00 33.24 ? 136 ARG A CD    1 
ATOM   1028 N  NE    . ARG A 1 136 ? 2.100   26.428  24.620  1.00 32.32 ? 136 ARG A NE    1 
ATOM   1029 C  CZ    . ARG A 1 136 ? 3.350   26.864  24.482  1.00 32.24 ? 136 ARG A CZ    1 
ATOM   1030 N  NH1   . ARG A 1 136 ? 3.793   27.863  25.230  1.00 32.76 ? 136 ARG A NH1   1 
ATOM   1031 N  NH2   . ARG A 1 136 ? 4.163   26.289  23.607  1.00 32.80 ? 136 ARG A NH2   1 
ATOM   1032 N  N     . ALA A 1 137 ? -2.482  26.857  23.360  1.00 37.25 ? 137 ALA A N     1 
ATOM   1033 C  CA    . ALA A 1 137 ? -2.884  28.110  22.736  1.00 37.63 ? 137 ALA A CA    1 
ATOM   1034 C  C     . ALA A 1 137 ? -4.337  28.427  23.076  1.00 37.98 ? 137 ALA A C     1 
ATOM   1035 O  O     . ALA A 1 137 ? -4.716  29.590  23.202  1.00 37.93 ? 137 ALA A O     1 
ATOM   1036 C  CB    . ALA A 1 137 ? -2.691  28.039  21.229  1.00 37.54 ? 137 ALA A CB    1 
ATOM   1037 N  N     . ALA A 1 138 ? -5.145  27.381  23.226  1.00 38.57 ? 138 ALA A N     1 
ATOM   1038 C  CA    . ALA A 1 138 ? -6.545  27.540  23.602  1.00 39.25 ? 138 ALA A CA    1 
ATOM   1039 C  C     . ALA A 1 138 ? -6.667  28.040  25.038  1.00 40.06 ? 138 ALA A C     1 
ATOM   1040 O  O     . ALA A 1 138 ? -7.464  28.935  25.325  1.00 40.21 ? 138 ALA A O     1 
ATOM   1041 C  CB    . ALA A 1 138 ? -7.297  26.228  23.427  1.00 38.94 ? 138 ALA A CB    1 
ATOM   1042 N  N     . LEU A 1 139 ? -5.873  27.458  25.933  1.00 40.73 ? 139 LEU A N     1 
ATOM   1043 C  CA    . LEU A 1 139 ? -5.859  27.872  27.334  1.00 41.29 ? 139 LEU A CA    1 
ATOM   1044 C  C     . LEU A 1 139 ? -5.299  29.281  27.498  1.00 41.58 ? 139 LEU A C     1 
ATOM   1045 O  O     . LEU A 1 139 ? -5.902  30.119  28.167  1.00 41.70 ? 139 LEU A O     1 
ATOM   1046 C  CB    . LEU A 1 139 ? -5.062  26.880  28.186  1.00 41.35 ? 139 LEU A CB    1 
ATOM   1047 C  CG    . LEU A 1 139 ? -5.773  25.571  28.536  1.00 42.99 ? 139 LEU A CG    1 
ATOM   1048 C  CD1   . LEU A 1 139 ? -4.784  24.540  29.060  1.00 42.89 ? 139 LEU A CD1   1 
ATOM   1049 C  CD2   . LEU A 1 139 ? -6.891  25.815  29.545  1.00 43.13 ? 139 LEU A CD2   1 
ATOM   1050 N  N     . LEU A 1 140 ? -4.147  29.540  26.886  1.00 41.95 ? 140 LEU A N     1 
ATOM   1051 C  CA    . LEU A 1 140 ? -3.547  30.869  26.936  1.00 42.60 ? 140 LEU A CA    1 
ATOM   1052 C  C     . LEU A 1 140 ? -4.567  31.935  26.560  1.00 43.63 ? 140 LEU A C     1 
ATOM   1053 O  O     . LEU A 1 140 ? -4.571  33.029  27.125  1.00 43.97 ? 140 LEU A O     1 
ATOM   1054 C  CB    . LEU A 1 140 ? -2.333  30.959  26.009  1.00 42.26 ? 140 LEU A CB    1 
ATOM   1055 C  CG    . LEU A 1 140 ? -1.029  30.346  26.521  1.00 41.74 ? 140 LEU A CG    1 
ATOM   1056 C  CD1   . LEU A 1 140 ? 0.105   30.606  25.542  1.00 38.88 ? 140 LEU A CD1   1 
ATOM   1057 C  CD2   . LEU A 1 140 ? -0.687  30.893  27.898  1.00 41.88 ? 140 LEU A CD2   1 
ATOM   1058 N  N     . GLY A 1 141 ? -5.432  31.607  25.605  1.00 44.46 ? 141 GLY A N     1 
ATOM   1059 C  CA    . GLY A 1 141 ? -6.474  32.522  25.158  1.00 45.11 ? 141 GLY A CA    1 
ATOM   1060 C  C     . GLY A 1 141 ? -7.474  32.846  26.252  1.00 45.79 ? 141 GLY A C     1 
ATOM   1061 O  O     . GLY A 1 141 ? -7.864  34.000  26.421  1.00 46.10 ? 141 GLY A O     1 
ATOM   1062 N  N     . ARG A 1 142 ? -7.888  31.826  26.997  1.00 46.30 ? 142 ARG A N     1 
ATOM   1063 C  CA    . ARG A 1 142 ? -8.835  32.012  28.094  1.00 47.09 ? 142 ARG A CA    1 
ATOM   1064 C  C     . ARG A 1 142 ? -8.130  32.436  29.382  1.00 47.84 ? 142 ARG A C     1 
ATOM   1065 O  O     . ARG A 1 142 ? -8.528  32.037  30.476  1.00 48.07 ? 142 ARG A O     1 
ATOM   1066 C  CB    . ARG A 1 142 ? -9.644  30.734  28.335  1.00 46.90 ? 142 ARG A CB    1 
ATOM   1067 C  CG    . ARG A 1 142 ? -10.638 30.408  27.232  1.00 47.63 ? 142 ARG A CG    1 
ATOM   1068 N  N     . LEU A 1 143 ? -7.085  33.247  29.246  1.00 48.47 ? 143 LEU A N     1 
ATOM   1069 C  CA    . LEU A 1 143 ? -6.326  33.720  30.399  1.00 49.01 ? 143 LEU A CA    1 
ATOM   1070 C  C     . LEU A 1 143 ? -7.107  34.766  31.189  1.00 49.42 ? 143 LEU A C     1 
ATOM   1071 O  O     . LEU A 1 143 ? -7.383  35.858  30.690  1.00 49.90 ? 143 LEU A O     1 
ATOM   1072 C  CB    . LEU A 1 143 ? -4.978  34.295  29.957  1.00 49.02 ? 143 LEU A CB    1 
HETATM 1073 N  N1    . GSH B 2 .   ? -10.545 0.399   -8.333  1.00 32.33 ? 201 GSH A N1    1 
HETATM 1074 C  CA1   . GSH B 2 .   ? -11.189 -0.475  -7.341  1.00 33.13 ? 201 GSH A CA1   1 
HETATM 1075 C  C1    . GSH B 2 .   ? -12.443 -1.101  -7.970  1.00 34.49 ? 201 GSH A C1    1 
HETATM 1076 O  O11   . GSH B 2 .   ? -12.881 -0.562  -9.009  1.00 35.22 ? 201 GSH A O11   1 
HETATM 1077 O  O12   . GSH B 2 .   ? -12.920 -2.117  -7.417  1.00 35.31 ? 201 GSH A O12   1 
HETATM 1078 C  CB1   . GSH B 2 .   ? -11.540 0.354   -6.098  1.00 30.11 ? 201 GSH A CB1   1 
HETATM 1079 C  CG1   . GSH B 2 .   ? -12.324 -0.452  -5.060  1.00 29.21 ? 201 GSH A CG1   1 
HETATM 1080 C  CD1   . GSH B 2 .   ? -11.539 -1.665  -4.550  1.00 29.60 ? 201 GSH A CD1   1 
HETATM 1081 O  OE1   . GSH B 2 .   ? -10.375 -1.557  -4.168  1.00 30.63 ? 201 GSH A OE1   1 
HETATM 1082 N  N2    . GSH B 2 .   ? -12.219 -2.809  -4.558  1.00 30.74 ? 201 GSH A N2    1 
HETATM 1083 C  CA2   . GSH B 2 .   ? -11.656 -4.085  -4.085  1.00 30.43 ? 201 GSH A CA2   1 
HETATM 1084 C  C2    . GSH B 2 .   ? -11.097 -4.920  -5.242  1.00 29.27 ? 201 GSH A C2    1 
HETATM 1085 O  O2    . GSH B 2 .   ? -10.308 -5.836  -5.026  1.00 28.80 ? 201 GSH A O2    1 
HETATM 1086 C  CB2   . GSH B 2 .   ? -12.771 -4.881  -3.402  1.00 32.62 ? 201 GSH A CB2   1 
HETATM 1087 S  SG2   . GSH B 2 .   ? -14.337 -4.881  -4.355  1.00 36.08 ? 201 GSH A SG2   1 
HETATM 1088 N  N3    . GSH B 2 .   ? -11.532 -4.603  -6.457  1.00 29.21 ? 201 GSH A N3    1 
HETATM 1089 C  CA3   . GSH B 2 .   ? -11.083 -5.350  -7.643  1.00 30.40 ? 201 GSH A CA3   1 
HETATM 1090 C  C3    . GSH B 2 .   ? -10.433 -4.417  -8.667  1.00 30.79 ? 201 GSH A C3    1 
HETATM 1091 O  O31   . GSH B 2 .   ? -10.237 -3.231  -8.323  1.00 31.08 ? 201 GSH A O31   1 
HETATM 1092 O  O32   . GSH B 2 .   ? -10.142 -4.915  -9.776  1.00 31.04 ? 201 GSH A O32   1 
HETATM 1093 S  S     . SO4 C 3 .   ? -14.321 -16.191 -9.239  0.50 33.84 ? 202 SO4 A S     1 
HETATM 1094 O  O1    . SO4 C 3 .   ? -13.469 -15.302 -10.044 0.50 33.95 ? 202 SO4 A O1    1 
HETATM 1095 O  O2    . SO4 C 3 .   ? -14.571 -15.576 -7.925  0.50 33.51 ? 202 SO4 A O2    1 
HETATM 1096 O  O3    . SO4 C 3 .   ? -13.643 -17.482 -9.056  0.50 32.73 ? 202 SO4 A O3    1 
HETATM 1097 O  O4    . SO4 C 3 .   ? -15.603 -16.401 -9.933  0.50 33.53 ? 202 SO4 A O4    1 
HETATM 1098 C  C6    . LSM D 4 .   ? 12.856  12.500  2.313   1.00 41.61 ? 203 LSM A C6    1 
HETATM 1099 C  C7    . LSM D 4 .   ? 12.494  11.261  1.488   1.00 41.38 ? 203 LSM A C7    1 
HETATM 1100 C  C8    . LSM D 4 .   ? 11.161  11.447  0.758   1.00 40.91 ? 203 LSM A C8    1 
HETATM 1101 C  C9    . LSM D 4 .   ? 10.612  10.098  0.284   1.00 40.66 ? 203 LSM A C9    1 
HETATM 1102 C  C10   . LSM D 4 .   ? 9.716   10.262  -0.949  1.00 39.49 ? 203 LSM A C10   1 
HETATM 1103 C  C11   . LSM D 4 .   ? 9.154   8.908   -1.397  1.00 38.75 ? 203 LSM A C11   1 
HETATM 1104 C  C12   . LSM D 4 .   ? 7.797   9.072   -2.085  1.00 37.35 ? 203 LSM A C12   1 
HETATM 1105 SE SE    . LSM E 4 .   ? 11.698  -2.113  15.152  1.00 94.54 ? 207 LSM A SE    1 
HETATM 1106 C  C1    . LSM E 4 .   ? 11.135  -3.009  13.507  1.00 87.99 ? 207 LSM A C1    1 
HETATM 1107 C  C2    . LSM E 4 .   ? 12.254  -2.986  12.461  1.00 83.73 ? 207 LSM A C2    1 
HETATM 1108 C  C3    . LSM E 4 .   ? 11.779  -3.595  11.137  1.00 78.95 ? 207 LSM A C3    1 
HETATM 1109 C  C4    . LSM E 4 .   ? 12.773  -3.314  10.008  1.00 74.89 ? 207 LSM A C4    1 
HETATM 1110 C  C5    . LSM E 4 .   ? 12.122  -3.511  8.637   1.00 71.16 ? 207 LSM A C5    1 
HETATM 1111 C  C6    . LSM E 4 .   ? 13.179  -3.656  7.539   1.00 68.62 ? 207 LSM A C6    1 
HETATM 1112 C  C7    . LSM E 4 .   ? 12.527  -3.801  6.160   1.00 66.35 ? 207 LSM A C7    1 
HETATM 1113 C  C8    . LSM E 4 .   ? 13.580  -4.012  5.068   1.00 65.38 ? 207 LSM A C8    1 
HETATM 1114 C  C9    . LSM E 4 .   ? 13.208  -5.189  4.159   1.00 65.11 ? 207 LSM A C9    1 
HETATM 1115 C  "C1'" . LSM E 4 .   ? 10.112  -2.449  16.242  1.00 91.82 ? 207 LSM A "C1'" 1 
HETATM 1116 C  C10   . LSM E 4 .   ? 13.583  -4.911  2.700   1.00 63.11 ? 207 LSM A C10   1 
HETATM 1117 C  C1    . LSM F 4 .   ? 16.671  -2.995  13.228  1.00 61.04 ? 208 LSM A C1    1 
HETATM 1118 C  C2    . LSM F 4 .   ? 17.816  -3.120  12.218  1.00 60.35 ? 208 LSM A C2    1 
HETATM 1119 C  C3    . LSM F 4 .   ? 17.449  -4.081  11.081  1.00 58.74 ? 208 LSM A C3    1 
HETATM 1120 C  C4    . LSM F 4 .   ? 18.160  -3.688  9.780   1.00 56.83 ? 208 LSM A C4    1 
HETATM 1121 C  C5    . LSM F 4 .   ? 17.607  -4.478  8.589   1.00 55.72 ? 208 LSM A C5    1 
HETATM 1122 C  C6    . LSM F 4 .   ? 17.313  -3.554  7.401   1.00 53.74 ? 208 LSM A C6    1 
HETATM 1123 C  C7    . LSM F 4 .   ? 17.411  -4.313  6.074   1.00 50.77 ? 208 LSM A C7    1 
HETATM 1124 C  C8    . LSM F 4 .   ? 17.648  -3.354  4.902   1.00 48.31 ? 208 LSM A C8    1 
HETATM 1125 C  C9    . LSM F 4 .   ? 18.155  -4.108  3.668   1.00 46.64 ? 208 LSM A C9    1 
HETATM 1126 C  C10   . LSM F 4 .   ? 17.898  -3.310  2.385   1.00 45.37 ? 208 LSM A C10   1 
HETATM 1127 C  C11   . LSM F 4 .   ? 18.972  -3.620  1.330   1.00 45.68 ? 208 LSM A C11   1 
HETATM 1128 C  C12   . LSM F 4 .   ? 18.539  -3.104  -0.051  1.00 45.55 ? 208 LSM A C12   1 
HETATM 1129 SE SE    . LSM G 4 .   ? 6.518   10.127  20.472  1.00 68.53 ? 209 LSM A SE    1 
HETATM 1130 C  C1    . LSM G 4 .   ? 5.380   11.320  19.430  1.00 63.55 ? 209 LSM A C1    1 
HETATM 1131 C  C2    . LSM G 4 .   ? 4.381   10.475  18.634  1.00 58.89 ? 209 LSM A C2    1 
HETATM 1132 C  C3    . LSM G 4 .   ? 3.750   9.393   19.514  1.00 54.20 ? 209 LSM A C3    1 
HETATM 1133 C  C4    . LSM G 4 .   ? 2.252   9.256   19.229  1.00 51.74 ? 209 LSM A C4    1 
HETATM 1134 C  C5    . LSM G 4 .   ? 1.481   8.871   20.493  1.00 49.35 ? 209 LSM A C5    1 
HETATM 1135 C  C6    . LSM G 4 .   ? -0.002  9.230   20.361  1.00 48.26 ? 209 LSM A C6    1 
HETATM 1136 C  C7    . LSM G 4 .   ? -0.480  10.046  21.566  1.00 48.91 ? 209 LSM A C7    1 
HETATM 1137 C  C8    . LSM G 4 .   ? -1.747  10.843  21.231  1.00 48.84 ? 209 LSM A C8    1 
HETATM 1138 C  C9    . LSM G 4 .   ? -1.808  12.149  22.029  1.00 46.62 ? 209 LSM A C9    1 
HETATM 1139 C  "C1'" . LSM G 4 .   ? 7.412   11.438  21.619  1.00 70.39 ? 209 LSM A "C1'" 1 
HETATM 1140 C  C1B   . LSM G 4 .   ? 8.789   16.257  22.862  1.00 76.55 ? 209 LSM A C1B   1 
HETATM 1141 O  O1B   . LSM G 4 .   ? 8.386   15.033  23.496  1.00 74.67 ? 209 LSM A O1B   1 
HETATM 1142 C  "C2'" . LSM G 4 .   ? 8.287   12.375  20.775  1.00 71.10 ? 209 LSM A "C2'" 1 
HETATM 1143 O  "O2'" . LSM G 4 .   ? 9.383   11.634  20.228  1.00 69.85 ? 209 LSM A "O2'" 1 
HETATM 1144 C  C2B   . LSM G 4 .   ? 10.159  16.699  23.400  1.00 78.02 ? 209 LSM A C2B   1 
HETATM 1145 O  O2B   . LSM G 4 .   ? 11.071  15.596  23.357  1.00 77.70 ? 209 LSM A O2B   1 
HETATM 1146 C  "C3'" . LSM G 4 .   ? 8.839   13.549  21.598  1.00 72.08 ? 209 LSM A "C3'" 1 
HETATM 1147 O  "O3'" . LSM G 4 .   ? 9.322   14.558  20.705  1.00 71.52 ? 209 LSM A "O3'" 1 
HETATM 1148 C  C3B   . LSM G 4 .   ? 10.056  17.220  24.836  1.00 79.21 ? 209 LSM A C3B   1 
HETATM 1149 O  O3B   . LSM G 4 .   ? 11.282  17.857  25.204  1.00 80.02 ? 209 LSM A O3B   1 
HETATM 1150 C  "C4'" . LSM G 4 .   ? 7.780   14.151  22.532  1.00 72.75 ? 209 LSM A "C4'" 1 
HETATM 1151 O  O4B   . LSM G 4 .   ? 8.743   18.583  26.346  1.00 81.38 ? 209 LSM A O4B   1 
HETATM 1152 C  C4B   . LSM G 4 .   ? 8.900   18.213  24.973  1.00 79.83 ? 209 LSM A C4B   1 
HETATM 1153 C  "C5'" . LSM G 4 .   ? 7.067   13.044  23.291  1.00 71.78 ? 209 LSM A "C5'" 1 
HETATM 1154 O  "O5'" . LSM G 4 .   ? 6.418   12.183  22.347  1.00 71.54 ? 209 LSM A "O5'" 1 
HETATM 1155 C  C5B   . LSM G 4 .   ? 7.604   17.595  24.445  1.00 78.88 ? 209 LSM A C5B   1 
HETATM 1156 O  O5B   . LSM G 4 .   ? 7.786   17.278  23.058  1.00 77.56 ? 209 LSM A O5B   1 
HETATM 1157 C  "C6'" . LSM G 4 .   ? 6.030   13.654  24.237  1.00 71.52 ? 209 LSM A "C6'" 1 
HETATM 1158 O  "O6'" . LSM G 4 .   ? 5.683   12.701  25.245  1.00 70.58 ? 209 LSM A "O6'" 1 
HETATM 1159 C  C6B   . LSM G 4 .   ? 6.444   18.586  24.580  1.00 79.14 ? 209 LSM A C6B   1 
HETATM 1160 O  O6B   . LSM G 4 .   ? 5.724   18.322  25.792  1.00 80.12 ? 209 LSM A O6B   1 
HETATM 1161 SE SE    . LSM H 4 .   ? -14.790 -5.804  -0.062  0.50 58.95 ? 210 LSM A SE    1 
HETATM 1162 C  C1    . LSM H 4 .   ? -15.200 -5.398  1.808   1.00 60.52 ? 210 LSM A C1    1 
HETATM 1163 C  C2    . LSM H 4 .   ? -14.425 -4.166  2.294   1.00 59.01 ? 210 LSM A C2    1 
HETATM 1164 C  C3    . LSM H 4 .   ? -12.919 -4.330  2.046   1.00 56.67 ? 210 LSM A C3    1 
HETATM 1165 C  C4    . LSM H 4 .   ? -12.177 -3.026  2.369   1.00 54.94 ? 210 LSM A C4    1 
HETATM 1166 C  C5    . LSM H 4 .   ? -10.796 -3.009  1.705   1.00 54.16 ? 210 LSM A C5    1 
HETATM 1167 C  C6    . LSM H 4 .   ? -10.733 -1.970  0.578   1.00 53.01 ? 210 LSM A C6    1 
HETATM 1168 C  C7    . LSM H 4 .   ? -10.841 -0.545  1.125   1.00 51.39 ? 210 LSM A C7    1 
HETATM 1169 C  C8    . LSM H 4 .   ? -9.583  -0.157  1.904   1.00 50.74 ? 210 LSM A C8    1 
HETATM 1170 C  C9    . LSM H 4 .   ? -9.631  1.315   2.320   1.00 50.80 ? 210 LSM A C9    1 
HETATM 1171 C  "C1'" . LSM H 4 .   ? -16.402 -6.808  -0.507  1.00 62.11 ? 210 LSM A "C1'" 1 
HETATM 1172 O  O1B   . LSM H 4 .   ? -18.451 -10.338 -1.651  1.00 62.87 ? 210 LSM A O1B   1 
HETATM 1173 C  "C2'" . LSM H 4 .   ? -16.394 -7.162  -2.003  1.00 62.99 ? 210 LSM A "C2'" 1 
HETATM 1174 O  "O2'" . LSM H 4 .   ? -16.656 -5.982  -2.771  1.00 60.71 ? 210 LSM A "O2'" 1 
HETATM 1175 C  "C3'" . LSM H 4 .   ? -17.438 -8.237  -2.349  1.00 64.15 ? 210 LSM A "C3'" 1 
HETATM 1176 O  "O3'" . LSM H 4 .   ? -17.187 -8.750  -3.664  1.00 63.97 ? 210 LSM A "O3'" 1 
HETATM 1177 C  "C4'" . LSM H 4 .   ? -17.410 -9.391  -1.340  1.00 64.79 ? 210 LSM A "C4'" 1 
HETATM 1178 C  "C5'" . LSM H 4 .   ? -17.580 -8.788  0.056   1.00 65.45 ? 210 LSM A "C5'" 1 
HETATM 1179 O  "O5'" . LSM H 4 .   ? -16.422 -7.979  0.334   1.00 63.49 ? 210 LSM A "O5'" 1 
HETATM 1180 C  "C6'" . LSM H 4 .   ? -17.722 -9.850  1.164   1.00 66.37 ? 210 LSM A "C6'" 1 
HETATM 1181 O  "O6'" . LSM H 4 .   ? -17.673 -11.165 0.594   1.00 68.57 ? 210 LSM A "O6'" 1 
HETATM 1182 C  C10   . LSM H 4 .   ? -8.263  1.982   2.144   1.00 51.03 ? 210 LSM A C10   1 
HETATM 1183 C  C11   . LSM H 4 .   ? -7.404  1.822   3.402   1.00 50.06 ? 210 LSM A C11   1 
HETATM 1184 C  C12   . LSM H 4 .   ? -7.081  3.181   4.024   1.00 49.48 ? 210 LSM A C12   1 
HETATM 1185 O  O     . HOH I 5 .   ? 0.936   -1.909  -3.252  1.00 21.88 ? 204 HOH A O     1 
HETATM 1186 O  O     . HOH I 5 .   ? -3.666  -0.071  -16.635 1.00 38.58 ? 205 HOH A O     1 
HETATM 1187 O  O     . HOH I 5 .   ? -1.959  5.743   -9.621  0.33 12.05 ? 206 HOH A O     1 
# 
